data_5D75
# 
_entry.id   5D75 
# 
_audit_conform.dict_name       mmcif_pdbx.dic 
_audit_conform.dict_version    5.380 
_audit_conform.dict_location   http://mmcif.pdb.org/dictionaries/ascii/mmcif_pdbx.dic 
# 
loop_
_database_2.database_id 
_database_2.database_code 
_database_2.pdbx_database_accession 
_database_2.pdbx_DOI 
PDB   5D75         pdb_00005d75 10.2210/pdb5d75/pdb 
WWPDB D_1000212776 ?            ?                   
# 
_pdbx_database_status.status_code                     REL 
_pdbx_database_status.status_code_sf                  REL 
_pdbx_database_status.status_code_mr                  ? 
_pdbx_database_status.entry_id                        5D75 
_pdbx_database_status.recvd_initial_deposition_date   2015-08-13 
_pdbx_database_status.SG_entry                        N 
_pdbx_database_status.deposit_site                    RCSB 
_pdbx_database_status.process_site                    PDBJ 
_pdbx_database_status.status_code_cs                  ? 
_pdbx_database_status.methods_development_category    ? 
_pdbx_database_status.pdb_format_compatible           Y 
_pdbx_database_status.status_code_nmr_data            ? 
# 
loop_
_audit_author.name 
_audit_author.pdbx_ordinal 
'Rajan, S.'   1 
'Prakash, A.' 2 
'Yoon, H.S.'  3 
# 
_citation.abstract                  ? 
_citation.abstract_id_CAS           ? 
_citation.book_id_ISBN              ? 
_citation.book_publisher            ? 
_citation.book_publisher_city       ? 
_citation.book_title                ? 
_citation.coordinate_linkage        ? 
_citation.country                   US 
_citation.database_id_Medline       ? 
_citation.details                   ? 
_citation.id                        primary 
_citation.journal_abbrev            'Protein Sci.' 
_citation.journal_id_ASTM           PRCIEI 
_citation.journal_id_CSD            0795 
_citation.journal_id_ISSN           1469-896X 
_citation.journal_full              ? 
_citation.journal_issue             ? 
_citation.journal_volume            25 
_citation.language                  ? 
_citation.page_first                905 
_citation.page_last                 910 
_citation.title                     'Crystal structure of the FK506 binding domain of human FKBP25 in complex with FK506.' 
_citation.year                      2016 
_citation.database_id_CSD           ? 
_citation.pdbx_database_id_DOI      10.1002/pro.2875 
_citation.pdbx_database_id_PubMed   26749369 
_citation.unpublished_flag          ? 
# 
loop_
_citation_author.citation_id 
_citation_author.name 
_citation_author.ordinal 
_citation_author.identifier_ORCID 
primary 'Prakash, A.' 1 ? 
primary 'Rajan, S.'   2 ? 
primary 'Yoon, H.S.'  3 ? 
# 
_cell.angle_alpha                  90.00 
_cell.angle_alpha_esd              ? 
_cell.angle_beta                   90.00 
_cell.angle_beta_esd               ? 
_cell.angle_gamma                  120.00 
_cell.angle_gamma_esd              ? 
_cell.entry_id                     5D75 
_cell.details                      ? 
_cell.formula_units_Z              ? 
_cell.length_a                     74.784 
_cell.length_a_esd                 ? 
_cell.length_b                     74.784 
_cell.length_b_esd                 ? 
_cell.length_c                     44.618 
_cell.length_c_esd                 ? 
_cell.volume                       ? 
_cell.volume_esd                   ? 
_cell.Z_PDB                        6 
_cell.reciprocal_angle_alpha       ? 
_cell.reciprocal_angle_beta        ? 
_cell.reciprocal_angle_gamma       ? 
_cell.reciprocal_angle_alpha_esd   ? 
_cell.reciprocal_angle_beta_esd    ? 
_cell.reciprocal_angle_gamma_esd   ? 
_cell.reciprocal_length_a          ? 
_cell.reciprocal_length_b          ? 
_cell.reciprocal_length_c          ? 
_cell.reciprocal_length_a_esd      ? 
_cell.reciprocal_length_b_esd      ? 
_cell.reciprocal_length_c_esd      ? 
_cell.pdbx_unique_axis             ? 
# 
_symmetry.entry_id                         5D75 
_symmetry.cell_setting                     ? 
_symmetry.Int_Tables_number                154 
_symmetry.space_group_name_Hall            ? 
_symmetry.space_group_name_H-M             'P 32 2 1' 
_symmetry.pdbx_full_space_group_name_H-M   ? 
# 
loop_
_entity.id 
_entity.type 
_entity.src_method 
_entity.pdbx_description 
_entity.formula_weight 
_entity.pdbx_number_of_molecules 
_entity.pdbx_ec 
_entity.pdbx_mutation 
_entity.pdbx_fragment 
_entity.details 
1 polymer     man 'Peptidyl-prolyl cis-trans isomerase FKBP3'                         14031.117 1   5.2.1.8 ? 
'UNP RESIDUES 109-224' ? 
2 non-polymer syn '8-DEETHYL-8-[BUT-3-ENYL]-ASCOMYCIN'                                804.018   1   ?       ? ? ? 
3 non-polymer syn 
;O-(O-(2-AMINOPROPYL)-O'-(2-METHOXYETHYL)POLYPROPYLENE GLYCOL 500)
;
597.822   2   ?       ? ?                      ? 
4 water       nat water                                                               18.015    106 ?       ? ? ? 
# 
_entity_name_com.entity_id   1 
_entity_name_com.name        
;PPIase FKBP3,25 kDa FK506-binding protein,FKBP-25,FK506-binding protein 3,FKBP-3,Immunophilin FKBP25,Rapamycin-selective 25 kDa immunophilin,Rotamase
;
# 
_entity_poly.entity_id                      1 
_entity_poly.type                           'polypeptide(L)' 
_entity_poly.nstd_linkage                   no 
_entity_poly.nstd_monomer                   no 
_entity_poly.pdbx_seq_one_letter_code       
;PKYTKSVLKKGDKTNFPKKGDVVHCWYTGTLQDGTVFDTNIQTSAKKKKNAKPLSFKVGVGKVIRGWDEALLTMSKGEKA
RLEIEPEWAYGKKGQPDAKIPPNAKLTFEVELVDIDLEHHHHHH
;
_entity_poly.pdbx_seq_one_letter_code_can   
;PKYTKSVLKKGDKTNFPKKGDVVHCWYTGTLQDGTVFDTNIQTSAKKKKNAKPLSFKVGVGKVIRGWDEALLTMSKGEKA
RLEIEPEWAYGKKGQPDAKIPPNAKLTFEVELVDIDLEHHHHHH
;
_entity_poly.pdbx_strand_id                 A 
_entity_poly.pdbx_target_identifier         ? 
# 
loop_
_entity_poly_seq.entity_id 
_entity_poly_seq.num 
_entity_poly_seq.mon_id 
_entity_poly_seq.hetero 
1 1   PRO n 
1 2   LYS n 
1 3   TYR n 
1 4   THR n 
1 5   LYS n 
1 6   SER n 
1 7   VAL n 
1 8   LEU n 
1 9   LYS n 
1 10  LYS n 
1 11  GLY n 
1 12  ASP n 
1 13  LYS n 
1 14  THR n 
1 15  ASN n 
1 16  PHE n 
1 17  PRO n 
1 18  LYS n 
1 19  LYS n 
1 20  GLY n 
1 21  ASP n 
1 22  VAL n 
1 23  VAL n 
1 24  HIS n 
1 25  CYS n 
1 26  TRP n 
1 27  TYR n 
1 28  THR n 
1 29  GLY n 
1 30  THR n 
1 31  LEU n 
1 32  GLN n 
1 33  ASP n 
1 34  GLY n 
1 35  THR n 
1 36  VAL n 
1 37  PHE n 
1 38  ASP n 
1 39  THR n 
1 40  ASN n 
1 41  ILE n 
1 42  GLN n 
1 43  THR n 
1 44  SER n 
1 45  ALA n 
1 46  LYS n 
1 47  LYS n 
1 48  LYS n 
1 49  LYS n 
1 50  ASN n 
1 51  ALA n 
1 52  LYS n 
1 53  PRO n 
1 54  LEU n 
1 55  SER n 
1 56  PHE n 
1 57  LYS n 
1 58  VAL n 
1 59  GLY n 
1 60  VAL n 
1 61  GLY n 
1 62  LYS n 
1 63  VAL n 
1 64  ILE n 
1 65  ARG n 
1 66  GLY n 
1 67  TRP n 
1 68  ASP n 
1 69  GLU n 
1 70  ALA n 
1 71  LEU n 
1 72  LEU n 
1 73  THR n 
1 74  MET n 
1 75  SER n 
1 76  LYS n 
1 77  GLY n 
1 78  GLU n 
1 79  LYS n 
1 80  ALA n 
1 81  ARG n 
1 82  LEU n 
1 83  GLU n 
1 84  ILE n 
1 85  GLU n 
1 86  PRO n 
1 87  GLU n 
1 88  TRP n 
1 89  ALA n 
1 90  TYR n 
1 91  GLY n 
1 92  LYS n 
1 93  LYS n 
1 94  GLY n 
1 95  GLN n 
1 96  PRO n 
1 97  ASP n 
1 98  ALA n 
1 99  LYS n 
1 100 ILE n 
1 101 PRO n 
1 102 PRO n 
1 103 ASN n 
1 104 ALA n 
1 105 LYS n 
1 106 LEU n 
1 107 THR n 
1 108 PHE n 
1 109 GLU n 
1 110 VAL n 
1 111 GLU n 
1 112 LEU n 
1 113 VAL n 
1 114 ASP n 
1 115 ILE n 
1 116 ASP n 
1 117 LEU n 
1 118 GLU n 
1 119 HIS n 
1 120 HIS n 
1 121 HIS n 
1 122 HIS n 
1 123 HIS n 
1 124 HIS n 
# 
_entity_src_gen.entity_id                          1 
_entity_src_gen.pdbx_src_id                        1 
_entity_src_gen.pdbx_alt_source_flag               sample 
_entity_src_gen.pdbx_seq_type                      'Biological sequence' 
_entity_src_gen.pdbx_beg_seq_num                   1 
_entity_src_gen.pdbx_end_seq_num                   124 
_entity_src_gen.gene_src_common_name               Human 
_entity_src_gen.gene_src_genus                     ? 
_entity_src_gen.pdbx_gene_src_gene                 'FKBP3, FKBP25' 
_entity_src_gen.gene_src_species                   ? 
_entity_src_gen.gene_src_strain                    ? 
_entity_src_gen.gene_src_tissue                    ? 
_entity_src_gen.gene_src_tissue_fraction           ? 
_entity_src_gen.gene_src_details                   ? 
_entity_src_gen.pdbx_gene_src_fragment             ? 
_entity_src_gen.pdbx_gene_src_scientific_name      'Homo sapiens' 
_entity_src_gen.pdbx_gene_src_ncbi_taxonomy_id     9606 
_entity_src_gen.pdbx_gene_src_variant              ? 
_entity_src_gen.pdbx_gene_src_cell_line            ? 
_entity_src_gen.pdbx_gene_src_atcc                 ? 
_entity_src_gen.pdbx_gene_src_organ                ? 
_entity_src_gen.pdbx_gene_src_organelle            ? 
_entity_src_gen.pdbx_gene_src_cell                 ? 
_entity_src_gen.pdbx_gene_src_cellular_location    ? 
_entity_src_gen.host_org_common_name               ? 
_entity_src_gen.pdbx_host_org_scientific_name      'Escherichia coli' 
_entity_src_gen.pdbx_host_org_ncbi_taxonomy_id     511693 
_entity_src_gen.host_org_genus                     ? 
_entity_src_gen.pdbx_host_org_gene                 ? 
_entity_src_gen.pdbx_host_org_organ                ? 
_entity_src_gen.host_org_species                   ? 
_entity_src_gen.pdbx_host_org_tissue               ? 
_entity_src_gen.pdbx_host_org_tissue_fraction      ? 
_entity_src_gen.pdbx_host_org_strain               BL21 
_entity_src_gen.pdbx_host_org_variant              ? 
_entity_src_gen.pdbx_host_org_cell_line            ? 
_entity_src_gen.pdbx_host_org_atcc                 ? 
_entity_src_gen.pdbx_host_org_culture_collection   ? 
_entity_src_gen.pdbx_host_org_cell                 ? 
_entity_src_gen.pdbx_host_org_organelle            ? 
_entity_src_gen.pdbx_host_org_cellular_location    ? 
_entity_src_gen.pdbx_host_org_vector_type          plasmid 
_entity_src_gen.pdbx_host_org_vector               ? 
_entity_src_gen.host_org_details                   ? 
_entity_src_gen.expression_system_id               ? 
_entity_src_gen.plasmid_name                       pET29b 
_entity_src_gen.plasmid_details                    ? 
_entity_src_gen.pdbx_description                   ? 
# 
_struct_ref.id                         1 
_struct_ref.db_name                    UNP 
_struct_ref.db_code                    FKBP3_HUMAN 
_struct_ref.pdbx_db_accession          Q00688 
_struct_ref.pdbx_db_isoform            ? 
_struct_ref.entity_id                  1 
_struct_ref.pdbx_seq_one_letter_code   
;PKYTKSVLKKGDKTNFPKKGDVVHCWYTGTLQDGTVFDTNIQTSAKKKKNAKPLSFKVGVGKVIRGWDEALLTMSKGEKA
RLEIEPEWAYGKKGQPDAKIPPNAKLTFEVELVDID
;
_struct_ref.pdbx_align_begin           109 
# 
_struct_ref_seq.align_id                      1 
_struct_ref_seq.ref_id                        1 
_struct_ref_seq.pdbx_PDB_id_code              5D75 
_struct_ref_seq.pdbx_strand_id                A 
_struct_ref_seq.seq_align_beg                 1 
_struct_ref_seq.pdbx_seq_align_beg_ins_code   ? 
_struct_ref_seq.seq_align_end                 116 
_struct_ref_seq.pdbx_seq_align_end_ins_code   ? 
_struct_ref_seq.pdbx_db_accession             Q00688 
_struct_ref_seq.db_align_beg                  109 
_struct_ref_seq.pdbx_db_align_beg_ins_code    ? 
_struct_ref_seq.db_align_end                  224 
_struct_ref_seq.pdbx_db_align_end_ins_code    ? 
_struct_ref_seq.pdbx_auth_seq_align_beg       109 
_struct_ref_seq.pdbx_auth_seq_align_end       224 
# 
loop_
_struct_ref_seq_dif.align_id 
_struct_ref_seq_dif.pdbx_pdb_id_code 
_struct_ref_seq_dif.mon_id 
_struct_ref_seq_dif.pdbx_pdb_strand_id 
_struct_ref_seq_dif.seq_num 
_struct_ref_seq_dif.pdbx_pdb_ins_code 
_struct_ref_seq_dif.pdbx_seq_db_name 
_struct_ref_seq_dif.pdbx_seq_db_accession_code 
_struct_ref_seq_dif.db_mon_id 
_struct_ref_seq_dif.pdbx_seq_db_seq_num 
_struct_ref_seq_dif.details 
_struct_ref_seq_dif.pdbx_auth_seq_num 
_struct_ref_seq_dif.pdbx_ordinal 
1 5D75 LEU A 117 ? UNP Q00688 ? ? 'expression tag' 225 1 
1 5D75 GLU A 118 ? UNP Q00688 ? ? 'expression tag' 226 2 
1 5D75 HIS A 119 ? UNP Q00688 ? ? 'expression tag' 227 3 
1 5D75 HIS A 120 ? UNP Q00688 ? ? 'expression tag' 228 4 
1 5D75 HIS A 121 ? UNP Q00688 ? ? 'expression tag' 229 5 
1 5D75 HIS A 122 ? UNP Q00688 ? ? 'expression tag' 230 6 
1 5D75 HIS A 123 ? UNP Q00688 ? ? 'expression tag' 231 7 
1 5D75 HIS A 124 ? UNP Q00688 ? ? 'expression tag' 232 8 
# 
loop_
_chem_comp.id 
_chem_comp.type 
_chem_comp.mon_nstd_flag 
_chem_comp.name 
_chem_comp.pdbx_synonyms 
_chem_comp.formula 
_chem_comp.formula_weight 
ALA 'L-peptide linking' y ALANINE                                                             ?         'C3 H7 N O2'     89.093  
ARG 'L-peptide linking' y ARGININE                                                            ?         'C6 H15 N4 O2 1' 175.209 
ASN 'L-peptide linking' y ASPARAGINE                                                          ?         'C4 H8 N2 O3'    132.118 
ASP 'L-peptide linking' y 'ASPARTIC ACID'                                                     ?         'C4 H7 N O4'     133.103 
CYS 'L-peptide linking' y CYSTEINE                                                            ?         'C3 H7 N O2 S'   121.158 
FK5 non-polymer         . '8-DEETHYL-8-[BUT-3-ENYL]-ASCOMYCIN'                                K506      'C44 H69 N O12'  804.018 
GLN 'L-peptide linking' y GLUTAMINE                                                           ?         'C5 H10 N2 O3'   146.144 
GLU 'L-peptide linking' y 'GLUTAMIC ACID'                                                     ?         'C5 H9 N O4'     147.129 
GLY 'peptide linking'   y GLYCINE                                                             ?         'C2 H5 N O2'     75.067  
HIS 'L-peptide linking' y HISTIDINE                                                           ?         'C6 H10 N3 O2 1' 156.162 
HOH non-polymer         . WATER                                                               ?         'H2 O'           18.015  
ILE 'L-peptide linking' y ISOLEUCINE                                                          ?         'C6 H13 N O2'    131.173 
JEF non-polymer         . 
;O-(O-(2-AMINOPROPYL)-O'-(2-METHOXYETHYL)POLYPROPYLENE GLYCOL 500)
;
JEFFAMINE 'C30 H63 N O10'  597.822 
LEU 'L-peptide linking' y LEUCINE                                                             ?         'C6 H13 N O2'    131.173 
LYS 'L-peptide linking' y LYSINE                                                              ?         'C6 H15 N2 O2 1' 147.195 
MET 'L-peptide linking' y METHIONINE                                                          ?         'C5 H11 N O2 S'  149.211 
PHE 'L-peptide linking' y PHENYLALANINE                                                       ?         'C9 H11 N O2'    165.189 
PRO 'L-peptide linking' y PROLINE                                                             ?         'C5 H9 N O2'     115.130 
SER 'L-peptide linking' y SERINE                                                              ?         'C3 H7 N O3'     105.093 
THR 'L-peptide linking' y THREONINE                                                           ?         'C4 H9 N O3'     119.119 
TRP 'L-peptide linking' y TRYPTOPHAN                                                          ?         'C11 H12 N2 O2'  204.225 
TYR 'L-peptide linking' y TYROSINE                                                            ?         'C9 H11 N O3'    181.189 
VAL 'L-peptide linking' y VALINE                                                              ?         'C5 H11 N O2'    117.146 
# 
_exptl.absorpt_coefficient_mu     ? 
_exptl.absorpt_correction_T_max   ? 
_exptl.absorpt_correction_T_min   ? 
_exptl.absorpt_correction_type    ? 
_exptl.absorpt_process_details    ? 
_exptl.entry_id                   5D75 
_exptl.crystals_number            ? 
_exptl.details                    ? 
_exptl.method                     'X-RAY DIFFRACTION' 
_exptl.method_details             ? 
# 
_exptl_crystal.colour                      ? 
_exptl_crystal.density_diffrn              ? 
_exptl_crystal.density_Matthews            2.57 
_exptl_crystal.density_method              ? 
_exptl_crystal.density_percent_sol         52.08 
_exptl_crystal.description                 ? 
_exptl_crystal.F_000                       ? 
_exptl_crystal.id                          1 
_exptl_crystal.preparation                 ? 
_exptl_crystal.size_max                    ? 
_exptl_crystal.size_mid                    ? 
_exptl_crystal.size_min                    ? 
_exptl_crystal.size_rad                    ? 
_exptl_crystal.colour_lustre               ? 
_exptl_crystal.colour_modifier             ? 
_exptl_crystal.colour_primary              ? 
_exptl_crystal.density_meas                ? 
_exptl_crystal.density_meas_esd            ? 
_exptl_crystal.density_meas_gt             ? 
_exptl_crystal.density_meas_lt             ? 
_exptl_crystal.density_meas_temp           ? 
_exptl_crystal.density_meas_temp_esd       ? 
_exptl_crystal.density_meas_temp_gt        ? 
_exptl_crystal.density_meas_temp_lt        ? 
_exptl_crystal.pdbx_crystal_image_url      ? 
_exptl_crystal.pdbx_crystal_image_format   ? 
_exptl_crystal.pdbx_mosaicity              ? 
_exptl_crystal.pdbx_mosaicity_esd          ? 
# 
_exptl_crystal_grow.apparatus       ? 
_exptl_crystal_grow.atmosphere      ? 
_exptl_crystal_grow.crystal_id      1 
_exptl_crystal_grow.details         ? 
_exptl_crystal_grow.method          'VAPOR DIFFUSION, HANGING DROP' 
_exptl_crystal_grow.method_ref      ? 
_exptl_crystal_grow.pH              7.0 
_exptl_crystal_grow.pressure        ? 
_exptl_crystal_grow.pressure_esd    ? 
_exptl_crystal_grow.seeding         ? 
_exptl_crystal_grow.seeding_ref     ? 
_exptl_crystal_grow.temp            291 
_exptl_crystal_grow.temp_details    ? 
_exptl_crystal_grow.temp_esd        ? 
_exptl_crystal_grow.time            ? 
_exptl_crystal_grow.pdbx_details    '30% v/v Jeffamine ED-2001, 0.1M HEPES pH 7.0' 
_exptl_crystal_grow.pdbx_pH_range   ? 
# 
_diffrn.ambient_environment    ? 
_diffrn.ambient_temp           100 
_diffrn.ambient_temp_details   ? 
_diffrn.ambient_temp_esd       ? 
_diffrn.crystal_id             1 
_diffrn.crystal_support        ? 
_diffrn.crystal_treatment      ? 
_diffrn.details                ? 
_diffrn.id                     1 
_diffrn.ambient_pressure       ? 
_diffrn.ambient_pressure_esd   ? 
_diffrn.ambient_pressure_gt    ? 
_diffrn.ambient_pressure_lt    ? 
_diffrn.ambient_temp_gt        ? 
_diffrn.ambient_temp_lt        ? 
# 
_diffrn_detector.details                      ? 
_diffrn_detector.detector                     CCD 
_diffrn_detector.diffrn_id                    1 
_diffrn_detector.type                         'ADSC QUANTUM 315' 
_diffrn_detector.area_resol_mean              ? 
_diffrn_detector.dtime                        ? 
_diffrn_detector.pdbx_frames_total            ? 
_diffrn_detector.pdbx_collection_time_total   ? 
_diffrn_detector.pdbx_collection_date         2014-11-13 
# 
_diffrn_radiation.collimation                      ? 
_diffrn_radiation.diffrn_id                        1 
_diffrn_radiation.filter_edge                      ? 
_diffrn_radiation.inhomogeneity                    ? 
_diffrn_radiation.monochromator                    ? 
_diffrn_radiation.polarisn_norm                    ? 
_diffrn_radiation.polarisn_ratio                   ? 
_diffrn_radiation.probe                            ? 
_diffrn_radiation.type                             ? 
_diffrn_radiation.xray_symbol                      ? 
_diffrn_radiation.wavelength_id                    1 
_diffrn_radiation.pdbx_monochromatic_or_laue_m_l   M 
_diffrn_radiation.pdbx_wavelength_list             ? 
_diffrn_radiation.pdbx_wavelength                  ? 
_diffrn_radiation.pdbx_diffrn_protocol             'SINGLE WAVELENGTH' 
_diffrn_radiation.pdbx_analyzer                    ? 
_diffrn_radiation.pdbx_scattering_type             x-ray 
# 
_diffrn_radiation_wavelength.id           1 
_diffrn_radiation_wavelength.wavelength   1.000 
_diffrn_radiation_wavelength.wt           1.0 
# 
_diffrn_source.current                     ? 
_diffrn_source.details                     ? 
_diffrn_source.diffrn_id                   1 
_diffrn_source.power                       ? 
_diffrn_source.size                        ? 
_diffrn_source.source                      SYNCHROTRON 
_diffrn_source.target                      ? 
_diffrn_source.type                        'NSRRC BEAMLINE BL13B1' 
_diffrn_source.voltage                     ? 
_diffrn_source.take-off_angle              ? 
_diffrn_source.pdbx_wavelength_list        1.000 
_diffrn_source.pdbx_wavelength             ? 
_diffrn_source.pdbx_synchrotron_beamline   BL13B1 
_diffrn_source.pdbx_synchrotron_site       NSRRC 
# 
_reflns.B_iso_Wilson_estimate            ? 
_reflns.entry_id                         5D75 
_reflns.data_reduction_details           ? 
_reflns.data_reduction_method            ? 
_reflns.d_resolution_high                1.83 
_reflns.d_resolution_low                 30 
_reflns.details                          ? 
_reflns.limit_h_max                      ? 
_reflns.limit_h_min                      ? 
_reflns.limit_k_max                      ? 
_reflns.limit_k_min                      ? 
_reflns.limit_l_max                      ? 
_reflns.limit_l_min                      ? 
_reflns.number_all                       ? 
_reflns.number_obs                       12952 
_reflns.observed_criterion               ? 
_reflns.observed_criterion_F_max         ? 
_reflns.observed_criterion_F_min         ? 
_reflns.observed_criterion_I_max         ? 
_reflns.observed_criterion_I_min         ? 
_reflns.observed_criterion_sigma_F       ? 
_reflns.observed_criterion_sigma_I       ? 
_reflns.percent_possible_obs             99.7 
_reflns.R_free_details                   ? 
_reflns.Rmerge_F_all                     ? 
_reflns.Rmerge_F_obs                     ? 
_reflns.Friedel_coverage                 ? 
_reflns.number_gt                        ? 
_reflns.threshold_expression             ? 
_reflns.pdbx_redundancy                  5.5 
_reflns.pdbx_Rmerge_I_obs                0.045 
_reflns.pdbx_Rmerge_I_all                ? 
_reflns.pdbx_Rsym_value                  ? 
_reflns.pdbx_netI_over_av_sigmaI         ? 
_reflns.pdbx_netI_over_sigmaI            34.4 
_reflns.pdbx_res_netI_over_av_sigmaI_2   ? 
_reflns.pdbx_res_netI_over_sigmaI_2      ? 
_reflns.pdbx_chi_squared                 ? 
_reflns.pdbx_scaling_rejects             ? 
_reflns.pdbx_d_res_high_opt              ? 
_reflns.pdbx_d_res_low_opt               ? 
_reflns.pdbx_d_res_opt_method            ? 
_reflns.phase_calculation_details        ? 
_reflns.pdbx_Rrim_I_all                  ? 
_reflns.pdbx_Rpim_I_all                  ? 
_reflns.pdbx_d_opt                       ? 
_reflns.pdbx_number_measured_all         ? 
_reflns.pdbx_diffrn_id                   1 
_reflns.pdbx_ordinal                     1 
_reflns.pdbx_CC_half                     ? 
_reflns.pdbx_R_split                     ? 
# 
_reflns_shell.d_res_high                  1.83 
_reflns_shell.d_res_low                   1.90 
_reflns_shell.meanI_over_sigI_all         ? 
_reflns_shell.meanI_over_sigI_obs         2.0 
_reflns_shell.number_measured_all         ? 
_reflns_shell.number_measured_obs         ? 
_reflns_shell.number_possible             ? 
_reflns_shell.number_unique_all           ? 
_reflns_shell.number_unique_obs           ? 
_reflns_shell.percent_possible_all        98.3 
_reflns_shell.percent_possible_obs        ? 
_reflns_shell.Rmerge_F_all                ? 
_reflns_shell.Rmerge_F_obs                ? 
_reflns_shell.Rmerge_I_all                ? 
_reflns_shell.Rmerge_I_obs                0.556 
_reflns_shell.meanI_over_sigI_gt          ? 
_reflns_shell.meanI_over_uI_all           ? 
_reflns_shell.meanI_over_uI_gt            ? 
_reflns_shell.number_measured_gt          ? 
_reflns_shell.number_unique_gt            ? 
_reflns_shell.percent_possible_gt         ? 
_reflns_shell.Rmerge_F_gt                 ? 
_reflns_shell.Rmerge_I_gt                 ? 
_reflns_shell.pdbx_redundancy             3.2 
_reflns_shell.pdbx_Rsym_value             ? 
_reflns_shell.pdbx_chi_squared            ? 
_reflns_shell.pdbx_netI_over_sigmaI_all   ? 
_reflns_shell.pdbx_netI_over_sigmaI_obs   ? 
_reflns_shell.pdbx_Rrim_I_all             ? 
_reflns_shell.pdbx_Rpim_I_all             ? 
_reflns_shell.pdbx_rejects                ? 
_reflns_shell.pdbx_ordinal                1 
_reflns_shell.pdbx_diffrn_id              1 
_reflns_shell.pdbx_CC_half                ? 
_reflns_shell.pdbx_R_split                ? 
# 
_refine.aniso_B[1][1]                            -0.03 
_refine.aniso_B[1][2]                            -0.01 
_refine.aniso_B[1][3]                            0.00 
_refine.aniso_B[2][2]                            -0.03 
_refine.aniso_B[2][3]                            -0.00 
_refine.aniso_B[3][3]                            0.09 
_refine.B_iso_max                                ? 
_refine.B_iso_mean                               25.411 
_refine.B_iso_min                                ? 
_refine.correlation_coeff_Fo_to_Fc               0.952 
_refine.correlation_coeff_Fo_to_Fc_free          0.932 
_refine.details                                  ? 
_refine.diff_density_max                         ? 
_refine.diff_density_max_esd                     ? 
_refine.diff_density_min                         ? 
_refine.diff_density_min_esd                     ? 
_refine.diff_density_rms                         ? 
_refine.diff_density_rms_esd                     ? 
_refine.entry_id                                 5D75 
_refine.pdbx_refine_id                           'X-RAY DIFFRACTION' 
_refine.ls_abs_structure_details                 ? 
_refine.ls_abs_structure_Flack                   ? 
_refine.ls_abs_structure_Flack_esd               ? 
_refine.ls_abs_structure_Rogers                  ? 
_refine.ls_abs_structure_Rogers_esd              ? 
_refine.ls_d_res_high                            1.83 
_refine.ls_d_res_low                             25.00 
_refine.ls_extinction_coef                       ? 
_refine.ls_extinction_coef_esd                   ? 
_refine.ls_extinction_expression                 ? 
_refine.ls_extinction_method                     ? 
_refine.ls_goodness_of_fit_all                   ? 
_refine.ls_goodness_of_fit_all_esd               ? 
_refine.ls_goodness_of_fit_obs                   ? 
_refine.ls_goodness_of_fit_obs_esd               ? 
_refine.ls_hydrogen_treatment                    ? 
_refine.ls_matrix_type                           ? 
_refine.ls_number_constraints                    ? 
_refine.ls_number_parameters                     ? 
_refine.ls_number_reflns_all                     ? 
_refine.ls_number_reflns_obs                     11605 
_refine.ls_number_reflns_R_free                  1025 
_refine.ls_number_reflns_R_work                  ? 
_refine.ls_number_restraints                     ? 
_refine.ls_percent_reflns_obs                    97.30 
_refine.ls_percent_reflns_R_free                 8.1 
_refine.ls_R_factor_all                          ? 
_refine.ls_R_factor_obs                          0.19073 
_refine.ls_R_factor_R_free                       0.23311 
_refine.ls_R_factor_R_free_error                 ? 
_refine.ls_R_factor_R_free_error_details         ? 
_refine.ls_R_factor_R_work                       0.18700 
_refine.ls_R_Fsqd_factor_obs                     ? 
_refine.ls_R_I_factor_obs                        ? 
_refine.ls_redundancy_reflns_all                 ? 
_refine.ls_redundancy_reflns_obs                 ? 
_refine.ls_restrained_S_all                      ? 
_refine.ls_restrained_S_obs                      ? 
_refine.ls_shift_over_esd_max                    ? 
_refine.ls_shift_over_esd_mean                   ? 
_refine.ls_structure_factor_coef                 ? 
_refine.ls_weighting_details                     ? 
_refine.ls_weighting_scheme                      ? 
_refine.ls_wR_factor_all                         ? 
_refine.ls_wR_factor_obs                         ? 
_refine.ls_wR_factor_R_free                      ? 
_refine.ls_wR_factor_R_work                      ? 
_refine.occupancy_max                            ? 
_refine.occupancy_min                            ? 
_refine.solvent_model_details                    MASK 
_refine.solvent_model_param_bsol                 ? 
_refine.solvent_model_param_ksol                 ? 
_refine.ls_R_factor_gt                           ? 
_refine.ls_goodness_of_fit_gt                    ? 
_refine.ls_goodness_of_fit_ref                   ? 
_refine.ls_shift_over_su_max                     ? 
_refine.ls_shift_over_su_max_lt                  ? 
_refine.ls_shift_over_su_mean                    ? 
_refine.ls_shift_over_su_mean_lt                 ? 
_refine.pdbx_ls_sigma_I                          ? 
_refine.pdbx_ls_sigma_F                          ? 
_refine.pdbx_ls_sigma_Fsqd                       ? 
_refine.pdbx_data_cutoff_high_absF               ? 
_refine.pdbx_data_cutoff_high_rms_absF           ? 
_refine.pdbx_data_cutoff_low_absF                ? 
_refine.pdbx_isotropic_thermal_model             ? 
_refine.pdbx_ls_cross_valid_method               THROUGHOUT 
_refine.pdbx_method_to_determine_struct          'MOLECULAR REPLACEMENT' 
_refine.pdbx_starting_model                      1PBK 
_refine.pdbx_stereochemistry_target_values       'MAXIMUM LIKELIHOOD' 
_refine.pdbx_R_Free_selection_details            RANDOM 
_refine.pdbx_stereochem_target_val_spec_case     ? 
_refine.pdbx_overall_ESU_R                       0.144 
_refine.pdbx_overall_ESU_R_Free                  0.139 
_refine.pdbx_solvent_vdw_probe_radii             1.20 
_refine.pdbx_solvent_ion_probe_radii             0.80 
_refine.pdbx_solvent_shrinkage_radii             0.80 
_refine.pdbx_real_space_R                        ? 
_refine.pdbx_density_correlation                 ? 
_refine.pdbx_pd_number_of_powder_patterns        ? 
_refine.pdbx_pd_number_of_points                 ? 
_refine.pdbx_pd_meas_number_of_points            ? 
_refine.pdbx_pd_proc_ls_prof_R_factor            ? 
_refine.pdbx_pd_proc_ls_prof_wR_factor           ? 
_refine.pdbx_pd_Marquardt_correlation_coeff      ? 
_refine.pdbx_pd_Fsqrd_R_factor                   ? 
_refine.pdbx_pd_ls_matrix_band_width             ? 
_refine.pdbx_overall_phase_error                 ? 
_refine.pdbx_overall_SU_R_free_Cruickshank_DPI   ? 
_refine.pdbx_overall_SU_R_free_Blow_DPI          ? 
_refine.pdbx_overall_SU_R_Blow_DPI               ? 
_refine.pdbx_TLS_residual_ADP_flag               ? 
_refine.pdbx_diffrn_id                           1 
_refine.overall_SU_B                             3.193 
_refine.overall_SU_ML                            0.096 
_refine.overall_SU_R_Cruickshank_DPI             ? 
_refine.overall_SU_R_free                        ? 
_refine.overall_FOM_free_R_set                   ? 
_refine.overall_FOM_work_R_set                   ? 
_refine.pdbx_average_fsc_overall                 ? 
_refine.pdbx_average_fsc_work                    ? 
_refine.pdbx_average_fsc_free                    ? 
# 
_refine_hist.pdbx_refine_id                   'X-RAY DIFFRACTION' 
_refine_hist.cycle_id                         1 
_refine_hist.pdbx_number_atoms_protein        949 
_refine_hist.pdbx_number_atoms_nucleic_acid   0 
_refine_hist.pdbx_number_atoms_ligand         91 
_refine_hist.number_atoms_solvent             106 
_refine_hist.number_atoms_total               1146 
_refine_hist.d_res_high                       1.83 
_refine_hist.d_res_low                        25.00 
# 
loop_
_refine_ls_restr.pdbx_refine_id 
_refine_ls_restr.criterion 
_refine_ls_restr.dev_ideal 
_refine_ls_restr.dev_ideal_target 
_refine_ls_restr.number 
_refine_ls_restr.rejects 
_refine_ls_restr.type 
_refine_ls_restr.weight 
_refine_ls_restr.pdbx_restraint_function 
'X-RAY DIFFRACTION' ? 0.011  0.020  1063 ? r_bond_refined_d             ? ? 
'X-RAY DIFFRACTION' ? ?      ?      ?    ? r_bond_other_d               ? ? 
'X-RAY DIFFRACTION' ? 1.549  2.050  1423 ? r_angle_refined_deg          ? ? 
'X-RAY DIFFRACTION' ? ?      ?      ?    ? r_angle_other_deg            ? ? 
'X-RAY DIFFRACTION' ? 7.079  5.000  119  ? r_dihedral_angle_1_deg       ? ? 
'X-RAY DIFFRACTION' ? 35.014 25.526 38   ? r_dihedral_angle_2_deg       ? ? 
'X-RAY DIFFRACTION' ? 15.891 15.000 187  ? r_dihedral_angle_3_deg       ? ? 
'X-RAY DIFFRACTION' ? 20.924 15.000 2    ? r_dihedral_angle_4_deg       ? ? 
'X-RAY DIFFRACTION' ? 0.099  0.200  156  ? r_chiral_restr               ? ? 
'X-RAY DIFFRACTION' ? 0.006  0.021  732  ? r_gen_planes_refined         ? ? 
'X-RAY DIFFRACTION' ? ?      ?      ?    ? r_gen_planes_other           ? ? 
'X-RAY DIFFRACTION' ? ?      ?      ?    ? r_nbd_refined                ? ? 
'X-RAY DIFFRACTION' ? ?      ?      ?    ? r_nbd_other                  ? ? 
'X-RAY DIFFRACTION' ? ?      ?      ?    ? r_nbtor_refined              ? ? 
'X-RAY DIFFRACTION' ? ?      ?      ?    ? r_nbtor_other                ? ? 
'X-RAY DIFFRACTION' ? ?      ?      ?    ? r_xyhbond_nbd_refined        ? ? 
'X-RAY DIFFRACTION' ? ?      ?      ?    ? r_xyhbond_nbd_other          ? ? 
'X-RAY DIFFRACTION' ? ?      ?      ?    ? r_metal_ion_refined          ? ? 
'X-RAY DIFFRACTION' ? ?      ?      ?    ? r_metal_ion_other            ? ? 
'X-RAY DIFFRACTION' ? ?      ?      ?    ? r_symmetry_vdw_refined       ? ? 
'X-RAY DIFFRACTION' ? ?      ?      ?    ? r_symmetry_vdw_other         ? ? 
'X-RAY DIFFRACTION' ? ?      ?      ?    ? r_symmetry_hbond_refined     ? ? 
'X-RAY DIFFRACTION' ? ?      ?      ?    ? r_symmetry_hbond_other       ? ? 
'X-RAY DIFFRACTION' ? ?      ?      ?    ? r_symmetry_metal_ion_refined ? ? 
'X-RAY DIFFRACTION' ? ?      ?      ?    ? r_symmetry_metal_ion_other   ? ? 
'X-RAY DIFFRACTION' ? 1.803  2.145  479  ? r_mcbond_it                  ? ? 
'X-RAY DIFFRACTION' ? ?      ?      ?    ? r_mcbond_other               ? ? 
'X-RAY DIFFRACTION' ? 3.170  3.207  597  ? r_mcangle_it                 ? ? 
'X-RAY DIFFRACTION' ? ?      ?      ?    ? r_mcangle_other              ? ? 
'X-RAY DIFFRACTION' ? 2.201  2.533  582  ? r_scbond_it                  ? ? 
'X-RAY DIFFRACTION' ? ?      ?      ?    ? r_scbond_other               ? ? 
'X-RAY DIFFRACTION' ? ?      ?      ?    ? r_scangle_it                 ? ? 
'X-RAY DIFFRACTION' ? ?      ?      ?    ? r_scangle_other              ? ? 
'X-RAY DIFFRACTION' ? 7.355  18.901 1605 ? r_long_range_B_refined       ? ? 
'X-RAY DIFFRACTION' ? ?      ?      ?    ? r_long_range_B_other         ? ? 
'X-RAY DIFFRACTION' ? ?      ?      ?    ? r_rigid_bond_restr           ? ? 
'X-RAY DIFFRACTION' ? ?      ?      ?    ? r_sphericity_free            ? ? 
'X-RAY DIFFRACTION' ? ?      ?      ?    ? r_sphericity_bonded          ? ? 
# 
_refine_ls_shell.pdbx_refine_id                   'X-RAY DIFFRACTION' 
_refine_ls_shell.d_res_high                       1.831 
_refine_ls_shell.d_res_low                        1.878 
_refine_ls_shell.number_reflns_all                ? 
_refine_ls_shell.number_reflns_obs                ? 
_refine_ls_shell.number_reflns_R_free             60 
_refine_ls_shell.number_reflns_R_work             594 
_refine_ls_shell.percent_reflns_obs               68.20 
_refine_ls_shell.percent_reflns_R_free            ? 
_refine_ls_shell.R_factor_all                     ? 
_refine_ls_shell.R_factor_obs                     ? 
_refine_ls_shell.R_factor_R_free                  0.349 
_refine_ls_shell.R_factor_R_free_error            ? 
_refine_ls_shell.R_factor_R_work                  0.260 
_refine_ls_shell.redundancy_reflns_all            ? 
_refine_ls_shell.redundancy_reflns_obs            ? 
_refine_ls_shell.wR_factor_all                    ? 
_refine_ls_shell.wR_factor_obs                    ? 
_refine_ls_shell.wR_factor_R_free                 ? 
_refine_ls_shell.wR_factor_R_work                 ? 
_refine_ls_shell.pdbx_total_number_of_bins_used   20 
_refine_ls_shell.pdbx_phase_error                 ? 
_refine_ls_shell.pdbx_fsc_work                    ? 
_refine_ls_shell.pdbx_fsc_free                    ? 
# 
_struct.entry_id                     5D75 
_struct.title                        'Crystal structure of Human FKBD25 in complex with FK506' 
_struct.pdbx_model_details           ? 
_struct.pdbx_formula_weight          ? 
_struct.pdbx_formula_weight_method   ? 
_struct.pdbx_model_type_details      ? 
_struct.pdbx_CASP_flag               ? 
# 
_struct_keywords.entry_id        5D75 
_struct_keywords.text            'FK506, FKBP25, FKBP3, Immunophilin, Inhibitor, ISOMERASE-INHIBITOR complex' 
_struct_keywords.pdbx_keywords   ISOMERASE/INHIBITOR 
# 
loop_
_struct_asym.id 
_struct_asym.pdbx_blank_PDB_chainid_flag 
_struct_asym.pdbx_modified 
_struct_asym.entity_id 
_struct_asym.details 
A N N 1 ? 
B N N 2 ? 
C N N 3 ? 
D N N 3 ? 
E N N 4 ? 
# 
loop_
_struct_conf.conf_type_id 
_struct_conf.id 
_struct_conf.pdbx_PDB_helix_id 
_struct_conf.beg_label_comp_id 
_struct_conf.beg_label_asym_id 
_struct_conf.beg_label_seq_id 
_struct_conf.pdbx_beg_PDB_ins_code 
_struct_conf.end_label_comp_id 
_struct_conf.end_label_asym_id 
_struct_conf.end_label_seq_id 
_struct_conf.pdbx_end_PDB_ins_code 
_struct_conf.beg_auth_comp_id 
_struct_conf.beg_auth_asym_id 
_struct_conf.beg_auth_seq_id 
_struct_conf.end_auth_comp_id 
_struct_conf.end_auth_asym_id 
_struct_conf.end_auth_seq_id 
_struct_conf.pdbx_PDB_helix_class 
_struct_conf.details 
_struct_conf.pdbx_PDB_helix_length 
HELX_P HELX_P1 AA1 ILE A 64 ? LEU A 72 ? ILE A 172 LEU A 180 1 ? 9 
HELX_P HELX_P2 AA2 PRO A 86 ? ALA A 89 ? PRO A 194 ALA A 197 5 ? 4 
# 
_struct_conf_type.id          HELX_P 
_struct_conf_type.criteria    ? 
_struct_conf_type.reference   ? 
# 
loop_
_struct_sheet.id 
_struct_sheet.type 
_struct_sheet.number_strands 
_struct_sheet.details 
AA1 ? 5 ? 
AA2 ? 5 ? 
# 
loop_
_struct_sheet_order.sheet_id 
_struct_sheet_order.range_id_1 
_struct_sheet_order.range_id_2 
_struct_sheet_order.offset 
_struct_sheet_order.sense 
AA1 1 2 ? anti-parallel 
AA1 2 3 ? anti-parallel 
AA1 3 4 ? anti-parallel 
AA1 4 5 ? anti-parallel 
AA2 1 2 ? anti-parallel 
AA2 2 3 ? anti-parallel 
AA2 3 4 ? anti-parallel 
AA2 4 5 ? anti-parallel 
# 
loop_
_struct_sheet_range.sheet_id 
_struct_sheet_range.id 
_struct_sheet_range.beg_label_comp_id 
_struct_sheet_range.beg_label_asym_id 
_struct_sheet_range.beg_label_seq_id 
_struct_sheet_range.pdbx_beg_PDB_ins_code 
_struct_sheet_range.end_label_comp_id 
_struct_sheet_range.end_label_asym_id 
_struct_sheet_range.end_label_seq_id 
_struct_sheet_range.pdbx_end_PDB_ins_code 
_struct_sheet_range.beg_auth_comp_id 
_struct_sheet_range.beg_auth_asym_id 
_struct_sheet_range.beg_auth_seq_id 
_struct_sheet_range.end_auth_comp_id 
_struct_sheet_range.end_auth_asym_id 
_struct_sheet_range.end_auth_seq_id 
AA1 1 TYR A 3   ? LYS A 9   ? TYR A 111 LYS A 117 
AA1 2 LYS A 79  ? ILE A 84  ? LYS A 187 ILE A 192 
AA1 3 LEU A 106 ? ASP A 116 ? LEU A 214 ASP A 224 
AA1 4 VAL A 22  ? LEU A 31  ? VAL A 130 LEU A 139 
AA1 5 VAL A 36  ? THR A 39  ? VAL A 144 THR A 147 
AA2 1 TYR A 3   ? LYS A 9   ? TYR A 111 LYS A 117 
AA2 2 LYS A 79  ? ILE A 84  ? LYS A 187 ILE A 192 
AA2 3 LEU A 106 ? ASP A 116 ? LEU A 214 ASP A 224 
AA2 4 VAL A 22  ? LEU A 31  ? VAL A 130 LEU A 139 
AA2 5 LEU A 54  ? LYS A 57  ? LEU A 162 LYS A 165 
# 
loop_
_pdbx_struct_sheet_hbond.sheet_id 
_pdbx_struct_sheet_hbond.range_id_1 
_pdbx_struct_sheet_hbond.range_id_2 
_pdbx_struct_sheet_hbond.range_1_label_atom_id 
_pdbx_struct_sheet_hbond.range_1_label_comp_id 
_pdbx_struct_sheet_hbond.range_1_label_asym_id 
_pdbx_struct_sheet_hbond.range_1_label_seq_id 
_pdbx_struct_sheet_hbond.range_1_PDB_ins_code 
_pdbx_struct_sheet_hbond.range_1_auth_atom_id 
_pdbx_struct_sheet_hbond.range_1_auth_comp_id 
_pdbx_struct_sheet_hbond.range_1_auth_asym_id 
_pdbx_struct_sheet_hbond.range_1_auth_seq_id 
_pdbx_struct_sheet_hbond.range_2_label_atom_id 
_pdbx_struct_sheet_hbond.range_2_label_comp_id 
_pdbx_struct_sheet_hbond.range_2_label_asym_id 
_pdbx_struct_sheet_hbond.range_2_label_seq_id 
_pdbx_struct_sheet_hbond.range_2_PDB_ins_code 
_pdbx_struct_sheet_hbond.range_2_auth_atom_id 
_pdbx_struct_sheet_hbond.range_2_auth_comp_id 
_pdbx_struct_sheet_hbond.range_2_auth_asym_id 
_pdbx_struct_sheet_hbond.range_2_auth_seq_id 
AA1 1 2 N SER A 6   ? N SER A 114 O ARG A 81  ? O ARG A 189 
AA1 2 3 N LEU A 82  ? N LEU A 190 O PHE A 108 ? O PHE A 216 
AA1 3 4 O THR A 107 ? O THR A 215 N THR A 30  ? N THR A 138 
AA1 4 5 N GLY A 29  ? N GLY A 137 O ASP A 38  ? O ASP A 146 
AA2 1 2 N SER A 6   ? N SER A 114 O ARG A 81  ? O ARG A 189 
AA2 2 3 N LEU A 82  ? N LEU A 190 O PHE A 108 ? O PHE A 216 
AA2 3 4 O THR A 107 ? O THR A 215 N THR A 30  ? N THR A 138 
AA2 4 5 N CYS A 25  ? N CYS A 133 O LEU A 54  ? O LEU A 162 
# 
loop_
_struct_site.id 
_struct_site.pdbx_evidence_code 
_struct_site.pdbx_auth_asym_id 
_struct_site.pdbx_auth_comp_id 
_struct_site.pdbx_auth_seq_id 
_struct_site.pdbx_auth_ins_code 
_struct_site.pdbx_num_residues 
_struct_site.details 
AC1 Software A FK5 301 ? 17 'binding site for residue FK5 A 301' 
AC2 Software A JEF 302 ? 2  'binding site for residue JEF A 302' 
AC3 Software A JEF 303 ? 7  'binding site for residue JEF A 303' 
# 
loop_
_struct_site_gen.id 
_struct_site_gen.site_id 
_struct_site_gen.pdbx_num_res 
_struct_site_gen.label_comp_id 
_struct_site_gen.label_asym_id 
_struct_site_gen.label_seq_id 
_struct_site_gen.pdbx_auth_ins_code 
_struct_site_gen.auth_comp_id 
_struct_site_gen.auth_asym_id 
_struct_site_gen.auth_seq_id 
_struct_site_gen.label_atom_id 
_struct_site_gen.label_alt_id 
_struct_site_gen.symmetry 
_struct_site_gen.details 
1  AC1 17 TYR A 27  ? TYR A 135 . ? 1_555 ? 
2  AC1 17 PHE A 37  ? PHE A 145 . ? 1_555 ? 
3  AC1 17 ASP A 38  ? ASP A 146 . ? 1_555 ? 
4  AC1 17 LEU A 54  ? LEU A 162 . ? 1_555 ? 
5  AC1 17 LYS A 62  ? LYS A 170 . ? 1_555 ? 
6  AC1 17 VAL A 63  ? VAL A 171 . ? 1_555 ? 
7  AC1 17 ILE A 64  ? ILE A 172 . ? 1_555 ? 
8  AC1 17 TRP A 67  ? TRP A 175 . ? 1_555 ? 
9  AC1 17 TYR A 90  ? TYR A 198 . ? 1_555 ? 
10 AC1 17 GLN A 95  ? GLN A 203 . ? 1_555 ? 
11 AC1 17 ALA A 98  ? ALA A 206 . ? 1_555 ? 
12 AC1 17 ILE A 100 ? ILE A 208 . ? 1_555 ? 
13 AC1 17 PHE A 108 ? PHE A 216 . ? 1_555 ? 
14 AC1 17 JEF D .   ? JEF A 303 . ? 1_555 ? 
15 AC1 17 HOH E .   ? HOH A 405 . ? 1_555 ? 
16 AC1 17 HOH E .   ? HOH A 420 . ? 1_555 ? 
17 AC1 17 HOH E .   ? HOH A 439 . ? 1_555 ? 
18 AC2 2  GLY A 61  ? GLY A 169 . ? 1_555 ? 
19 AC2 2  LYS A 62  ? LYS A 170 . ? 1_555 ? 
20 AC3 7  PRO A 86  ? PRO A 194 . ? 1_555 ? 
21 AC3 7  GLU A 87  ? GLU A 195 . ? 1_555 ? 
22 AC3 7  GLY A 91  ? GLY A 199 . ? 1_555 ? 
23 AC3 7  LYS A 92  ? LYS A 200 . ? 1_555 ? 
24 AC3 7  LYS A 93  ? LYS A 201 . ? 1_555 ? 
25 AC3 7  ASN A 103 ? ASN A 211 . ? 1_555 ? 
26 AC3 7  FK5 B .   ? FK5 A 301 . ? 1_555 ? 
# 
_atom_sites.entry_id                    5D75 
_atom_sites.fract_transf_matrix[1][1]   0.01282676 
_atom_sites.fract_transf_matrix[1][2]   -0.00768355 
_atom_sites.fract_transf_matrix[1][3]   0.00385305 
_atom_sites.fract_transf_matrix[2][1]   -0.00074212 
_atom_sites.fract_transf_matrix[2][2]   -0.01173290 
_atom_sites.fract_transf_matrix[2][3]   0.01000909 
_atom_sites.fract_transf_matrix[3][1]   -0.00344086 
_atom_sites.fract_transf_matrix[3][2]   -0.01424673 
_atom_sites.fract_transf_matrix[3][3]   -0.01695550 
_atom_sites.fract_transf_vector[1]      -0.196432 
_atom_sites.fract_transf_vector[2]      -0.402700 
_atom_sites.fract_transf_vector[3]      -0.000626 
# 
loop_
_atom_type.symbol 
C 
N 
O 
S 
# 
loop_
_atom_site.group_PDB 
_atom_site.id 
_atom_site.type_symbol 
_atom_site.label_atom_id 
_atom_site.label_alt_id 
_atom_site.label_comp_id 
_atom_site.label_asym_id 
_atom_site.label_entity_id 
_atom_site.label_seq_id 
_atom_site.pdbx_PDB_ins_code 
_atom_site.Cartn_x 
_atom_site.Cartn_y 
_atom_site.Cartn_z 
_atom_site.occupancy 
_atom_site.B_iso_or_equiv 
_atom_site.pdbx_formal_charge 
_atom_site.auth_seq_id 
_atom_site.auth_comp_id 
_atom_site.auth_asym_id 
_atom_site.auth_atom_id 
_atom_site.pdbx_PDB_model_num 
ATOM   1    N N   . PRO A 1 1   ? 1.715   -7.908  -16.451 1.00 24.45  ? 109 PRO A N   1 
ATOM   2    C CA  . PRO A 1 1   ? 2.175   -6.786  -15.637 1.00 23.81  ? 109 PRO A CA  1 
ATOM   3    C C   . PRO A 1 1   ? 2.735   -7.202  -14.267 1.00 21.99  ? 109 PRO A C   1 
ATOM   4    O O   . PRO A 1 1   ? 2.454   -8.296  -13.778 1.00 22.51  ? 109 PRO A O   1 
ATOM   5    C CB  . PRO A 1 1   ? 0.921   -5.912  -15.484 1.00 25.59  ? 109 PRO A CB  1 
ATOM   6    C CG  . PRO A 1 1   ? -0.248  -6.776  -15.860 1.00 27.67  ? 109 PRO A CG  1 
ATOM   7    C CD  . PRO A 1 1   ? 0.257   -8.092  -16.390 1.00 26.59  ? 109 PRO A CD  1 
ATOM   8    N N   . LYS A 1 2   ? 3.512   -6.321  -13.654 1.00 19.32  ? 110 LYS A N   1 
ATOM   9    C CA  . LYS A 1 2   ? 4.196   -6.658  -12.406 1.00 17.21  ? 110 LYS A CA  1 
ATOM   10   C C   . LYS A 1 2   ? 3.343   -6.380  -11.149 1.00 16.69  ? 110 LYS A C   1 
ATOM   11   O O   . LYS A 1 2   ? 3.692   -6.802  -10.050 1.00 16.75  ? 110 LYS A O   1 
ATOM   12   C CB  . LYS A 1 2   ? 5.565   -6.001  -12.378 1.00 18.92  ? 110 LYS A CB  1 
ATOM   13   C CG  . LYS A 1 2   ? 6.495   -6.611  -13.431 1.00 19.40  ? 110 LYS A CG  1 
ATOM   14   C CD  . LYS A 1 2   ? 7.911   -6.103  -13.289 1.00 21.21  ? 110 LYS A CD  1 
ATOM   15   C CE  . LYS A 1 2   ? 8.832   -6.549  -14.430 1.00 23.40  ? 110 LYS A CE  1 
ATOM   16   N NZ  . LYS A 1 2   ? 8.766   -8.025  -14.590 1.00 25.64  ? 110 LYS A NZ  1 
ATOM   17   N N   . TYR A 1 3   ? 2.236   -5.664  -11.330 1.00 15.28  ? 111 TYR A N   1 
ATOM   18   C CA  . TYR A 1 3   ? 1.136   -5.638  -10.353 1.00 15.08  ? 111 TYR A CA  1 
ATOM   19   C C   . TYR A 1 3   ? -0.196  -5.460  -11.108 1.00 15.87  ? 111 TYR A C   1 
ATOM   20   O O   . TYR A 1 3   ? -0.208  -5.009  -12.259 1.00 15.41  ? 111 TYR A O   1 
ATOM   21   C CB  . TYR A 1 3   ? 1.339   -4.556  -9.269  1.00 15.07  ? 111 TYR A CB  1 
ATOM   22   C CG  . TYR A 1 3   ? 1.011   -3.154  -9.744  1.00 15.26  ? 111 TYR A CG  1 
ATOM   23   C CD1 . TYR A 1 3   ? 1.922   -2.429  -10.498 1.00 15.18  ? 111 TYR A CD1 1 
ATOM   24   C CD2 . TYR A 1 3   ? -0.243  -2.574  -9.471  1.00 16.42  ? 111 TYR A CD2 1 
ATOM   25   C CE1 . TYR A 1 3   ? 1.620   -1.157  -10.980 1.00 15.91  ? 111 TYR A CE1 1 
ATOM   26   C CE2 . TYR A 1 3   ? -0.569  -1.295  -9.948  1.00 15.52  ? 111 TYR A CE2 1 
ATOM   27   C CZ  . TYR A 1 3   ? 0.372   -0.593  -10.699 1.00 16.35  ? 111 TYR A CZ  1 
ATOM   28   O OH  . TYR A 1 3   ? 0.078   0.652   -11.196 1.00 15.91  ? 111 TYR A OH  1 
ATOM   29   N N   . THR A 1 4   ? -1.300  -5.817  -10.456 1.00 15.87  ? 112 THR A N   1 
ATOM   30   C CA  . THR A 1 4   ? -2.640  -5.452  -10.931 1.00 17.81  ? 112 THR A CA  1 
ATOM   31   C C   . THR A 1 4   ? -3.335  -4.657  -9.834  1.00 16.87  ? 112 THR A C   1 
ATOM   32   O O   . THR A 1 4   ? -3.049  -4.856  -8.651  1.00 16.66  ? 112 THR A O   1 
ATOM   33   C CB  . THR A 1 4   ? -3.492  -6.684  -11.324 1.00 18.95  ? 112 THR A CB  1 
ATOM   34   O OG1 . THR A 1 4   ? -3.739  -7.488  -10.163 1.00 23.14  ? 112 THR A OG1 1 
ATOM   35   C CG2 . THR A 1 4   ? -2.770  -7.535  -12.377 1.00 18.43  ? 112 THR A CG2 1 
ATOM   36   N N   . LYS A 1 5   ? -4.215  -3.742  -10.231 1.00 17.46  ? 113 LYS A N   1 
ATOM   37   C CA  . LYS A 1 5   ? -5.039  -2.983  -9.285  1.00 17.51  ? 113 LYS A CA  1 
ATOM   38   C C   . LYS A 1 5   ? -6.522  -3.164  -9.613  1.00 19.69  ? 113 LYS A C   1 
ATOM   39   O O   . LYS A 1 5   ? -6.926  -2.997  -10.761 1.00 21.30  ? 113 LYS A O   1 
ATOM   40   C CB  . LYS A 1 5   ? -4.664  -1.500  -9.317  1.00 17.19  ? 113 LYS A CB  1 
ATOM   41   C CG  . LYS A 1 5   ? -5.371  -0.640  -8.270  1.00 16.48  ? 113 LYS A CG  1 
ATOM   42   C CD  . LYS A 1 5   ? -4.953  0.835   -8.342  1.00 16.67  ? 113 LYS A CD  1 
ATOM   43   C CE  . LYS A 1 5   ? -5.705  1.572   -9.435  1.00 18.00  ? 113 LYS A CE  1 
ATOM   44   N NZ  . LYS A 1 5   ? -5.642  3.033   -9.256  1.00 17.43  ? 113 LYS A NZ  1 
ATOM   45   N N   . SER A 1 6   ? -7.316  -3.512  -8.608  1.00 20.01  ? 114 SER A N   1 
ATOM   46   C CA  . SER A 1 6   ? -8.778  -3.477  -8.718  1.00 21.06  ? 114 SER A CA  1 
ATOM   47   C C   . SER A 1 6   ? -9.303  -2.445  -7.733  1.00 19.67  ? 114 SER A C   1 
ATOM   48   O O   . SER A 1 6   ? -8.998  -2.520  -6.532  1.00 20.07  ? 114 SER A O   1 
ATOM   49   C CB  . SER A 1 6   ? -9.383  -4.848  -8.384  1.00 23.86  ? 114 SER A CB  1 
ATOM   50   O OG  . SER A 1 6   ? -8.699  -5.866  -9.095  1.00 26.91  ? 114 SER A OG  1 
ATOM   51   N N   . VAL A 1 7   ? -10.110 -1.512  -8.229  1.00 19.80  ? 115 VAL A N   1 
ATOM   52   C CA  . VAL A 1 7   ? -10.672 -0.450  -7.386  1.00 19.65  ? 115 VAL A CA  1 
ATOM   53   C C   . VAL A 1 7   ? -11.856 -0.991  -6.603  1.00 20.42  ? 115 VAL A C   1 
ATOM   54   O O   . VAL A 1 7   ? -12.811 -1.491  -7.195  1.00 21.41  ? 115 VAL A O   1 
ATOM   55   C CB  . VAL A 1 7   ? -11.084 0.781   -8.229  1.00 19.48  ? 115 VAL A CB  1 
ATOM   56   C CG1 . VAL A 1 7   ? -11.722 1.871   -7.360  1.00 18.37  ? 115 VAL A CG1 1 
ATOM   57   C CG2 . VAL A 1 7   ? -9.882  1.329   -8.986  1.00 20.06  ? 115 VAL A CG2 1 
ATOM   58   N N   . LEU A 1 8   ? -11.754 -0.905  -5.278  1.00 21.11  ? 116 LEU A N   1 
ATOM   59   C CA  . LEU A 1 8   ? -12.794 -1.313  -4.333  1.00 22.42  ? 116 LEU A CA  1 
ATOM   60   C C   . LEU A 1 8   ? -13.692 -0.148  -3.918  1.00 24.87  ? 116 LEU A C   1 
ATOM   61   O O   . LEU A 1 8   ? -14.879 -0.339  -3.653  1.00 24.69  ? 116 LEU A O   1 
ATOM   62   C CB  . LEU A 1 8   ? -12.165 -1.932  -3.078  1.00 23.00  ? 116 LEU A CB  1 
ATOM   63   C CG  . LEU A 1 8   ? -11.330 -3.217  -3.272  1.00 22.23  ? 116 LEU A CG  1 
ATOM   64   C CD1 . LEU A 1 8   ? -10.688 -3.644  -1.967  1.00 21.43  ? 116 LEU A CD1 1 
ATOM   65   C CD2 . LEU A 1 8   ? -12.175 -4.336  -3.867  1.00 24.21  ? 116 LEU A CD2 1 
ATOM   66   N N   . LYS A 1 9   ? -13.114 1.050   -3.837  1.00 24.16  ? 117 LYS A N   1 
ATOM   67   C CA  . LYS A 1 9   ? -13.867 2.273   -3.574  1.00 25.22  ? 117 LYS A CA  1 
ATOM   68   C C   . LYS A 1 9   ? -13.192 3.358   -4.396  1.00 23.99  ? 117 LYS A C   1 
ATOM   69   O O   . LYS A 1 9   ? -11.986 3.570   -4.245  1.00 21.66  ? 117 LYS A O   1 
ATOM   70   C CB  . LYS A 1 9   ? -13.822 2.605   -2.079  1.00 26.20  ? 117 LYS A CB  1 
ATOM   71   C CG  . LYS A 1 9   ? -14.453 3.945   -1.679  1.00 30.12  ? 117 LYS A CG  1 
ATOM   72   C CD  . LYS A 1 9   ? -14.637 4.043   -0.173  1.00 33.27  ? 117 LYS A CD  1 
ATOM   73   C CE  . LYS A 1 9   ? -13.332 4.344   0.550   1.00 37.95  ? 117 LYS A CE  1 
ATOM   74   N NZ  . LYS A 1 9   ? -13.409 4.055   2.013   1.00 42.70  ? 117 LYS A NZ  1 
ATOM   75   N N   . LYS A 1 10  ? -13.961 4.036   -5.256  1.00 23.80  ? 118 LYS A N   1 
ATOM   76   C CA  . LYS A 1 10  ? -13.418 5.125   -6.093  1.00 23.72  ? 118 LYS A CA  1 
ATOM   77   C C   . LYS A 1 10  ? -12.897 6.269   -5.239  1.00 22.58  ? 118 LYS A C   1 
ATOM   78   O O   . LYS A 1 10  ? -13.454 6.574   -4.170  1.00 22.35  ? 118 LYS A O   1 
ATOM   79   C CB  . LYS A 1 10  ? -14.447 5.652   -7.093  1.00 27.20  ? 118 LYS A CB  1 
ATOM   80   C CG  . LYS A 1 10  ? -14.729 4.715   -8.256  1.00 33.21  ? 118 LYS A CG  1 
ATOM   81   C CD  . LYS A 1 10  ? -15.489 5.417   -9.384  1.00 40.27  ? 118 LYS A CD  1 
ATOM   82   C CE  . LYS A 1 10  ? -16.988 5.498   -9.108  1.00 43.06  ? 118 LYS A CE  1 
ATOM   83   N NZ  . LYS A 1 10  ? -17.732 6.135   -10.239 1.00 49.15  ? 118 LYS A NZ  1 
ATOM   84   N N   . GLY A 1 11  ? -11.813 6.894   -5.696  1.00 19.65  ? 119 GLY A N   1 
ATOM   85   C CA  . GLY A 1 11  ? -11.328 8.090   -5.025  1.00 19.98  ? 119 GLY A CA  1 
ATOM   86   C C   . GLY A 1 11  ? -11.989 9.297   -5.679  1.00 19.06  ? 119 GLY A C   1 
ATOM   87   O O   . GLY A 1 11  ? -12.972 9.147   -6.412  1.00 18.80  ? 119 GLY A O   1 
ATOM   88   N N   . ASP A 1 12  ? -11.396 10.473  -5.493  1.00 18.39  ? 120 ASP A N   1 
ATOM   89   C CA  . ASP A 1 12  ? -11.995 11.708  -6.022  1.00 17.73  ? 120 ASP A CA  1 
ATOM   90   C C   . ASP A 1 12  ? -11.716 11.955  -7.510  1.00 18.48  ? 120 ASP A C   1 
ATOM   91   O O   . ASP A 1 12  ? -12.221 12.932  -8.089  1.00 17.88  ? 120 ASP A O   1 
ATOM   92   C CB  . ASP A 1 12  ? -11.637 12.921  -5.142  1.00 17.65  ? 120 ASP A CB  1 
ATOM   93   C CG  . ASP A 1 12  ? -10.149 13.222  -5.095  1.00 17.07  ? 120 ASP A CG  1 
ATOM   94   O OD1 . ASP A 1 12  ? -9.393  12.837  -6.017  1.00 16.52  ? 120 ASP A OD1 1 
ATOM   95   O OD2 . ASP A 1 12  ? -9.726  13.879  -4.123  1.00 18.28  ? 120 ASP A OD2 1 
ATOM   96   N N   . LYS A 1 13  ? -10.926 11.068  -8.134  1.00 17.75  ? 121 LYS A N   1 
ATOM   97   C CA  . LYS A 1 13  ? -10.536 11.176  -9.549  1.00 18.97  ? 121 LYS A CA  1 
ATOM   98   C C   . LYS A 1 13  ? -9.944  12.555  -9.883  1.00 17.66  ? 121 LYS A C   1 
ATOM   99   O O   . LYS A 1 13  ? -10.008 13.013  -11.010 1.00 18.51  ? 121 LYS A O   1 
ATOM   100  C CB  . LYS A 1 13  ? -11.720 10.823  -10.490 1.00 22.42  ? 121 LYS A CB  1 
ATOM   101  C CG  . LYS A 1 13  ? -12.456 9.539   -10.111 1.00 27.36  ? 121 LYS A CG  1 
ATOM   102  C CD  . LYS A 1 13  ? -13.706 9.301   -10.955 1.00 32.48  ? 121 LYS A CD  1 
ATOM   103  C CE  . LYS A 1 13  ? -13.479 8.226   -12.008 1.00 36.39  ? 121 LYS A CE  1 
ATOM   104  N NZ  . LYS A 1 13  ? -14.758 7.834   -12.679 1.00 42.69  ? 121 LYS A NZ  1 
ATOM   105  N N   . THR A 1 14  ? -9.367  13.212  -8.883  1.00 16.06  ? 122 THR A N   1 
ATOM   106  C CA  . THR A 1 14  ? -8.921  14.583  -9.030  1.00 16.01  ? 122 THR A CA  1 
ATOM   107  C C   . THR A 1 14  ? -7.503  14.756  -8.504  1.00 14.58  ? 122 THR A C   1 
ATOM   108  O O   . THR A 1 14  ? -6.687  15.420  -9.132  1.00 14.91  ? 122 THR A O   1 
ATOM   109  C CB  . THR A 1 14  ? -9.867  15.549  -8.255  1.00 15.91  ? 122 THR A CB  1 
ATOM   110  O OG1 . THR A 1 14  ? -11.231 15.289  -8.619  1.00 16.61  ? 122 THR A OG1 1 
ATOM   111  C CG2 . THR A 1 14  ? -9.520  17.002  -8.542  1.00 16.20  ? 122 THR A CG2 1 
ATOM   112  N N   . ASN A 1 15  ? -7.229  14.200  -7.329  1.00 13.92  ? 123 ASN A N   1 
ATOM   113  C CA  . ASN A 1 15  ? -5.955  14.396  -6.647  1.00 13.72  ? 123 ASN A CA  1 
ATOM   114  C C   . ASN A 1 15  ? -5.184  13.090  -6.680  1.00 13.48  ? 123 ASN A C   1 
ATOM   115  O O   . ASN A 1 15  ? -5.555  12.152  -5.986  1.00 13.45  ? 123 ASN A O   1 
ATOM   116  C CB  . ASN A 1 15  ? -6.218  14.783  -5.203  1.00 14.71  ? 123 ASN A CB  1 
ATOM   117  C CG  . ASN A 1 15  ? -6.960  16.101  -5.093  1.00 16.71  ? 123 ASN A CG  1 
ATOM   118  O OD1 . ASN A 1 15  ? -6.503  17.101  -5.614  1.00 18.63  ? 123 ASN A OD1 1 
ATOM   119  N ND2 . ASN A 1 15  ? -8.107  16.092  -4.446  1.00 16.24  ? 123 ASN A ND2 1 
ATOM   120  N N   . PHE A 1 16  ? -4.130  13.049  -7.489  1.00 12.81  ? 124 PHE A N   1 
ATOM   121  C CA  . PHE A 1 16  ? -3.252  11.869  -7.636  1.00 13.22  ? 124 PHE A CA  1 
ATOM   122  C C   . PHE A 1 16  ? -1.885  12.242  -7.082  1.00 13.11  ? 124 PHE A C   1 
ATOM   123  O O   . PHE A 1 16  ? -1.394  13.325  -7.409  1.00 13.88  ? 124 PHE A O   1 
ATOM   124  C CB  . PHE A 1 16  ? -3.083  11.517  -9.118  1.00 13.17  ? 124 PHE A CB  1 
ATOM   125  C CG  . PHE A 1 16  ? -4.361  11.082  -9.783  1.00 13.88  ? 124 PHE A CG  1 
ATOM   126  C CD1 . PHE A 1 16  ? -5.240  12.027  -10.327 1.00 13.88  ? 124 PHE A CD1 1 
ATOM   127  C CD2 . PHE A 1 16  ? -4.677  9.723   -9.896  1.00 13.67  ? 124 PHE A CD2 1 
ATOM   128  C CE1 . PHE A 1 16  ? -6.416  11.618  -10.948 1.00 13.83  ? 124 PHE A CE1 1 
ATOM   129  C CE2 . PHE A 1 16  ? -5.856  9.312   -10.515 1.00 14.01  ? 124 PHE A CE2 1 
ATOM   130  C CZ  . PHE A 1 16  ? -6.723  10.258  -11.034 1.00 13.77  ? 124 PHE A CZ  1 
ATOM   131  N N   . PRO A 1 17  ? -1.254  11.353  -6.273  1.00 13.53  ? 125 PRO A N   1 
ATOM   132  C CA  . PRO A 1 17  ? 0.088   11.635  -5.778  1.00 13.44  ? 125 PRO A CA  1 
ATOM   133  C C   . PRO A 1 17  ? 1.083   11.743  -6.944  1.00 14.49  ? 125 PRO A C   1 
ATOM   134  O O   . PRO A 1 17  ? 0.961   11.017  -7.948  1.00 14.20  ? 125 PRO A O   1 
ATOM   135  C CB  . PRO A 1 17  ? 0.418   10.413  -4.899  1.00 14.14  ? 125 PRO A CB  1 
ATOM   136  C CG  . PRO A 1 17  ? -0.892  9.728   -4.650  1.00 13.42  ? 125 PRO A CG  1 
ATOM   137  C CD  . PRO A 1 17  ? -1.677  9.985   -5.911  1.00 12.85  ? 125 PRO A CD  1 
ATOM   138  N N   . LYS A 1 18  ? 2.031   12.661  -6.793  1.00 14.97  ? 126 LYS A N   1 
ATOM   139  C CA  . LYS A 1 18  ? 3.166   12.809  -7.686  1.00 16.19  ? 126 LYS A CA  1 
ATOM   140  C C   . LYS A 1 18  ? 4.420   12.379  -6.934  1.00 14.98  ? 126 LYS A C   1 
ATOM   141  O O   . LYS A 1 18  ? 4.447   12.430  -5.705  1.00 13.93  ? 126 LYS A O   1 
ATOM   142  C CB  . LYS A 1 18  ? 3.287   14.283  -8.092  1.00 18.34  ? 126 LYS A CB  1 
ATOM   143  C CG  . LYS A 1 18  ? 2.108   14.793  -8.913  1.00 22.64  ? 126 LYS A CG  1 
ATOM   144  C CD  . LYS A 1 18  ? 2.178   16.314  -9.031  1.00 26.81  ? 126 LYS A CD  1 
ATOM   145  C CE  . LYS A 1 18  ? 1.769   16.841  -10.406 1.00 31.07  ? 126 LYS A CE  1 
ATOM   146  N NZ  . LYS A 1 18  ? 0.415   16.409  -10.873 1.00 34.55  ? 126 LYS A NZ  1 
ATOM   147  N N   . LYS A 1 19  ? 5.461   11.977  -7.663  1.00 15.09  ? 127 LYS A N   1 
ATOM   148  C CA  . LYS A 1 19  ? 6.744   11.629  -7.026  1.00 16.09  ? 127 LYS A CA  1 
ATOM   149  C C   . LYS A 1 19  ? 7.186   12.730  -6.068  1.00 15.93  ? 127 LYS A C   1 
ATOM   150  O O   . LYS A 1 19  ? 7.170   13.916  -6.419  1.00 15.56  ? 127 LYS A O   1 
ATOM   151  C CB  . LYS A 1 19  ? 7.827   11.349  -8.080  1.00 18.71  ? 127 LYS A CB  1 
ATOM   152  C CG  . LYS A 1 19  ? 7.517   10.124  -8.927  1.00 22.72  ? 127 LYS A CG  1 
ATOM   153  C CD  . LYS A 1 19  ? 8.311   10.116  -10.222 1.00 26.35  ? 127 LYS A CD  1 
ATOM   154  C CE  . LYS A 1 19  ? 7.473   9.470   -11.319 1.00 29.71  ? 127 LYS A CE  1 
ATOM   155  N NZ  . LYS A 1 19  ? 8.254   8.375   -11.953 1.00 33.01  ? 127 LYS A NZ  1 
ATOM   156  N N   . GLY A 1 20  ? 7.538   12.356  -4.834  1.00 15.23  ? 128 GLY A N   1 
ATOM   157  C CA  . GLY A 1 20  ? 7.939   13.364  -3.873  1.00 15.87  ? 128 GLY A CA  1 
ATOM   158  C C   . GLY A 1 20  ? 6.839   13.804  -2.928  1.00 15.56  ? 128 GLY A C   1 
ATOM   159  O O   . GLY A 1 20  ? 7.144   14.307  -1.862  1.00 16.26  ? 128 GLY A O   1 
ATOM   160  N N   . ASP A 1 21  ? 5.567   13.603  -3.288  1.00 14.62  ? 129 ASP A N   1 
ATOM   161  C CA  . ASP A 1 21  ? 4.469   13.851  -2.325  1.00 14.69  ? 129 ASP A CA  1 
ATOM   162  C C   . ASP A 1 21  ? 4.513   12.868  -1.147  1.00 14.59  ? 129 ASP A C   1 
ATOM   163  O O   . ASP A 1 21  ? 5.095   11.780  -1.243  1.00 13.79  ? 129 ASP A O   1 
ATOM   164  C CB  . ASP A 1 21  ? 3.087   13.766  -2.990  1.00 14.66  ? 129 ASP A CB  1 
ATOM   165  C CG  . ASP A 1 21  ? 2.834   14.867  -3.990  1.00 15.29  ? 129 ASP A CG  1 
ATOM   166  O OD1 . ASP A 1 21  ? 3.545   15.895  -3.965  1.00 15.37  ? 129 ASP A OD1 1 
ATOM   167  O OD2 . ASP A 1 21  ? 1.875   14.716  -4.777  1.00 14.69  ? 129 ASP A OD2 1 
ATOM   168  N N   . VAL A 1 22  ? 3.899   13.254  -0.031  1.00 14.56  ? 130 VAL A N   1 
ATOM   169  C CA  . VAL A 1 22  ? 3.710   12.341  1.099   1.00 14.20  ? 130 VAL A CA  1 
ATOM   170  C C   . VAL A 1 22  ? 2.277   11.816  1.071   1.00 14.12  ? 130 VAL A C   1 
ATOM   171  O O   . VAL A 1 22  ? 1.317   12.588  0.927   1.00 14.33  ? 130 VAL A O   1 
ATOM   172  C CB  . VAL A 1 22  ? 4.094   13.020  2.458   1.00 15.65  ? 130 VAL A CB  1 
ATOM   173  C CG1 . VAL A 1 22  ? 3.762   12.120  3.657   1.00 15.95  ? 130 VAL A CG1 1 
ATOM   174  C CG2 . VAL A 1 22  ? 5.577   13.347  2.456   1.00 16.12  ? 130 VAL A CG2 1 
ATOM   175  N N   . VAL A 1 23  ? 2.125   10.496  1.168   1.00 13.02  ? 131 VAL A N   1 
ATOM   176  C CA  . VAL A 1 23  ? 0.803   9.863   1.114   1.00 12.99  ? 131 VAL A CA  1 
ATOM   177  C C   . VAL A 1 23  ? 0.534   9.267   2.492   1.00 13.06  ? 131 VAL A C   1 
ATOM   178  O O   . VAL A 1 23  ? 1.472   9.012   3.252   1.00 12.40  ? 131 VAL A O   1 
ATOM   179  C CB  . VAL A 1 23  ? 0.687   8.803   -0.009  1.00 13.38  ? 131 VAL A CB  1 
ATOM   180  C CG1 . VAL A 1 23  ? 0.832   9.471   -1.384  1.00 14.00  ? 131 VAL A CG1 1 
ATOM   181  C CG2 . VAL A 1 23  ? 1.749   7.728   0.131   1.00 13.25  ? 131 VAL A CG2 1 
ATOM   182  N N   . HIS A 1 24  ? -0.747  9.078   2.785   1.00 12.95  ? 132 HIS A N   1 
ATOM   183  C CA  . HIS A 1 24  ? -1.242  8.598   4.073   1.00 14.41  ? 132 HIS A CA  1 
ATOM   184  C C   . HIS A 1 24  ? -2.205  7.468   3.761   1.00 14.02  ? 132 HIS A C   1 
ATOM   185  O O   . HIS A 1 24  ? -3.213  7.686   3.066   1.00 13.88  ? 132 HIS A O   1 
ATOM   186  C CB  . HIS A 1 24  ? -1.947  9.741   4.821   1.00 14.62  ? 132 HIS A CB  1 
ATOM   187  C CG  . HIS A 1 24  ? -1.052  10.906  5.088   1.00 15.85  ? 132 HIS A CG  1 
ATOM   188  N ND1 . HIS A 1 24  ? -0.267  10.995  6.217   1.00 17.15  ? 132 HIS A ND1 1 
ATOM   189  C CD2 . HIS A 1 24  ? -0.792  12.019  4.358   1.00 16.08  ? 132 HIS A CD2 1 
ATOM   190  C CE1 . HIS A 1 24  ? 0.452   12.107  6.163   1.00 17.53  ? 132 HIS A CE1 1 
ATOM   191  N NE2 . HIS A 1 24  ? 0.152   12.744  5.045   1.00 16.75  ? 132 HIS A NE2 1 
ATOM   192  N N   . CYS A 1 25  ? -1.868  6.268   4.256   1.00 14.80  ? 133 CYS A N   1 
ATOM   193  C CA  . CYS A 1 25  ? -2.502  5.008   3.849   1.00 14.58  ? 133 CYS A CA  1 
ATOM   194  C C   . CYS A 1 25  ? -2.909  4.088   5.008   1.00 13.71  ? 133 CYS A C   1 
ATOM   195  O O   . CYS A 1 25  ? -2.156  3.949   5.979   1.00 14.21  ? 133 CYS A O   1 
ATOM   196  C CB  . CYS A 1 25  ? -1.544  4.201   2.948   1.00 15.01  ? 133 CYS A CB  1 
ATOM   197  S SG  . CYS A 1 25  ? -1.210  4.995   1.352   1.00 16.92  ? 133 CYS A SG  1 
ATOM   198  N N   . TRP A 1 26  ? -4.068  3.447   4.858   1.00 14.02  ? 134 TRP A N   1 
ATOM   199  C CA  . TRP A 1 26  ? -4.449  2.248   5.654   1.00 15.18  ? 134 TRP A CA  1 
ATOM   200  C C   . TRP A 1 26  ? -4.251  1.028   4.769   1.00 14.51  ? 134 TRP A C   1 
ATOM   201  O O   . TRP A 1 26  ? -4.602  1.072   3.581   1.00 14.58  ? 134 TRP A O   1 
ATOM   202  C CB  . TRP A 1 26  ? -5.947  2.271   6.054   1.00 16.03  ? 134 TRP A CB  1 
ATOM   203  C CG  . TRP A 1 26  ? -6.314  3.429   6.915   1.00 18.42  ? 134 TRP A CG  1 
ATOM   204  C CD1 . TRP A 1 26  ? -7.139  4.462   6.585   1.00 20.21  ? 134 TRP A CD1 1 
ATOM   205  C CD2 . TRP A 1 26  ? -5.858  3.684   8.253   1.00 19.23  ? 134 TRP A CD2 1 
ATOM   206  N NE1 . TRP A 1 26  ? -7.218  5.368   7.629   1.00 21.36  ? 134 TRP A NE1 1 
ATOM   207  C CE2 . TRP A 1 26  ? -6.449  4.909   8.669   1.00 20.76  ? 134 TRP A CE2 1 
ATOM   208  C CE3 . TRP A 1 26  ? -4.989  3.008   9.142   1.00 20.48  ? 134 TRP A CE3 1 
ATOM   209  C CZ2 . TRP A 1 26  ? -6.224  5.459   9.950   1.00 21.69  ? 134 TRP A CZ2 1 
ATOM   210  C CZ3 . TRP A 1 26  ? -4.757  3.562   10.418  1.00 20.99  ? 134 TRP A CZ3 1 
ATOM   211  C CH2 . TRP A 1 26  ? -5.369  4.788   10.799  1.00 20.54  ? 134 TRP A CH2 1 
ATOM   212  N N   . TYR A 1 27  ? -3.775  -0.072  5.346   1.00 13.73  ? 135 TYR A N   1 
ATOM   213  C CA  . TYR A 1 27  ? -3.539  -1.265  4.530   1.00 13.92  ? 135 TYR A CA  1 
ATOM   214  C C   . TYR A 1 27  ? -3.730  -2.569  5.270   1.00 14.42  ? 135 TYR A C   1 
ATOM   215  O O   . TYR A 1 27  ? -3.609  -2.600  6.502   1.00 13.34  ? 135 TYR A O   1 
ATOM   216  C CB  . TYR A 1 27  ? -2.132  -1.228  3.924   1.00 13.44  ? 135 TYR A CB  1 
ATOM   217  C CG  . TYR A 1 27  ? -1.040  -1.430  4.934   1.00 13.48  ? 135 TYR A CG  1 
ATOM   218  C CD1 . TYR A 1 27  ? -0.476  -0.337  5.616   1.00 13.61  ? 135 TYR A CD1 1 
ATOM   219  C CD2 . TYR A 1 27  ? -0.556  -2.716  5.212   1.00 13.56  ? 135 TYR A CD2 1 
ATOM   220  C CE1 . TYR A 1 27  ? 0.513   -0.521  6.563   1.00 14.08  ? 135 TYR A CE1 1 
ATOM   221  C CE2 . TYR A 1 27  ? 0.431   -2.914  6.170   1.00 13.62  ? 135 TYR A CE2 1 
ATOM   222  C CZ  . TYR A 1 27  ? 0.960   -1.812  6.828   1.00 13.71  ? 135 TYR A CZ  1 
ATOM   223  O OH  . TYR A 1 27  ? 1.953   -1.998  7.735   1.00 14.79  ? 135 TYR A OH  1 
ATOM   224  N N   . THR A 1 28  ? -3.995  -3.635  4.491   1.00 14.67  ? 136 THR A N   1 
ATOM   225  C CA  . THR A 1 28  ? -3.921  -5.022  4.973   1.00 15.20  ? 136 THR A CA  1 
ATOM   226  C C   . THR A 1 28  ? -3.172  -5.832  3.921   1.00 15.00  ? 136 THR A C   1 
ATOM   227  O O   . THR A 1 28  ? -3.542  -5.811  2.748   1.00 14.59  ? 136 THR A O   1 
ATOM   228  C CB  . THR A 1 28  ? -5.322  -5.625  5.171   1.00 15.85  ? 136 THR A CB  1 
ATOM   229  O OG1 . THR A 1 28  ? -6.018  -4.833  6.128   1.00 15.47  ? 136 THR A OG1 1 
ATOM   230  C CG2 . THR A 1 28  ? -5.246  -7.093  5.690   1.00 16.06  ? 136 THR A CG2 1 
ATOM   231  N N   . GLY A 1 29  ? -2.138  -6.542  4.360   1.00 15.12  ? 137 GLY A N   1 
ATOM   232  C CA  . GLY A 1 29  ? -1.361  -7.421  3.482   1.00 15.01  ? 137 GLY A CA  1 
ATOM   233  C C   . GLY A 1 29  ? -1.674  -8.892  3.708   1.00 15.48  ? 137 GLY A C   1 
ATOM   234  O O   . GLY A 1 29  ? -1.685  -9.382  4.870   1.00 15.06  ? 137 GLY A O   1 
ATOM   235  N N   . THR A 1 30  ? -1.900  -9.602  2.610   1.00 15.00  ? 138 THR A N   1 
ATOM   236  C CA  . THR A 1 30  ? -2.086  -11.050 2.674   1.00 15.91  ? 138 THR A CA  1 
ATOM   237  C C   . THR A 1 30  ? -1.230  -11.835 1.676   1.00 15.62  ? 138 THR A C   1 
ATOM   238  O O   . THR A 1 30  ? -0.884  -11.352 0.583   1.00 14.78  ? 138 THR A O   1 
ATOM   239  C CB  . THR A 1 30  ? -3.572  -11.447 2.461   1.00 16.24  ? 138 THR A CB  1 
ATOM   240  O OG1 . THR A 1 30  ? -4.037  -10.885 1.232   1.00 17.82  ? 138 THR A OG1 1 
ATOM   241  C CG2 . THR A 1 30  ? -4.450  -10.923 3.570   1.00 17.42  ? 138 THR A CG2 1 
ATOM   242  N N   . LEU A 1 31  ? -0.914  -13.073 2.056   1.00 15.79  ? 139 LEU A N   1 
ATOM   243  C CA  . LEU A 1 31  ? -0.344  -14.051 1.123   1.00 16.18  ? 139 LEU A CA  1 
ATOM   244  C C   . LEU A 1 31  ? -1.433  -14.638 0.230   1.00 16.51  ? 139 LEU A C   1 
ATOM   245  O O   . LEU A 1 31  ? -2.621  -14.481 0.525   1.00 15.87  ? 139 LEU A O   1 
ATOM   246  C CB  . LEU A 1 31  ? 0.360   -15.174 1.893   1.00 16.43  ? 139 LEU A CB  1 
ATOM   247  C CG  . LEU A 1 31  ? 1.514   -14.814 2.834   1.00 17.19  ? 139 LEU A CG  1 
ATOM   248  C CD1 . LEU A 1 31  ? 2.113   -16.101 3.392   1.00 19.00  ? 139 LEU A CD1 1 
ATOM   249  C CD2 . LEU A 1 31  ? 2.571   -13.941 2.143   1.00 18.30  ? 139 LEU A CD2 1 
ATOM   250  N N   . GLN A 1 32  ? -1.040  -15.329 -0.847  1.00 17.54  ? 140 GLN A N   1 
ATOM   251  C CA  . GLN A 1 32  ? -2.048  -15.894 -1.770  1.00 20.61  ? 140 GLN A CA  1 
ATOM   252  C C   . GLN A 1 32  ? -2.946  -16.957 -1.135  1.00 21.72  ? 140 GLN A C   1 
ATOM   253  O O   . GLN A 1 32  ? -4.078  -17.166 -1.585  1.00 22.73  ? 140 GLN A O   1 
ATOM   254  C CB  . GLN A 1 32  ? -1.412  -16.383 -3.081  1.00 21.79  ? 140 GLN A CB  1 
ATOM   255  C CG  . GLN A 1 32  ? -0.796  -15.252 -3.905  1.00 23.17  ? 140 GLN A CG  1 
ATOM   256  C CD  . GLN A 1 32  ? -1.671  -14.007 -4.001  1.00 25.01  ? 140 GLN A CD  1 
ATOM   257  O OE1 . GLN A 1 32  ? -1.361  -12.947 -3.409  1.00 25.66  ? 140 GLN A OE1 1 
ATOM   258  N NE2 . GLN A 1 32  ? -2.771  -14.121 -4.733  1.00 23.93  ? 140 GLN A NE2 1 
ATOM   259  N N   . ASP A 1 33  ? -2.445  -17.587 -0.076  1.00 24.21  ? 141 ASP A N   1 
ATOM   260  C CA  . ASP A 1 33  ? -3.197  -18.600 0.664   1.00 27.88  ? 141 ASP A CA  1 
ATOM   261  C C   . ASP A 1 33  ? -4.140  -17.979 1.688   1.00 27.56  ? 141 ASP A C   1 
ATOM   262  O O   . ASP A 1 33  ? -4.843  -18.710 2.388   1.00 29.58  ? 141 ASP A O   1 
ATOM   263  C CB  . ASP A 1 33  ? -2.257  -19.616 1.337   1.00 30.03  ? 141 ASP A CB  1 
ATOM   264  C CG  . ASP A 1 33  ? -1.545  -19.060 2.583   1.00 32.52  ? 141 ASP A CG  1 
ATOM   265  O OD1 . ASP A 1 33  ? -1.719  -17.870 2.955   1.00 30.38  ? 141 ASP A OD1 1 
ATOM   266  O OD2 . ASP A 1 33  ? -0.791  -19.845 3.202   1.00 34.05  ? 141 ASP A OD2 1 
ATOM   267  N N   . GLY A 1 34  ? -4.130  -16.648 1.782   1.00 25.89  ? 142 GLY A N   1 
ATOM   268  C CA  . GLY A 1 34  ? -5.062  -15.900 2.628   1.00 25.00  ? 142 GLY A CA  1 
ATOM   269  C C   . GLY A 1 34  ? -4.559  -15.458 3.997   1.00 23.80  ? 142 GLY A C   1 
ATOM   270  O O   . GLY A 1 34  ? -5.255  -14.748 4.723   1.00 24.87  ? 142 GLY A O   1 
ATOM   271  N N   . THR A 1 35  ? -3.355  -15.886 4.354   1.00 24.07  ? 143 THR A N   1 
ATOM   272  C CA  . THR A 1 35  ? -2.699  -15.485 5.598   1.00 24.51  ? 143 THR A CA  1 
ATOM   273  C C   . THR A 1 35  ? -2.450  -13.983 5.617   1.00 23.72  ? 143 THR A C   1 
ATOM   274  O O   . THR A 1 35  ? -1.809  -13.446 4.694   1.00 20.87  ? 143 THR A O   1 
ATOM   275  C CB  . THR A 1 35  ? -1.348  -16.195 5.745   1.00 26.87  ? 143 THR A CB  1 
ATOM   276  O OG1 . THR A 1 35  ? -1.549  -17.603 5.592   1.00 29.07  ? 143 THR A OG1 1 
ATOM   277  C CG2 . THR A 1 35  ? -0.716  -15.906 7.097   1.00 26.85  ? 143 THR A CG2 1 
ATOM   278  N N   . VAL A 1 36  ? -2.953  -13.328 6.662   1.00 22.21  ? 144 VAL A N   1 
ATOM   279  C CA  . VAL A 1 36  ? -2.716  -11.898 6.863   1.00 21.86  ? 144 VAL A CA  1 
ATOM   280  C C   . VAL A 1 36  ? -1.357  -11.757 7.546   1.00 20.83  ? 144 VAL A C   1 
ATOM   281  O O   . VAL A 1 36  ? -1.173  -12.242 8.671   1.00 21.22  ? 144 VAL A O   1 
ATOM   282  C CB  . VAL A 1 36  ? -3.825  -11.212 7.716   1.00 22.20  ? 144 VAL A CB  1 
ATOM   283  C CG1 . VAL A 1 36  ? -3.494  -9.742  7.911   1.00 22.79  ? 144 VAL A CG1 1 
ATOM   284  C CG2 . VAL A 1 36  ? -5.198  -11.333 7.054   1.00 22.40  ? 144 VAL A CG2 1 
ATOM   285  N N   . PHE A 1 37  ? -0.398  -11.129 6.867   1.00 17.26  ? 145 PHE A N   1 
ATOM   286  C CA  . PHE A 1 37  ? 0.924   -10.933 7.464   1.00 17.46  ? 145 PHE A CA  1 
ATOM   287  C C   . PHE A 1 37  ? 1.051   -9.589  8.166   1.00 17.49  ? 145 PHE A C   1 
ATOM   288  O O   . PHE A 1 37  ? 1.924   -9.411  9.011   1.00 18.17  ? 145 PHE A O   1 
ATOM   289  C CB  . PHE A 1 37  ? 2.074   -11.146 6.456   1.00 16.51  ? 145 PHE A CB  1 
ATOM   290  C CG  . PHE A 1 37  ? 2.002   -10.254 5.241   1.00 16.08  ? 145 PHE A CG  1 
ATOM   291  C CD1 . PHE A 1 37  ? 2.473   -8.922  5.292   1.00 16.00  ? 145 PHE A CD1 1 
ATOM   292  C CD2 . PHE A 1 37  ? 1.483   -10.745 4.030   1.00 15.94  ? 145 PHE A CD2 1 
ATOM   293  C CE1 . PHE A 1 37  ? 2.413   -8.106  4.152   1.00 15.57  ? 145 PHE A CE1 1 
ATOM   294  C CE2 . PHE A 1 37  ? 1.427   -9.934  2.887   1.00 15.70  ? 145 PHE A CE2 1 
ATOM   295  C CZ  . PHE A 1 37  ? 1.897   -8.611  2.954   1.00 15.13  ? 145 PHE A CZ  1 
ATOM   296  N N   . ASP A 1 38  ? 0.193   -8.638  7.813   1.00 18.10  ? 146 ASP A N   1 
ATOM   297  C CA  . ASP A 1 38  ? 0.243   -7.311  8.435   1.00 19.81  ? 146 ASP A CA  1 
ATOM   298  C C   . ASP A 1 38  ? -0.986  -6.515  8.142   1.00 19.45  ? 146 ASP A C   1 
ATOM   299  O O   . ASP A 1 38  ? -1.657  -6.697  7.115   1.00 19.89  ? 146 ASP A O   1 
ATOM   300  C CB  . ASP A 1 38  ? 1.459   -6.516  7.951   1.00 20.18  ? 146 ASP A CB  1 
ATOM   301  C CG  . ASP A 1 38  ? 1.802   -5.315  8.841   1.00 23.42  ? 146 ASP A CG  1 
ATOM   302  O OD1 . ASP A 1 38  ? 1.313   -5.212  10.000  1.00 24.37  ? 146 ASP A OD1 1 
ATOM   303  O OD2 . ASP A 1 38  ? 2.611   -4.471  8.383   1.00 22.78  ? 146 ASP A OD2 1 
ATOM   304  N N   . THR A 1 39  ? -1.278  -5.617  9.076   1.00 20.41  ? 147 THR A N   1 
ATOM   305  C CA  . THR A 1 39  ? -2.240  -4.557  8.867   1.00 20.35  ? 147 THR A CA  1 
ATOM   306  C C   . THR A 1 39  ? -1.889  -3.387  9.786   1.00 20.24  ? 147 THR A C   1 
ATOM   307  O O   . THR A 1 39  ? -1.328  -3.575  10.883  1.00 21.42  ? 147 THR A O   1 
ATOM   308  C CB  . THR A 1 39  ? -3.695  -5.036  9.069   1.00 20.65  ? 147 THR A CB  1 
ATOM   309  O OG1 . THR A 1 39  ? -4.580  -3.959  8.786   1.00 21.07  ? 147 THR A OG1 1 
ATOM   310  C CG2 . THR A 1 39  ? -3.952  -5.541  10.533  1.00 22.23  ? 147 THR A CG2 1 
ATOM   311  N N   . ASN A 1 40  ? -2.168  -2.171  9.341   1.00 19.17  ? 148 ASN A N   1 
ATOM   312  C CA  . ASN A 1 40  ? -2.057  -1.065  10.257  1.00 19.43  ? 148 ASN A CA  1 
ATOM   313  C C   . ASN A 1 40  ? -3.443  -0.618  10.727  1.00 20.39  ? 148 ASN A C   1 
ATOM   314  O O   . ASN A 1 40  ? -3.569  0.414   11.385  1.00 21.72  ? 148 ASN A O   1 
ATOM   315  C CB  . ASN A 1 40  ? -1.220  0.092   9.702   1.00 17.60  ? 148 ASN A CB  1 
ATOM   316  C CG  . ASN A 1 40  ? -1.912  0.839   8.579   1.00 15.70  ? 148 ASN A CG  1 
ATOM   317  O OD1 . ASN A 1 40  ? -2.894  0.373   8.006   1.00 15.04  ? 148 ASN A OD1 1 
ATOM   318  N ND2 . ASN A 1 40  ? -1.390  2.013   8.261   1.00 15.29  ? 148 ASN A ND2 1 
ATOM   319  N N   . ILE A 1 41  ? -4.472  -1.381  10.368  1.00 21.23  ? 149 ILE A N   1 
ATOM   320  C CA  . ILE A 1 41  ? -5.833  -1.084  10.810  1.00 23.80  ? 149 ILE A CA  1 
ATOM   321  C C   . ILE A 1 41  ? -6.020  -1.655  12.226  1.00 26.03  ? 149 ILE A C   1 
ATOM   322  O O   . ILE A 1 41  ? -6.047  -2.879  12.419  1.00 25.47  ? 149 ILE A O   1 
ATOM   323  C CB  . ILE A 1 41  ? -6.893  -1.598  9.823   1.00 24.47  ? 149 ILE A CB  1 
ATOM   324  C CG1 . ILE A 1 41  ? -6.692  -0.921  8.461   1.00 25.66  ? 149 ILE A CG1 1 
ATOM   325  C CG2 . ILE A 1 41  ? -8.309  -1.325  10.353  1.00 25.11  ? 149 ILE A CG2 1 
ATOM   326  C CD1 . ILE A 1 41  ? -7.432  -1.584  7.313   1.00 25.92  ? 149 ILE A CD1 1 
ATOM   327  N N   . GLN A 1 42  ? -6.122  -0.762  13.209  1.00 29.81  ? 150 GLN A N   1 
ATOM   328  C CA  . GLN A 1 42  ? -6.173  -1.183  14.623  1.00 33.41  ? 150 GLN A CA  1 
ATOM   329  C C   . GLN A 1 42  ? -7.543  -1.742  14.981  1.00 35.32  ? 150 GLN A C   1 
ATOM   330  O O   . GLN A 1 42  ? -8.568  -1.142  14.650  1.00 36.66  ? 150 GLN A O   1 
ATOM   331  C CB  . GLN A 1 42  ? -5.781  -0.041  15.568  1.00 35.66  ? 150 GLN A CB  1 
ATOM   332  C CG  . GLN A 1 42  ? -4.373  0.521   15.348  1.00 40.94  ? 150 GLN A CG  1 
ATOM   333  C CD  . GLN A 1 42  ? -3.252  -0.518  15.409  1.00 43.09  ? 150 GLN A CD  1 
ATOM   334  O OE1 . GLN A 1 42  ? -3.240  -1.388  16.276  1.00 44.85  ? 150 GLN A OE1 1 
ATOM   335  N NE2 . GLN A 1 42  ? -2.294  -0.413  14.488  1.00 42.90  ? 150 GLN A NE2 1 
ATOM   336  N N   . THR A 1 43  ? -7.549  -2.905  15.631  1.00 36.55  ? 151 THR A N   1 
ATOM   337  C CA  . THR A 1 43  ? -8.808  -3.571  16.012  1.00 37.99  ? 151 THR A CA  1 
ATOM   338  C C   . THR A 1 43  ? -9.152  -3.467  17.512  1.00 40.92  ? 151 THR A C   1 
ATOM   339  O O   . THR A 1 43  ? -10.297 -3.717  17.890  1.00 42.24  ? 151 THR A O   1 
ATOM   340  C CB  . THR A 1 43  ? -8.848  -5.040  15.558  1.00 35.98  ? 151 THR A CB  1 
ATOM   341  O OG1 . THR A 1 43  ? -7.728  -5.737  16.111  1.00 33.23  ? 151 THR A OG1 1 
ATOM   342  C CG2 . THR A 1 43  ? -8.844  -5.152  14.034  1.00 36.35  ? 151 THR A CG2 1 
ATOM   343  N N   . SER A 1 44  ? -8.168  -3.110  18.349  1.00 41.71  ? 152 SER A N   1 
ATOM   344  C CA  . SER A 1 44  ? -8.391  -2.682  19.748  1.00 46.68  ? 152 SER A CA  1 
ATOM   345  C C   . SER A 1 44  ? -9.334  -1.486  19.765  1.00 50.87  ? 152 SER A C   1 
ATOM   346  O O   . SER A 1 44  ? -9.500  -0.807  18.739  1.00 53.81  ? 152 SER A O   1 
ATOM   347  C CB  . SER A 1 44  ? -7.073  -2.251  20.401  1.00 47.32  ? 152 SER A CB  1 
ATOM   348  O OG  . SER A 1 44  ? -6.382  -3.344  20.963  1.00 50.75  ? 152 SER A OG  1 
ATOM   349  N N   . ALA A 1 45  ? -9.953  -1.221  20.913  1.00 52.27  ? 153 ALA A N   1 
ATOM   350  C CA  . ALA A 1 45  ? -10.801 -0.039  21.063  1.00 58.64  ? 153 ALA A CA  1 
ATOM   351  C C   . ALA A 1 45  ? -9.963  1.263   21.000  1.00 62.99  ? 153 ALA A C   1 
ATOM   352  O O   . ALA A 1 45  ? -9.758  1.932   22.014  1.00 66.14  ? 153 ALA A O   1 
ATOM   353  C CB  . ALA A 1 45  ? -11.614 -0.139  22.346  1.00 58.61  ? 153 ALA A CB  1 
ATOM   354  N N   . LYS A 1 46  ? -9.477  1.595   19.795  1.00 70.32  ? 154 LYS A N   1 
ATOM   355  C CA  . LYS A 1 46  ? -8.499  2.683   19.560  1.00 73.70  ? 154 LYS A CA  1 
ATOM   356  C C   . LYS A 1 46  ? -8.914  3.640   18.443  1.00 79.26  ? 154 LYS A C   1 
ATOM   357  O O   . LYS A 1 46  ? -9.043  4.846   18.685  1.00 79.16  ? 154 LYS A O   1 
ATOM   358  C CB  . LYS A 1 46  ? -7.077  2.132   19.302  1.00 67.72  ? 154 LYS A CB  1 
ATOM   359  C CG  . LYS A 1 46  ? -6.453  1.385   20.477  1.00 64.48  ? 154 LYS A CG  1 
ATOM   360  C CD  . LYS A 1 46  ? -6.424  2.230   21.747  1.00 64.42  ? 154 LYS A CD  1 
ATOM   361  C CE  . LYS A 1 46  ? -6.371  1.375   23.002  1.00 66.63  ? 154 LYS A CE  1 
ATOM   362  N NZ  . LYS A 1 46  ? -7.650  0.664   23.289  1.00 66.62  ? 154 LYS A NZ  1 
ATOM   363  N N   . LYS A 1 47  ? -9.102  3.093   17.235  1.00 86.23  ? 155 LYS A N   1 
ATOM   364  C CA  . LYS A 1 47  ? -9.662  3.798   16.055  1.00 95.25  ? 155 LYS A CA  1 
ATOM   365  C C   . LYS A 1 47  ? -9.172  5.258   15.875  1.00 100.42 ? 155 LYS A C   1 
ATOM   366  O O   . LYS A 1 47  ? -7.964  5.519   15.953  1.00 100.24 ? 155 LYS A O   1 
ATOM   367  C CB  . LYS A 1 47  ? -11.206 3.699   16.056  1.00 98.57  ? 155 LYS A CB  1 
ATOM   368  C CG  . LYS A 1 47  ? -11.872 3.903   14.699  1.00 98.83  ? 155 LYS A CG  1 
ATOM   369  C CD  . LYS A 1 47  ? -13.244 4.548   14.843  1.00 98.97  ? 155 LYS A CD  1 
ATOM   370  C CE  . LYS A 1 47  ? -13.650 5.254   13.558  1.00 97.08  ? 155 LYS A CE  1 
ATOM   371  N NZ  . LYS A 1 47  ? -15.105 5.565   13.526  1.00 96.19  ? 155 LYS A NZ  1 
ATOM   372  N N   . LYS A 1 48  ? -10.119 6.177   15.642  1.00 103.99 ? 156 LYS A N   1 
ATOM   373  C CA  . LYS A 1 48  ? -9.886  7.616   15.479  1.00 101.36 ? 156 LYS A CA  1 
ATOM   374  C C   . LYS A 1 48  ? -9.312  8.223   16.761  1.00 100.64 ? 156 LYS A C   1 
ATOM   375  O O   . LYS A 1 48  ? -9.624  7.765   17.868  1.00 101.70 ? 156 LYS A O   1 
ATOM   376  C CB  . LYS A 1 48  ? -11.201 8.317   15.101  1.00 99.11  ? 156 LYS A CB  1 
ATOM   377  C CG  . LYS A 1 48  ? -11.038 9.721   14.525  1.00 96.36  ? 156 LYS A CG  1 
ATOM   378  C CD  . LYS A 1 48  ? -12.165 10.651  14.962  1.00 95.31  ? 156 LYS A CD  1 
ATOM   379  C CE  . LYS A 1 48  ? -13.330 10.628  13.971  1.00 94.08  ? 156 LYS A CE  1 
ATOM   380  N NZ  . LYS A 1 48  ? -14.226 11.799  14.175  1.00 92.31  ? 156 LYS A NZ  1 
ATOM   381  N N   . LYS A 1 49  ? -8.463  9.240   16.586  1.00 99.85  ? 157 LYS A N   1 
ATOM   382  C CA  . LYS A 1 49  ? -7.798  9.990   17.679  1.00 94.73  ? 157 LYS A CA  1 
ATOM   383  C C   . LYS A 1 49  ? -6.750  9.179   18.485  1.00 88.81  ? 157 LYS A C   1 
ATOM   384  O O   . LYS A 1 49  ? -6.216  9.662   19.492  1.00 89.53  ? 157 LYS A O   1 
ATOM   385  C CB  . LYS A 1 49  ? -8.828  10.728  18.572  1.00 95.12  ? 157 LYS A CB  1 
ATOM   386  C CG  . LYS A 1 49  ? -9.649  11.783  17.828  1.00 93.85  ? 157 LYS A CG  1 
ATOM   387  C CD  . LYS A 1 49  ? -11.046 11.967  18.406  1.00 91.48  ? 157 LYS A CD  1 
ATOM   388  C CE  . LYS A 1 49  ? -11.086 13.042  19.483  1.00 76.56  ? 157 LYS A CE  1 
ATOM   389  N NZ  . LYS A 1 49  ? -12.481 13.368  19.892  1.00 84.04  ? 157 LYS A NZ  1 
ATOM   390  N N   . ASN A 1 50  ? -6.458  7.958   18.020  1.00 78.52  ? 158 ASN A N   1 
ATOM   391  C CA  . ASN A 1 50  ? -5.365  7.130   18.536  1.00 71.59  ? 158 ASN A CA  1 
ATOM   392  C C   . ASN A 1 50  ? -4.440  6.646   17.409  1.00 65.66  ? 158 ASN A C   1 
ATOM   393  O O   . ASN A 1 50  ? -3.269  7.037   17.340  1.00 64.51  ? 158 ASN A O   1 
ATOM   394  C CB  . ASN A 1 50  ? -5.905  5.935   19.336  1.00 75.45  ? 158 ASN A CB  1 
ATOM   395  C CG  . ASN A 1 50  ? -6.315  6.304   20.754  1.00 80.49  ? 158 ASN A CG  1 
ATOM   396  O OD1 . ASN A 1 50  ? -5.583  6.985   21.479  1.00 79.63  ? 158 ASN A OD1 1 
ATOM   397  N ND2 . ASN A 1 50  ? -7.488  5.829   21.165  1.00 81.50  ? 158 ASN A ND2 1 
ATOM   398  N N   . ALA A 1 51  ? -4.981  5.805   16.528  1.00 56.73  ? 159 ALA A N   1 
ATOM   399  C CA  . ALA A 1 51  ? -4.223  5.201   15.431  1.00 48.23  ? 159 ALA A CA  1 
ATOM   400  C C   . ALA A 1 51  ? -4.038  6.176   14.282  1.00 41.13  ? 159 ALA A C   1 
ATOM   401  O O   . ALA A 1 51  ? -4.972  6.872   13.895  1.00 41.70  ? 159 ALA A O   1 
ATOM   402  C CB  . ALA A 1 51  ? -4.925  3.948   14.943  1.00 46.31  ? 159 ALA A CB  1 
ATOM   403  N N   . LYS A 1 52  ? -2.827  6.206   13.740  1.00 36.09  ? 160 LYS A N   1 
ATOM   404  C CA  . LYS A 1 52  ? -2.504  7.031   12.585  1.00 33.74  ? 160 LYS A CA  1 
ATOM   405  C C   . LYS A 1 52  ? -2.225  6.148   11.354  1.00 29.49  ? 160 LYS A C   1 
ATOM   406  O O   . LYS A 1 52  ? -1.611  5.068   11.497  1.00 26.67  ? 160 LYS A O   1 
ATOM   407  C CB  . LYS A 1 52  ? -1.283  7.904   12.890  1.00 38.13  ? 160 LYS A CB  1 
ATOM   408  C CG  . LYS A 1 52  ? -1.577  9.224   13.596  1.00 43.05  ? 160 LYS A CG  1 
ATOM   409  C CD  . LYS A 1 52  ? -0.269  9.958   13.870  1.00 47.49  ? 160 LYS A CD  1 
ATOM   410  C CE  . LYS A 1 52  ? -0.444  11.468  13.900  1.00 50.95  ? 160 LYS A CE  1 
ATOM   411  N NZ  . LYS A 1 52  ? 0.881   12.151  13.957  1.00 52.22  ? 160 LYS A NZ  1 
ATOM   412  N N   . PRO A 1 53  ? -2.634  6.609   10.146  1.00 26.60  ? 161 PRO A N   1 
ATOM   413  C CA  . PRO A 1 53  ? -2.279  5.848   8.919   1.00 23.43  ? 161 PRO A CA  1 
ATOM   414  C C   . PRO A 1 53  ? -0.782  5.844   8.663   1.00 22.22  ? 161 PRO A C   1 
ATOM   415  O O   . PRO A 1 53  ? -0.028  6.578   9.333   1.00 21.16  ? 161 PRO A O   1 
ATOM   416  C CB  . PRO A 1 53  ? -3.032  6.586   7.796   1.00 25.40  ? 161 PRO A CB  1 
ATOM   417  C CG  . PRO A 1 53  ? -3.297  7.966   8.331   1.00 26.35  ? 161 PRO A CG  1 
ATOM   418  C CD  . PRO A 1 53  ? -3.381  7.851   9.835   1.00 26.03  ? 161 PRO A CD  1 
ATOM   419  N N   . LEU A 1 54  ? -0.331  4.994   7.736   1.00 19.55  ? 162 LEU A N   1 
ATOM   420  C CA  . LEU A 1 54  ? 1.075   4.982   7.373   1.00 18.85  ? 162 LEU A CA  1 
ATOM   421  C C   . LEU A 1 54  ? 1.366   6.182   6.466   1.00 17.71  ? 162 LEU A C   1 
ATOM   422  O O   . LEU A 1 54  ? 0.629   6.414   5.487   1.00 16.83  ? 162 LEU A O   1 
ATOM   423  C CB  . LEU A 1 54  ? 1.451   3.663   6.672   1.00 19.10  ? 162 LEU A CB  1 
ATOM   424  C CG  . LEU A 1 54  ? 2.841   3.621   6.017   1.00 20.76  ? 162 LEU A CG  1 
ATOM   425  C CD1 . LEU A 1 54  ? 3.957   3.465   7.061   1.00 22.01  ? 162 LEU A CD1 1 
ATOM   426  C CD2 . LEU A 1 54  ? 2.880   2.518   4.979   1.00 19.65  ? 162 LEU A CD2 1 
ATOM   427  N N   . SER A 1 55  ? 2.425   6.928   6.792   1.00 18.02  ? 163 SER A N   1 
ATOM   428  C CA  . SER A 1 55  ? 2.871   8.059   5.978   1.00 18.99  ? 163 SER A CA  1 
ATOM   429  C C   . SER A 1 55  ? 4.220   7.799   5.371   1.00 18.55  ? 163 SER A C   1 
ATOM   430  O O   . SER A 1 55  ? 5.143   7.378   6.073   1.00 19.11  ? 163 SER A O   1 
ATOM   431  C CB  . SER A 1 55  ? 3.002   9.341   6.831   1.00 21.82  ? 163 SER A CB  1 
ATOM   432  O OG  . SER A 1 55  ? 1.743   9.688   7.374   1.00 28.48  ? 163 SER A OG  1 
ATOM   433  N N   . PHE A 1 56  ? 4.358   8.082   4.080   1.00 17.55  ? 164 PHE A N   1 
ATOM   434  C CA  . PHE A 1 56  ? 5.660   7.987   3.415   1.00 16.49  ? 164 PHE A CA  1 
ATOM   435  C C   . PHE A 1 56  ? 5.694   8.858   2.177   1.00 16.16  ? 164 PHE A C   1 
ATOM   436  O O   . PHE A 1 56  ? 4.649   9.175   1.582   1.00 15.07  ? 164 PHE A O   1 
ATOM   437  C CB  . PHE A 1 56  ? 6.027   6.533   3.063   1.00 16.92  ? 164 PHE A CB  1 
ATOM   438  C CG  . PHE A 1 56  ? 5.100   5.894   2.071   1.00 17.09  ? 164 PHE A CG  1 
ATOM   439  C CD1 . PHE A 1 56  ? 3.924   5.256   2.502   1.00 17.92  ? 164 PHE A CD1 1 
ATOM   440  C CD2 . PHE A 1 56  ? 5.397   5.912   0.695   1.00 17.32  ? 164 PHE A CD2 1 
ATOM   441  C CE1 . PHE A 1 56  ? 3.065   4.655   1.574   1.00 17.61  ? 164 PHE A CE1 1 
ATOM   442  C CE2 . PHE A 1 56  ? 4.539   5.314   -0.233  1.00 17.46  ? 164 PHE A CE2 1 
ATOM   443  C CZ  . PHE A 1 56  ? 3.380   4.684   0.215   1.00 17.08  ? 164 PHE A CZ  1 
ATOM   444  N N   . LYS A 1 57  ? 6.906   9.243   1.798   1.00 16.09  ? 165 LYS A N   1 
ATOM   445  C CA  . LYS A 1 57  ? 7.119   9.997   0.578   1.00 16.68  ? 165 LYS A CA  1 
ATOM   446  C C   . LYS A 1 57  ? 7.080   8.996   -0.554  1.00 15.91  ? 165 LYS A C   1 
ATOM   447  O O   . LYS A 1 57  ? 7.777   7.986   -0.500  1.00 15.90  ? 165 LYS A O   1 
ATOM   448  C CB  . LYS A 1 57  ? 8.470   10.688  0.630   1.00 18.89  ? 165 LYS A CB  1 
ATOM   449  C CG  . LYS A 1 57  ? 8.720   11.617  -0.548  1.00 22.45  ? 165 LYS A CG  1 
ATOM   450  C CD  . LYS A 1 57  ? 10.062  12.335  -0.414  1.00 25.67  ? 165 LYS A CD  1 
ATOM   451  C CE  . LYS A 1 57  ? 9.948   13.652  0.344   1.00 28.48  ? 165 LYS A CE  1 
ATOM   452  N NZ  . LYS A 1 57  ? 9.400   14.713  -0.560  1.00 32.56  ? 165 LYS A NZ  1 
ATOM   453  N N   . VAL A 1 58  ? 6.288   9.292   -1.581  1.00 14.74  ? 166 VAL A N   1 
ATOM   454  C CA  . VAL A 1 58  ? 6.002   8.337   -2.662  1.00 14.78  ? 166 VAL A CA  1 
ATOM   455  C C   . VAL A 1 58  ? 6.936   8.571   -3.864  1.00 14.89  ? 166 VAL A C   1 
ATOM   456  O O   . VAL A 1 58  ? 7.381   9.696   -4.110  1.00 13.96  ? 166 VAL A O   1 
ATOM   457  C CB  . VAL A 1 58  ? 4.485   8.385   -3.049  1.00 14.48  ? 166 VAL A CB  1 
ATOM   458  C CG1 . VAL A 1 58  ? 4.116   9.682   -3.763  1.00 14.09  ? 166 VAL A CG1 1 
ATOM   459  C CG2 . VAL A 1 58  ? 4.066   7.167   -3.881  1.00 13.64  ? 166 VAL A CG2 1 
ATOM   460  N N   . GLY A 1 59  ? 7.270   7.481   -4.553  1.00 16.36  ? 167 GLY A N   1 
ATOM   461  C CA  . GLY A 1 59  ? 8.009   7.525   -5.817  1.00 18.06  ? 167 GLY A CA  1 
ATOM   462  C C   . GLY A 1 59  ? 9.506   7.669   -5.664  1.00 19.51  ? 167 GLY A C   1 
ATOM   463  O O   . GLY A 1 59  ? 10.197  8.046   -6.617  1.00 19.94  ? 167 GLY A O   1 
ATOM   464  N N   . VAL A 1 60  ? 10.026  7.386   -4.473  1.00 19.77  ? 168 VAL A N   1 
ATOM   465  C CA  . VAL A 1 60  ? 11.460  7.544   -4.231  1.00 21.32  ? 168 VAL A CA  1 
ATOM   466  C C   . VAL A 1 60  ? 12.152  6.306   -3.637  1.00 21.61  ? 168 VAL A C   1 
ATOM   467  O O   . VAL A 1 60  ? 13.287  6.391   -3.181  1.00 22.34  ? 168 VAL A O   1 
ATOM   468  C CB  . VAL A 1 60  ? 11.793  8.836   -3.420  1.00 22.09  ? 168 VAL A CB  1 
ATOM   469  C CG1 . VAL A 1 60  ? 11.311  10.094  -4.155  1.00 21.23  ? 168 VAL A CG1 1 
ATOM   470  C CG2 . VAL A 1 60  ? 11.220  8.776   -2.001  1.00 23.10  ? 168 VAL A CG2 1 
ATOM   471  N N   . GLY A 1 61  ? 11.480  5.157   -3.650  1.00 20.75  ? 169 GLY A N   1 
ATOM   472  C CA  . GLY A 1 61  ? 12.088  3.943   -3.119  1.00 20.22  ? 169 GLY A CA  1 
ATOM   473  C C   . GLY A 1 61  ? 11.925  3.685   -1.630  1.00 20.31  ? 169 GLY A C   1 
ATOM   474  O O   . GLY A 1 61  ? 12.609  2.821   -1.089  1.00 21.07  ? 169 GLY A O   1 
ATOM   475  N N   . LYS A 1 62  ? 11.006  4.398   -0.967  1.00 19.19  ? 170 LYS A N   1 
ATOM   476  C CA  . LYS A 1 62  ? 10.773  4.213   0.472   1.00 19.63  ? 170 LYS A CA  1 
ATOM   477  C C   . LYS A 1 62  ? 9.890   3.000   0.789   1.00 17.64  ? 170 LYS A C   1 
ATOM   478  O O   . LYS A 1 62  ? 9.842   2.537   1.930   1.00 18.32  ? 170 LYS A O   1 
ATOM   479  C CB  . LYS A 1 62  ? 10.187  5.488   1.107   1.00 21.55  ? 170 LYS A CB  1 
ATOM   480  C CG  . LYS A 1 62  ? 11.159  6.671   1.137   1.00 25.33  ? 170 LYS A CG  1 
ATOM   481  C CD  . LYS A 1 62  ? 12.274  6.499   2.164   1.00 29.39  ? 170 LYS A CD  1 
ATOM   482  C CE  . LYS A 1 62  ? 13.105  7.776   2.327   1.00 33.20  ? 170 LYS A CE  1 
ATOM   483  N NZ  . LYS A 1 62  ? 13.960  8.172   1.169   1.00 36.32  ? 170 LYS A NZ  1 
ATOM   484  N N   . VAL A 1 63  ? 9.188   2.501   -0.223  1.00 15.45  ? 171 VAL A N   1 
ATOM   485  C CA  . VAL A 1 63  ? 8.314   1.322   -0.078  1.00 14.26  ? 171 VAL A CA  1 
ATOM   486  C C   . VAL A 1 63  ? 8.633   0.328   -1.187  1.00 14.33  ? 171 VAL A C   1 
ATOM   487  O O   . VAL A 1 63  ? 9.351   0.675   -2.124  1.00 14.50  ? 171 VAL A O   1 
ATOM   488  C CB  . VAL A 1 63  ? 6.819   1.688   -0.103  1.00 13.80  ? 171 VAL A CB  1 
ATOM   489  C CG1 . VAL A 1 63  ? 6.423   2.451   1.176   1.00 13.02  ? 171 VAL A CG1 1 
ATOM   490  C CG2 . VAL A 1 63  ? 6.453   2.458   -1.380  1.00 13.38  ? 171 VAL A CG2 1 
ATOM   491  N N   . ILE A 1 64  ? 8.124   -0.904  -1.074  1.00 13.68  ? 172 ILE A N   1 
ATOM   492  C CA  . ILE A 1 64  ? 8.293   -1.899  -2.135  1.00 12.93  ? 172 ILE A CA  1 
ATOM   493  C C   . ILE A 1 64  ? 7.761   -1.355  -3.462  1.00 12.86  ? 172 ILE A C   1 
ATOM   494  O O   . ILE A 1 64  ? 6.837   -0.521  -3.494  1.00 11.56  ? 172 ILE A O   1 
ATOM   495  C CB  . ILE A 1 64  ? 7.670   -3.282  -1.798  1.00 13.22  ? 172 ILE A CB  1 
ATOM   496  C CG1 . ILE A 1 64  ? 6.179   -3.162  -1.426  1.00 13.92  ? 172 ILE A CG1 1 
ATOM   497  C CG2 . ILE A 1 64  ? 8.468   -3.948  -0.675  1.00 13.50  ? 172 ILE A CG2 1 
ATOM   498  C CD1 . ILE A 1 64  ? 5.407   -4.480  -1.475  1.00 13.70  ? 172 ILE A CD1 1 
ATOM   499  N N   . ARG A 1 65  ? 8.408   -1.783  -4.540  1.00 12.45  ? 173 ARG A N   1 
ATOM   500  C CA  . ARG A 1 65  ? 8.152   -1.230  -5.872  1.00 12.86  ? 173 ARG A CA  1 
ATOM   501  C C   . ARG A 1 65  ? 6.691   -1.179  -6.274  1.00 11.87  ? 173 ARG A C   1 
ATOM   502  O O   . ARG A 1 65  ? 6.242   -0.163  -6.796  1.00 11.60  ? 173 ARG A O   1 
ATOM   503  C CB  . ARG A 1 65  ? 8.955   -1.986  -6.931  1.00 14.21  ? 173 ARG A CB  1 
ATOM   504  C CG  . ARG A 1 65  ? 8.843   -1.344  -8.304  1.00 17.33  ? 173 ARG A CG  1 
ATOM   505  C CD  . ARG A 1 65  ? 9.661   -0.049  -8.451  1.00 20.23  ? 173 ARG A CD  1 
ATOM   506  N NE  . ARG A 1 65  ? 9.471   0.478   -9.810  1.00 23.16  ? 173 ARG A NE  1 
ATOM   507  C CZ  . ARG A 1 65  ? 10.071  0.021   -10.916 1.00 24.84  ? 173 ARG A CZ  1 
ATOM   508  N NH1 . ARG A 1 65  ? 10.966  -0.967  -10.866 1.00 24.56  ? 173 ARG A NH1 1 
ATOM   509  N NH2 . ARG A 1 65  ? 9.762   0.565   -12.098 1.00 25.26  ? 173 ARG A NH2 1 
ATOM   510  N N   . GLY A 1 66  ? 5.963   -2.285  -6.039  1.00 10.87  ? 174 GLY A N   1 
ATOM   511  C CA  . GLY A 1 66  ? 4.534   -2.379  -6.301  1.00 10.31  ? 174 GLY A CA  1 
ATOM   512  C C   . GLY A 1 66  ? 3.700   -1.245  -5.689  1.00 10.55  ? 174 GLY A C   1 
ATOM   513  O O   . GLY A 1 66  ? 2.842   -0.704  -6.351  1.00 9.48   ? 174 GLY A O   1 
ATOM   514  N N   . TRP A 1 67  ? 3.980   -0.899  -4.433  1.00 11.11  ? 175 TRP A N   1 
ATOM   515  C CA  . TRP A 1 67  ? 3.335   0.254   -3.797  1.00 11.33  ? 175 TRP A CA  1 
ATOM   516  C C   . TRP A 1 67  ? 3.741   1.598   -4.428  1.00 11.80  ? 175 TRP A C   1 
ATOM   517  O O   . TRP A 1 67  ? 2.863   2.428   -4.687  1.00 12.63  ? 175 TRP A O   1 
ATOM   518  C CB  . TRP A 1 67  ? 3.706   0.306   -2.326  1.00 11.42  ? 175 TRP A CB  1 
ATOM   519  C CG  . TRP A 1 67  ? 2.809   -0.467  -1.443  1.00 12.17  ? 175 TRP A CG  1 
ATOM   520  C CD1 . TRP A 1 67  ? 2.597   -1.821  -1.458  1.00 12.48  ? 175 TRP A CD1 1 
ATOM   521  C CD2 . TRP A 1 67  ? 1.993   0.060   -0.392  1.00 12.11  ? 175 TRP A CD2 1 
ATOM   522  N NE1 . TRP A 1 67  ? 1.705   -2.175  -0.464  1.00 12.52  ? 175 TRP A NE1 1 
ATOM   523  C CE2 . TRP A 1 67  ? 1.311   -1.042  0.201   1.00 12.60  ? 175 TRP A CE2 1 
ATOM   524  C CE3 . TRP A 1 67  ? 1.767   1.356   0.106   1.00 12.25  ? 175 TRP A CE3 1 
ATOM   525  C CZ2 . TRP A 1 67  ? 0.425   -0.887  1.290   1.00 12.59  ? 175 TRP A CZ2 1 
ATOM   526  C CZ3 . TRP A 1 67  ? 0.895   1.514   1.196   1.00 12.59  ? 175 TRP A CZ3 1 
ATOM   527  C CH2 . TRP A 1 67  ? 0.228   0.397   1.770   1.00 12.42  ? 175 TRP A CH2 1 
ATOM   528  N N   . ASP A 1 68  ? 5.043   1.815   -4.615  1.00 12.16  ? 176 ASP A N   1 
ATOM   529  C CA  . ASP A 1 68  ? 5.569   3.059   -5.189  1.00 13.37  ? 176 ASP A CA  1 
ATOM   530  C C   . ASP A 1 68  ? 4.939   3.333   -6.553  1.00 13.94  ? 176 ASP A C   1 
ATOM   531  O O   . ASP A 1 68  ? 4.533   4.469   -6.839  1.00 14.82  ? 176 ASP A O   1 
ATOM   532  C CB  . ASP A 1 68  ? 7.090   2.999   -5.317  1.00 14.46  ? 176 ASP A CB  1 
ATOM   533  C CG  . ASP A 1 68  ? 7.791   4.020   -4.451  1.00 14.85  ? 176 ASP A CG  1 
ATOM   534  O OD1 . ASP A 1 68  ? 7.128   4.822   -3.760  1.00 14.89  ? 176 ASP A OD1 1 
ATOM   535  O OD2 . ASP A 1 68  ? 9.025   4.050   -4.502  1.00 16.44  ? 176 ASP A OD2 1 
ATOM   536  N N   . GLU A 1 69  ? 4.801   2.275   -7.351  1.00 13.28  ? 177 GLU A N   1 
ATOM   537  C CA  . GLU A 1 69  ? 4.157   2.371   -8.677  1.00 13.87  ? 177 GLU A CA  1 
ATOM   538  C C   . GLU A 1 69  ? 2.626   2.537   -8.587  1.00 12.87  ? 177 GLU A C   1 
ATOM   539  O O   . GLU A 1 69  ? 2.073   3.485   -9.161  1.00 13.23  ? 177 GLU A O   1 
ATOM   540  C CB  . GLU A 1 69  ? 4.548   1.168   -9.555  1.00 14.69  ? 177 GLU A CB  1 
ATOM   541  C CG  . GLU A 1 69  ? 6.037   1.134   -9.884  1.00 16.32  ? 177 GLU A CG  1 
ATOM   542  C CD  . GLU A 1 69  ? 6.462   2.149   -10.935 1.00 18.88  ? 177 GLU A CD  1 
ATOM   543  O OE1 . GLU A 1 69  ? 5.603   2.821   -11.558 1.00 20.49  ? 177 GLU A OE1 1 
ATOM   544  O OE2 . GLU A 1 69  ? 7.678   2.296   -11.120 1.00 20.62  ? 177 GLU A OE2 1 
ATOM   545  N N   . ALA A 1 70  ? 1.945   1.655   -7.850  1.00 12.23  ? 178 ALA A N   1 
ATOM   546  C CA  . ALA A 1 70  ? 0.478   1.728   -7.736  1.00 11.89  ? 178 ALA A CA  1 
ATOM   547  C C   . ALA A 1 70  ? -0.037  3.049   -7.157  1.00 11.57  ? 178 ALA A C   1 
ATOM   548  O O   . ALA A 1 70  ? -1.063  3.563   -7.626  1.00 11.30  ? 178 ALA A O   1 
ATOM   549  C CB  . ALA A 1 70  ? -0.077  0.591   -6.906  1.00 11.98  ? 178 ALA A CB  1 
ATOM   550  N N   . LEU A 1 71  ? 0.645   3.582   -6.142  1.00 11.55  ? 179 LEU A N   1 
ATOM   551  C CA  . LEU A 1 71  ? 0.119   4.782   -5.459  1.00 11.44  ? 179 LEU A CA  1 
ATOM   552  C C   . LEU A 1 71  ? -0.028  5.982   -6.399  1.00 11.63  ? 179 LEU A C   1 
ATOM   553  O O   . LEU A 1 71  ? -0.952  6.785   -6.254  1.00 10.86  ? 179 LEU A O   1 
ATOM   554  C CB  . LEU A 1 71  ? 0.951   5.136   -4.235  1.00 11.90  ? 179 LEU A CB  1 
ATOM   555  C CG  . LEU A 1 71  ? 0.367   4.632   -2.893  1.00 12.17  ? 179 LEU A CG  1 
ATOM   556  C CD1 . LEU A 1 71  ? -0.962  5.314   -2.580  1.00 12.69  ? 179 LEU A CD1 1 
ATOM   557  C CD2 . LEU A 1 71  ? 0.195   3.114   -2.836  1.00 12.82  ? 179 LEU A CD2 1 
ATOM   558  N N   . LEU A 1 72  ? 0.866   6.057   -7.384  1.00 11.54  ? 180 LEU A N   1 
ATOM   559  C CA  . LEU A 1 72  ? 0.887   7.162   -8.368  1.00 11.69  ? 180 LEU A CA  1 
ATOM   560  C C   . LEU A 1 72  ? -0.334  7.103   -9.306  1.00 12.16  ? 180 LEU A C   1 
ATOM   561  O O   . LEU A 1 72  ? -0.682  8.102   -9.958  1.00 12.16  ? 180 LEU A O   1 
ATOM   562  C CB  . LEU A 1 72  ? 2.203   7.130   -9.162  1.00 12.33  ? 180 LEU A CB  1 
ATOM   563  C CG  . LEU A 1 72  ? 3.492   7.293   -8.366  1.00 12.43  ? 180 LEU A CG  1 
ATOM   564  C CD1 . LEU A 1 72  ? 4.689   7.054   -9.289  1.00 14.01  ? 180 LEU A CD1 1 
ATOM   565  C CD2 . LEU A 1 72  ? 3.561   8.668   -7.727  1.00 12.86  ? 180 LEU A CD2 1 
ATOM   566  N N   . THR A 1 73  ? -1.017  5.961   -9.304  1.00 11.33  ? 181 THR A N   1 
ATOM   567  C CA  . THR A 1 73  ? -2.227  5.771   -10.101 1.00 11.74  ? 181 THR A CA  1 
ATOM   568  C C   . THR A 1 73  ? -3.507  5.934   -9.306  1.00 11.63  ? 181 THR A C   1 
ATOM   569  O O   . THR A 1 73  ? -4.600  5.856   -9.895  1.00 12.30  ? 181 THR A O   1 
ATOM   570  C CB  . THR A 1 73  ? -2.291  4.371   -10.775 1.00 11.83  ? 181 THR A CB  1 
ATOM   571  O OG1 . THR A 1 73  ? -2.597  3.382   -9.783  1.00 12.08  ? 181 THR A OG1 1 
ATOM   572  C CG2 . THR A 1 73  ? -0.970  4.021   -11.517 1.00 11.81  ? 181 THR A CG2 1 
ATOM   573  N N   . MET A 1 74  ? -3.405  6.112   -7.985  1.00 11.51  ? 182 MET A N   1 
ATOM   574  C CA  . MET A 1 74  ? -4.594  6.173   -7.145  1.00 11.25  ? 182 MET A CA  1 
ATOM   575  C C   . MET A 1 74  ? -5.001  7.618   -6.870  1.00 11.39  ? 182 MET A C   1 
ATOM   576  O O   . MET A 1 74  ? -4.145  8.492   -6.747  1.00 11.69  ? 182 MET A O   1 
ATOM   577  C CB  . MET A 1 74  ? -4.333  5.450   -5.823  1.00 11.45  ? 182 MET A CB  1 
ATOM   578  C CG  . MET A 1 74  ? -4.191  3.918   -6.002  1.00 12.39  ? 182 MET A CG  1 
ATOM   579  S SD  . MET A 1 74  ? -3.754  3.121   -4.460  1.00 13.56  ? 182 MET A SD  1 
ATOM   580  C CE  . MET A 1 74  ? -5.238  3.315   -3.451  1.00 13.57  ? 182 MET A CE  1 
ATOM   581  N N   . SER A 1 75  ? -6.290  7.871   -6.783  1.00 11.78  ? 183 SER A N   1 
ATOM   582  C CA  . SER A 1 75  ? -6.742  9.208   -6.375  1.00 12.00  ? 183 SER A CA  1 
ATOM   583  C C   . SER A 1 75  ? -7.090  9.234   -4.886  1.00 12.16  ? 183 SER A C   1 
ATOM   584  O O   . SER A 1 75  ? -7.332  8.204   -4.274  1.00 11.83  ? 183 SER A O   1 
ATOM   585  C CB  . SER A 1 75  ? -7.842  9.761   -7.298  1.00 11.97  ? 183 SER A CB  1 
ATOM   586  O OG  . SER A 1 75  ? -9.059  9.016   -7.234  1.00 12.44  ? 183 SER A OG  1 
ATOM   587  N N   . LYS A 1 76  ? -7.067  10.421  -4.287  1.00 12.87  ? 184 LYS A N   1 
ATOM   588  C CA  . LYS A 1 76  ? -7.350  10.562  -2.852  1.00 14.32  ? 184 LYS A CA  1 
ATOM   589  C C   . LYS A 1 76  ? -8.729  9.984   -2.522  1.00 14.61  ? 184 LYS A C   1 
ATOM   590  O O   . LYS A 1 76  ? -9.689  10.274  -3.220  1.00 16.11  ? 184 LYS A O   1 
ATOM   591  C CB  . LYS A 1 76  ? -7.280  12.047  -2.487  1.00 15.70  ? 184 LYS A CB  1 
ATOM   592  C CG  . LYS A 1 76  ? -7.485  12.351  -1.023  1.00 18.73  ? 184 LYS A CG  1 
ATOM   593  C CD  . LYS A 1 76  ? -6.991  13.778  -0.813  1.00 20.18  ? 184 LYS A CD  1 
ATOM   594  C CE  . LYS A 1 76  ? -7.924  14.556  0.074   1.00 22.98  ? 184 LYS A CE  1 
ATOM   595  N NZ  . LYS A 1 76  ? -7.404  15.950  0.115   1.00 23.13  ? 184 LYS A NZ  1 
ATOM   596  N N   . GLY A 1 77  ? -8.807  9.169   -1.465  1.00 15.22  ? 185 GLY A N   1 
ATOM   597  C CA  . GLY A 1 77  ? -10.029 8.459   -1.056  1.00 15.35  ? 185 GLY A CA  1 
ATOM   598  C C   . GLY A 1 77  ? -10.124 7.045   -1.598  1.00 16.64  ? 185 GLY A C   1 
ATOM   599  O O   . GLY A 1 77  ? -10.910 6.230   -1.093  1.00 17.44  ? 185 GLY A O   1 
ATOM   600  N N   . GLU A 1 78  ? -9.323  6.734   -2.624  1.00 15.40  ? 186 GLU A N   1 
ATOM   601  C CA  . GLU A 1 78  ? -9.431  5.449   -3.308  1.00 14.98  ? 186 GLU A CA  1 
ATOM   602  C C   . GLU A 1 78  ? -9.020  4.321   -2.373  1.00 14.82  ? 186 GLU A C   1 
ATOM   603  O O   . GLU A 1 78  ? -8.033  4.434   -1.625  1.00 14.40  ? 186 GLU A O   1 
ATOM   604  C CB  . GLU A 1 78  ? -8.591  5.428   -4.591  1.00 15.39  ? 186 GLU A CB  1 
ATOM   605  C CG  . GLU A 1 78  ? -8.624  4.112   -5.377  1.00 14.90  ? 186 GLU A CG  1 
ATOM   606  C CD  . GLU A 1 78  ? -7.899  4.191   -6.693  1.00 16.30  ? 186 GLU A CD  1 
ATOM   607  O OE1 . GLU A 1 78  ? -7.952  5.258   -7.331  1.00 15.72  ? 186 GLU A OE1 1 
ATOM   608  O OE2 . GLU A 1 78  ? -7.269  3.189   -7.105  1.00 16.25  ? 186 GLU A OE2 1 
ATOM   609  N N   . LYS A 1 79  ? -9.810  3.249   -2.427  1.00 15.18  ? 187 LYS A N   1 
ATOM   610  C CA  . LYS A 1 79  ? -9.421  1.984   -1.842  1.00 15.96  ? 187 LYS A CA  1 
ATOM   611  C C   . LYS A 1 79  ? -9.287  0.939   -2.934  1.00 15.06  ? 187 LYS A C   1 
ATOM   612  O O   . LYS A 1 79  ? -10.200 0.730   -3.739  1.00 16.51  ? 187 LYS A O   1 
ATOM   613  C CB  . LYS A 1 79  ? -10.372 1.524   -0.737  1.00 17.52  ? 187 LYS A CB  1 
ATOM   614  C CG  . LYS A 1 79  ? -9.812  0.326   0.016   1.00 20.13  ? 187 LYS A CG  1 
ATOM   615  C CD  . LYS A 1 79  ? -10.823 -0.211  1.017   1.00 22.17  ? 187 LYS A CD  1 
ATOM   616  C CE  . LYS A 1 79  ? -10.229 -1.355  1.801   1.00 23.25  ? 187 LYS A CE  1 
ATOM   617  N NZ  . LYS A 1 79  ? -11.177 -1.781  2.872   1.00 27.82  ? 187 LYS A NZ  1 
ATOM   618  N N   . ALA A 1 80  ? -8.123  0.294   -2.971  1.00 14.90  ? 188 ALA A N   1 
ATOM   619  C CA  . ALA A 1 80  ? -7.835  -0.625  -4.059  1.00 14.58  ? 188 ALA A CA  1 
ATOM   620  C C   . ALA A 1 80  ? -7.188  -1.910  -3.563  1.00 14.40  ? 188 ALA A C   1 
ATOM   621  O O   . ALA A 1 80  ? -6.558  -1.928  -2.502  1.00 14.15  ? 188 ALA A O   1 
ATOM   622  C CB  . ALA A 1 80  ? -6.960  0.046   -5.109  1.00 15.34  ? 188 ALA A CB  1 
ATOM   623  N N   . ARG A 1 81  ? -7.375  -2.982  -4.336  1.00 14.70  ? 189 ARG A N   1 
ATOM   624  C CA  . ARG A 1 81  ? -6.692  -4.244  -4.075  1.00 15.38  ? 189 ARG A CA  1 
ATOM   625  C C   . ARG A 1 81  ? -5.556  -4.361  -5.059  1.00 14.06  ? 189 ARG A C   1 
ATOM   626  O O   . ARG A 1 81  ? -5.784  -4.340  -6.267  1.00 14.54  ? 189 ARG A O   1 
ATOM   627  C CB  . ARG A 1 81  ? -7.652  -5.428  -4.175  1.00 19.03  ? 189 ARG A CB  1 
ATOM   628  C CG  . ARG A 1 81  ? -6.967  -6.792  -4.112  1.00 23.58  ? 189 ARG A CG  1 
ATOM   629  C CD  . ARG A 1 81  ? -7.962  -7.911  -3.844  1.00 27.57  ? 189 ARG A CD  1 
ATOM   630  N NE  . ARG A 1 81  ? -8.534  -7.711  -2.507  1.00 33.67  ? 189 ARG A NE  1 
ATOM   631  C CZ  . ARG A 1 81  ? -9.814  -7.474  -2.239  1.00 34.74  ? 189 ARG A CZ  1 
ATOM   632  N NH1 . ARG A 1 81  ? -10.724 -7.441  -3.210  1.00 37.27  ? 189 ARG A NH1 1 
ATOM   633  N NH2 . ARG A 1 81  ? -10.185 -7.305  -0.979  1.00 35.36  ? 189 ARG A NH2 1 
ATOM   634  N N   . LEU A 1 82  ? -4.340  -4.447  -4.528  1.00 13.91  ? 190 LEU A N   1 
ATOM   635  C CA  . LEU A 1 82  ? -3.123  -4.536  -5.338  1.00 13.56  ? 190 LEU A CA  1 
ATOM   636  C C   . LEU A 1 82  ? -2.643  -5.964  -5.248  1.00 14.25  ? 190 LEU A C   1 
ATOM   637  O O   . LEU A 1 82  ? -2.518  -6.494  -4.136  1.00 14.74  ? 190 LEU A O   1 
ATOM   638  C CB  . LEU A 1 82  ? -2.012  -3.656  -4.738  1.00 13.55  ? 190 LEU A CB  1 
ATOM   639  C CG  . LEU A 1 82  ? -2.258  -2.164  -4.547  1.00 13.76  ? 190 LEU A CG  1 
ATOM   640  C CD1 . LEU A 1 82  ? -0.986  -1.471  -4.067  1.00 13.99  ? 190 LEU A CD1 1 
ATOM   641  C CD2 . LEU A 1 82  ? -2.759  -1.577  -5.862  1.00 14.10  ? 190 LEU A CD2 1 
ATOM   642  N N   . GLU A 1 83  ? -2.351  -6.569  -6.390  1.00 13.88  ? 191 GLU A N   1 
ATOM   643  C CA  . GLU A 1 83  ? -1.680  -7.863  -6.399  1.00 15.41  ? 191 GLU A CA  1 
ATOM   644  C C   . GLU A 1 83  ? -0.310  -7.669  -7.006  1.00 13.83  ? 191 GLU A C   1 
ATOM   645  O O   . GLU A 1 83  ? -0.199  -7.343  -8.170  1.00 15.11  ? 191 GLU A O   1 
ATOM   646  C CB  . GLU A 1 83  ? -2.527  -8.940  -7.084  1.00 18.97  ? 191 GLU A CB  1 
ATOM   647  C CG  . GLU A 1 83  ? -3.634  -9.379  -6.128  1.00 26.44  ? 191 GLU A CG  1 
ATOM   648  C CD  . GLU A 1 83  ? -4.650  -10.343 -6.681  1.00 35.10  ? 191 GLU A CD  1 
ATOM   649  O OE1 . GLU A 1 83  ? -4.415  -10.989 -7.741  1.00 38.15  ? 191 GLU A OE1 1 
ATOM   650  O OE2 . GLU A 1 83  ? -5.708  -10.458 -6.009  1.00 40.57  ? 191 GLU A OE2 1 
ATOM   651  N N   . ILE A 1 84  ? 0.716   -7.850  -6.190  1.00 12.56  ? 192 ILE A N   1 
ATOM   652  C CA  . ILE A 1 84  ? 2.071   -7.435  -6.524  1.00 11.56  ? 192 ILE A CA  1 
ATOM   653  C C   . ILE A 1 84  ? 2.942   -8.665  -6.727  1.00 11.80  ? 192 ILE A C   1 
ATOM   654  O O   . ILE A 1 84  ? 3.097   -9.487  -5.823  1.00 11.34  ? 192 ILE A O   1 
ATOM   655  C CB  . ILE A 1 84  ? 2.681   -6.546  -5.427  1.00 11.37  ? 192 ILE A CB  1 
ATOM   656  C CG1 . ILE A 1 84  ? 1.795   -5.281  -5.198  1.00 11.41  ? 192 ILE A CG1 1 
ATOM   657  C CG2 . ILE A 1 84  ? 4.084   -6.102  -5.816  1.00 10.64  ? 192 ILE A CG2 1 
ATOM   658  C CD1 . ILE A 1 84  ? 2.231   -4.465  -3.994  1.00 10.41  ? 192 ILE A CD1 1 
ATOM   659  N N   . GLU A 1 85  ? 3.518   -8.766  -7.920  1.00 11.67  ? 193 GLU A N   1 
ATOM   660  C CA  . GLU A 1 85  ? 4.431   -9.871  -8.220  1.00 12.30  ? 193 GLU A CA  1 
ATOM   661  C C   . GLU A 1 85  ? 5.661   -9.823  -7.338  1.00 12.16  ? 193 GLU A C   1 
ATOM   662  O O   . GLU A 1 85  ? 6.093   -8.745  -6.928  1.00 12.02  ? 193 GLU A O   1 
ATOM   663  C CB  . GLU A 1 85  ? 4.803   -9.880  -9.715  1.00 13.28  ? 193 GLU A CB  1 
ATOM   664  C CG  . GLU A 1 85  ? 3.618   -10.158 -10.613 1.00 14.34  ? 193 GLU A CG  1 
ATOM   665  C CD  . GLU A 1 85  ? 3.096   -11.578 -10.512 1.00 16.87  ? 193 GLU A CD  1 
ATOM   666  O OE1 . GLU A 1 85  ? 3.860   -12.501 -10.180 1.00 18.43  ? 193 GLU A OE1 1 
ATOM   667  O OE2 . GLU A 1 85  ? 1.896   -11.774 -10.762 1.00 19.82  ? 193 GLU A OE2 1 
ATOM   668  N N   . PRO A 1 86  ? 6.265   -10.992 -7.051  1.00 12.11  ? 194 PRO A N   1 
ATOM   669  C CA  . PRO A 1 86  ? 7.379   -11.016 -6.097  1.00 12.13  ? 194 PRO A CA  1 
ATOM   670  C C   . PRO A 1 86  ? 8.532   -10.061 -6.406  1.00 11.94  ? 194 PRO A C   1 
ATOM   671  O O   . PRO A 1 86  ? 9.077   -9.453  -5.491  1.00 12.41  ? 194 PRO A O   1 
ATOM   672  C CB  . PRO A 1 86  ? 7.842   -12.488 -6.097  1.00 12.20  ? 194 PRO A CB  1 
ATOM   673  C CG  . PRO A 1 86  ? 6.964   -13.220 -7.040  1.00 13.04  ? 194 PRO A CG  1 
ATOM   674  C CD  . PRO A 1 86  ? 5.846   -12.329 -7.495  1.00 12.07  ? 194 PRO A CD  1 
ATOM   675  N N   . GLU A 1 87  ? 8.885   -9.889  -7.684  1.00 12.28  ? 195 GLU A N   1 
ATOM   676  C CA  . GLU A 1 87  ? 10.004  -9.019  -8.044  1.00 13.08  ? 195 GLU A CA  1 
ATOM   677  C C   . GLU A 1 87  ? 9.743   -7.569  -7.647  1.00 12.42  ? 195 GLU A C   1 
ATOM   678  O O   . GLU A 1 87  ? 10.687  -6.823  -7.448  1.00 12.26  ? 195 GLU A O   1 
ATOM   679  C CB  . GLU A 1 87  ? 10.361  -9.106  -9.538  1.00 15.41  ? 195 GLU A CB  1 
ATOM   680  C CG  . GLU A 1 87  ? 9.213   -8.776  -10.461 1.00 18.26  ? 195 GLU A CG  1 
ATOM   681  C CD  . GLU A 1 87  ? 8.494   -10.007 -10.982 1.00 21.82  ? 195 GLU A CD  1 
ATOM   682  O OE1 . GLU A 1 87  ? 8.159   -10.966 -10.212 1.00 22.01  ? 195 GLU A OE1 1 
ATOM   683  O OE2 . GLU A 1 87  ? 8.266   -9.994  -12.212 1.00 24.62  ? 195 GLU A OE2 1 
ATOM   684  N N   . TRP A 1 88  ? 8.471   -7.184  -7.507  1.00 11.92  ? 196 TRP A N   1 
ATOM   685  C CA  . TRP A 1 88  ? 8.120   -5.814  -7.061  1.00 11.64  ? 196 TRP A CA  1 
ATOM   686  C C   . TRP A 1 88  ? 7.676   -5.774  -5.597  1.00 11.52  ? 196 TRP A C   1 
ATOM   687  O O   . TRP A 1 88  ? 7.078   -4.806  -5.119  1.00 10.44  ? 196 TRP A O   1 
ATOM   688  C CB  . TRP A 1 88  ? 7.067   -5.234  -8.010  1.00 12.21  ? 196 TRP A CB  1 
ATOM   689  C CG  . TRP A 1 88  ? 7.686   -4.652  -9.243  1.00 13.29  ? 196 TRP A CG  1 
ATOM   690  C CD1 . TRP A 1 88  ? 8.937   -4.914  -9.757  1.00 13.76  ? 196 TRP A CD1 1 
ATOM   691  C CD2 . TRP A 1 88  ? 7.080   -3.711  -10.125 1.00 13.90  ? 196 TRP A CD2 1 
ATOM   692  N NE1 . TRP A 1 88  ? 9.146   -4.173  -10.892 1.00 14.82  ? 196 TRP A NE1 1 
ATOM   693  C CE2 . TRP A 1 88  ? 8.019   -3.431  -11.151 1.00 14.67  ? 196 TRP A CE2 1 
ATOM   694  C CE3 . TRP A 1 88  ? 5.826   -3.086  -10.163 1.00 14.17  ? 196 TRP A CE3 1 
ATOM   695  C CZ2 . TRP A 1 88  ? 7.741   -2.544  -12.205 1.00 15.47  ? 196 TRP A CZ2 1 
ATOM   696  C CZ3 . TRP A 1 88  ? 5.550   -2.187  -11.218 1.00 14.82  ? 196 TRP A CZ3 1 
ATOM   697  C CH2 . TRP A 1 88  ? 6.501   -1.936  -12.216 1.00 14.89  ? 196 TRP A CH2 1 
ATOM   698  N N   . ALA A 1 89  ? 8.017   -6.847  -4.881  1.00 11.64  ? 197 ALA A N   1 
ATOM   699  C CA  . ALA A 1 89  ? 7.772   -6.949  -3.445  1.00 12.07  ? 197 ALA A CA  1 
ATOM   700  C C   . ALA A 1 89  ? 9.088   -7.403  -2.806  1.00 12.66  ? 197 ALA A C   1 
ATOM   701  O O   . ALA A 1 89  ? 10.072  -6.663  -2.880  1.00 13.00  ? 197 ALA A O   1 
ATOM   702  C CB  . ALA A 1 89  ? 6.630   -7.919  -3.176  1.00 11.98  ? 197 ALA A CB  1 
ATOM   703  N N   . TYR A 1 90  ? 9.125   -8.600  -2.202  1.00 12.68  ? 198 TYR A N   1 
ATOM   704  C CA  . TYR A 1 90  ? 10.349  -9.066  -1.500  1.00 13.26  ? 198 TYR A CA  1 
ATOM   705  C C   . TYR A 1 90  ? 11.182  -10.097 -2.278  1.00 14.11  ? 198 TYR A C   1 
ATOM   706  O O   . TYR A 1 90  ? 12.235  -10.544 -1.786  1.00 14.03  ? 198 TYR A O   1 
ATOM   707  C CB  . TYR A 1 90  ? 10.014  -9.546  -0.068  1.00 13.29  ? 198 TYR A CB  1 
ATOM   708  C CG  . TYR A 1 90  ? 9.555   -8.390  0.779   1.00 13.81  ? 198 TYR A CG  1 
ATOM   709  C CD1 . TYR A 1 90  ? 10.493  -7.554  1.382   1.00 13.96  ? 198 TYR A CD1 1 
ATOM   710  C CD2 . TYR A 1 90  ? 8.201   -8.101  0.936   1.00 14.18  ? 198 TYR A CD2 1 
ATOM   711  C CE1 . TYR A 1 90  ? 10.098  -6.464  2.145   1.00 15.36  ? 198 TYR A CE1 1 
ATOM   712  C CE2 . TYR A 1 90  ? 7.794   -6.999  1.699   1.00 15.34  ? 198 TYR A CE2 1 
ATOM   713  C CZ  . TYR A 1 90  ? 8.765   -6.194  2.289   1.00 15.67  ? 198 TYR A CZ  1 
ATOM   714  O OH  . TYR A 1 90  ? 8.431   -5.105  3.038   1.00 18.13  ? 198 TYR A OH  1 
ATOM   715  N N   . GLY A 1 91  ? 10.719  -10.461 -3.475  1.00 13.80  ? 199 GLY A N   1 
ATOM   716  C CA  . GLY A 1 91  ? 11.561  -11.210 -4.406  1.00 16.12  ? 199 GLY A CA  1 
ATOM   717  C C   . GLY A 1 91  ? 11.952  -12.582 -3.878  1.00 18.32  ? 199 GLY A C   1 
ATOM   718  O O   . GLY A 1 91  ? 11.124  -13.297 -3.302  1.00 16.29  ? 199 GLY A O   1 
ATOM   719  N N   . LYS A 1 92  ? 13.222  -12.937 -4.087  1.00 19.29  ? 200 LYS A N   1 
ATOM   720  C CA  . LYS A 1 92  ? 13.765  -14.241 -3.657  1.00 22.95  ? 200 LYS A CA  1 
ATOM   721  C C   . LYS A 1 92  ? 14.062  -14.353 -2.168  1.00 22.50  ? 200 LYS A C   1 
ATOM   722  O O   . LYS A 1 92  ? 13.977  -15.449 -1.609  1.00 24.38  ? 200 LYS A O   1 
ATOM   723  C CB  . LYS A 1 92  ? 15.027  -14.568 -4.448  1.00 24.00  ? 200 LYS A CB  1 
ATOM   724  C CG  . LYS A 1 92  ? 14.731  -14.816 -5.909  1.00 26.41  ? 200 LYS A CG  1 
ATOM   725  C CD  . LYS A 1 92  ? 16.032  -14.983 -6.680  1.00 30.26  ? 200 LYS A CD  1 
ATOM   726  C CE  . LYS A 1 92  ? 15.752  -15.092 -8.161  1.00 29.55  ? 200 LYS A CE  1 
ATOM   727  N NZ  . LYS A 1 92  ? 15.160  -13.847 -8.734  1.00 34.56  ? 200 LYS A NZ  1 
ATOM   728  N N   . LYS A 1 93  ? 14.405  -13.230 -1.545  1.00 22.91  ? 201 LYS A N   1 
ATOM   729  C CA  . LYS A 1 93  ? 14.745  -13.177 -0.128  1.00 24.94  ? 201 LYS A CA  1 
ATOM   730  C C   . LYS A 1 93  ? 13.527  -13.452 0.742   1.00 24.38  ? 201 LYS A C   1 
ATOM   731  O O   . LYS A 1 93  ? 13.641  -14.063 1.812   1.00 23.69  ? 201 LYS A O   1 
ATOM   732  C CB  . LYS A 1 93  ? 15.313  -11.806 0.244   1.00 28.09  ? 201 LYS A CB  1 
ATOM   733  C CG  . LYS A 1 93  ? 16.769  -11.613 -0.137  1.00 33.88  ? 201 LYS A CG  1 
ATOM   734  C CD  . LYS A 1 93  ? 17.326  -10.308 0.418   1.00 38.37  ? 201 LYS A CD  1 
ATOM   735  C CE  . LYS A 1 93  ? 18.796  -10.129 0.040   1.00 43.84  ? 201 LYS A CE  1 
ATOM   736  N NZ  . LYS A 1 93  ? 19.027  -9.994  -1.435  1.00 45.82  ? 201 LYS A NZ  1 
ATOM   737  N N   . GLY A 1 94  ? 12.365  -12.999 0.282   1.00 21.01  ? 202 GLY A N   1 
ATOM   738  C CA  . GLY A 1 94  ? 11.194  -12.902 1.141   1.00 20.05  ? 202 GLY A CA  1 
ATOM   739  C C   . GLY A 1 94  ? 11.458  -11.899 2.257   1.00 20.16  ? 202 GLY A C   1 
ATOM   740  O O   . GLY A 1 94  ? 12.321  -10.983 2.142   1.00 18.31  ? 202 GLY A O   1 
ATOM   741  N N   . GLN A 1 95  ? 10.683  -12.044 3.330   1.00 19.57  ? 203 GLN A N   1 
ATOM   742  C CA  . GLN A 1 95  ? 10.882  -11.232 4.508   1.00 20.23  ? 203 GLN A CA  1 
ATOM   743  C C   . GLN A 1 95  ? 10.627  -12.139 5.713   1.00 20.50  ? 203 GLN A C   1 
ATOM   744  O O   . GLN A 1 95  ? 9.473   -12.413 6.036   1.00 19.47  ? 203 GLN A O   1 
ATOM   745  C CB  . GLN A 1 95  ? 9.960   -10.008 4.487   1.00 20.08  ? 203 GLN A CB  1 
ATOM   746  C CG  . GLN A 1 95  ? 10.618  -8.784  5.110   1.00 20.41  ? 203 GLN A CG  1 
ATOM   747  C CD  . GLN A 1 95  ? 10.866  -8.968  6.591   1.00 21.58  ? 203 GLN A CD  1 
ATOM   748  O OE1 . GLN A 1 95  ? 9.953   -9.352  7.334   1.00 22.13  ? 203 GLN A OE1 1 
ATOM   749  N NE2 . GLN A 1 95  ? 12.097  -8.706  7.033   1.00 22.40  ? 203 GLN A NE2 1 
ATOM   750  N N   . PRO A 1 96  ? 11.710  -12.650 6.339   1.00 23.13  ? 204 PRO A N   1 
ATOM   751  C CA  . PRO A 1 96  ? 11.613  -13.629 7.442   1.00 24.21  ? 204 PRO A CA  1 
ATOM   752  C C   . PRO A 1 96  ? 10.779  -13.172 8.637   1.00 24.71  ? 204 PRO A C   1 
ATOM   753  O O   . PRO A 1 96  ? 9.982   -13.957 9.122   1.00 23.56  ? 204 PRO A O   1 
ATOM   754  C CB  . PRO A 1 96  ? 13.070  -13.847 7.867   1.00 23.68  ? 204 PRO A CB  1 
ATOM   755  C CG  . PRO A 1 96  ? 13.863  -13.464 6.672   1.00 24.77  ? 204 PRO A CG  1 
ATOM   756  C CD  . PRO A 1 96  ? 13.115  -12.337 6.024   1.00 23.57  ? 204 PRO A CD  1 
ATOM   757  N N   . ASP A 1 97  ? 10.935  -11.915 9.078   1.00 24.94  ? 205 ASP A N   1 
ATOM   758  C CA  . ASP A 1 97  ? 10.240  -11.409 10.268  1.00 26.30  ? 205 ASP A CA  1 
ATOM   759  C C   . ASP A 1 97  ? 8.733   -11.379 10.123  1.00 26.02  ? 205 ASP A C   1 
ATOM   760  O O   . ASP A 1 97  ? 8.015   -11.612 11.086  1.00 25.66  ? 205 ASP A O   1 
ATOM   761  C CB  . ASP A 1 97  ? 10.754  -10.020 10.652  1.00 28.53  ? 205 ASP A CB  1 
ATOM   762  C CG  . ASP A 1 97  ? 12.245  -9.962  10.681  1.00 30.22  ? 205 ASP A CG  1 
ATOM   763  O OD1 . ASP A 1 97  ? 12.872  -9.743  9.619   1.00 32.63  ? 205 ASP A OD1 1 
ATOM   764  O OD2 . ASP A 1 97  ? 12.794  -10.179 11.767  1.00 33.46  ? 205 ASP A OD2 1 
ATOM   765  N N   . ALA A 1 98  ? 8.261   -11.113 8.907   1.00 23.46  ? 206 ALA A N   1 
ATOM   766  C CA  . ALA A 1 98  ? 6.841   -11.096 8.620   1.00 21.81  ? 206 ALA A CA  1 
ATOM   767  C C   . ALA A 1 98  ? 6.355   -12.453 8.116   1.00 20.99  ? 206 ALA A C   1 
ATOM   768  O O   . ALA A 1 98  ? 5.177   -12.599 7.775   1.00 21.59  ? 206 ALA A O   1 
ATOM   769  C CB  . ALA A 1 98  ? 6.542   -10.007 7.599   1.00 22.20  ? 206 ALA A CB  1 
ATOM   770  N N   . LYS A 1 99  ? 7.267   -13.428 8.052   1.00 21.28  ? 207 LYS A N   1 
ATOM   771  C CA  . LYS A 1 99  ? 6.984   -14.787 7.546   1.00 21.34  ? 207 LYS A CA  1 
ATOM   772  C C   . LYS A 1 99  ? 6.542   -14.762 6.065   1.00 20.02  ? 207 LYS A C   1 
ATOM   773  O O   . LYS A 1 99  ? 5.710   -15.577 5.632   1.00 18.86  ? 207 LYS A O   1 
ATOM   774  C CB  . LYS A 1 99  ? 5.915   -15.507 8.394   1.00 24.73  ? 207 LYS A CB  1 
ATOM   775  C CG  . LYS A 1 99  ? 6.196   -15.593 9.888   1.00 29.15  ? 207 LYS A CG  1 
ATOM   776  C CD  . LYS A 1 99  ? 4.916   -16.030 10.592  1.00 35.03  ? 207 LYS A CD  1 
ATOM   777  C CE  . LYS A 1 99  ? 4.723   -15.328 11.930  1.00 39.77  ? 207 LYS A CE  1 
ATOM   778  N NZ  . LYS A 1 99  ? 3.441   -15.750 12.564  1.00 42.19  ? 207 LYS A NZ  1 
ATOM   779  N N   . ILE A 1 100 ? 7.089   -13.822 5.293   1.00 17.85  ? 208 ILE A N   1 
ATOM   780  C CA  . ILE A 1 100 ? 6.829   -13.818 3.854   1.00 17.01  ? 208 ILE A CA  1 
ATOM   781  C C   . ILE A 1 100 ? 7.874   -14.720 3.185   1.00 17.02  ? 208 ILE A C   1 
ATOM   782  O O   . ILE A 1 100 ? 9.062   -14.426 3.258   1.00 15.97  ? 208 ILE A O   1 
ATOM   783  C CB  . ILE A 1 100 ? 6.822   -12.391 3.282   1.00 16.91  ? 208 ILE A CB  1 
ATOM   784  C CG1 . ILE A 1 100 ? 5.579   -11.656 3.825   1.00 16.69  ? 208 ILE A CG1 1 
ATOM   785  C CG2 . ILE A 1 100 ? 6.869   -12.416 1.750   1.00 16.14  ? 208 ILE A CG2 1 
ATOM   786  C CD1 . ILE A 1 100 ? 5.604   -10.162 3.611   1.00 17.93  ? 208 ILE A CD1 1 
ATOM   787  N N   . PRO A 1 101 ? 7.429   -15.829 2.548   1.00 17.00  ? 209 PRO A N   1 
ATOM   788  C CA  . PRO A 1 101 ? 8.387   -16.732 1.902   1.00 17.08  ? 209 PRO A CA  1 
ATOM   789  C C   . PRO A 1 101 ? 9.051   -16.130 0.647   1.00 17.50  ? 209 PRO A C   1 
ATOM   790  O O   . PRO A 1 101 ? 8.587   -15.084 0.146   1.00 16.04  ? 209 PRO A O   1 
ATOM   791  C CB  . PRO A 1 101 ? 7.524   -17.941 1.521   1.00 18.07  ? 209 PRO A CB  1 
ATOM   792  C CG  . PRO A 1 101 ? 6.155   -17.408 1.369   1.00 17.84  ? 209 PRO A CG  1 
ATOM   793  C CD  . PRO A 1 101 ? 6.024   -16.231 2.304   1.00 17.72  ? 209 PRO A CD  1 
ATOM   794  N N   . PRO A 1 102 ? 10.119  -16.780 0.127   1.00 17.06  ? 210 PRO A N   1 
ATOM   795  C CA  . PRO A 1 102 ? 10.656  -16.433 -1.174  1.00 16.73  ? 210 PRO A CA  1 
ATOM   796  C C   . PRO A 1 102 ? 9.570   -16.505 -2.232  1.00 15.82  ? 210 PRO A C   1 
ATOM   797  O O   . PRO A 1 102 ? 8.680   -17.334 -2.111  1.00 15.82  ? 210 PRO A O   1 
ATOM   798  C CB  . PRO A 1 102 ? 11.664  -17.577 -1.432  1.00 17.34  ? 210 PRO A CB  1 
ATOM   799  C CG  . PRO A 1 102 ? 12.191  -17.883 -0.066  1.00 18.20  ? 210 PRO A CG  1 
ATOM   800  C CD  . PRO A 1 102 ? 10.950  -17.816 0.793   1.00 18.51  ? 210 PRO A CD  1 
ATOM   801  N N   . ASN A 1 103 ? 9.655   -15.655 -3.256  1.00 16.19  ? 211 ASN A N   1 
ATOM   802  C CA  . ASN A 1 103 ? 8.807   -15.760 -4.460  1.00 15.80  ? 211 ASN A CA  1 
ATOM   803  C C   . ASN A 1 103 ? 7.303   -15.569 -4.222  1.00 15.62  ? 211 ASN A C   1 
ATOM   804  O O   . ASN A 1 103 ? 6.474   -16.138 -4.945  1.00 15.31  ? 211 ASN A O   1 
ATOM   805  C CB  . ASN A 1 103 ? 9.051   -17.103 -5.185  1.00 17.10  ? 211 ASN A CB  1 
ATOM   806  C CG  . ASN A 1 103 ? 10.502  -17.304 -5.572  1.00 18.94  ? 211 ASN A CG  1 
ATOM   807  O OD1 . ASN A 1 103 ? 11.083  -16.485 -6.265  1.00 20.87  ? 211 ASN A OD1 1 
ATOM   808  N ND2 . ASN A 1 103 ? 11.092  -18.393 -5.118  1.00 18.15  ? 211 ASN A ND2 1 
ATOM   809  N N   . ALA A 1 104 ? 6.964   -14.739 -3.237  1.00 14.71  ? 212 ALA A N   1 
ATOM   810  C CA  . ALA A 1 104 ? 5.588   -14.564 -2.793  1.00 14.22  ? 212 ALA A CA  1 
ATOM   811  C C   . ALA A 1 104 ? 4.904   -13.409 -3.515  1.00 13.90  ? 212 ALA A C   1 
ATOM   812  O O   . ALA A 1 104 ? 5.372   -12.270 -3.416  1.00 13.06  ? 212 ALA A O   1 
ATOM   813  C CB  . ALA A 1 104 ? 5.572   -14.313 -1.278  1.00 13.61  ? 212 ALA A CB  1 
ATOM   814  N N   . LYS A 1 105 ? 3.814   -13.707 -4.229  1.00 13.62  ? 213 LYS A N   1 
ATOM   815  C CA  . LYS A 1 105 ? 2.909   -12.673 -4.731  1.00 14.77  ? 213 LYS A CA  1 
ATOM   816  C C   . LYS A 1 105 ? 2.152   -12.131 -3.524  1.00 13.85  ? 213 LYS A C   1 
ATOM   817  O O   . LYS A 1 105 ? 1.576   -12.912 -2.752  1.00 13.78  ? 213 LYS A O   1 
ATOM   818  C CB  . LYS A 1 105 ? 1.914   -13.251 -5.728  1.00 17.41  ? 213 LYS A CB  1 
ATOM   819  C CG  . LYS A 1 105 ? 1.182   -12.214 -6.572  1.00 19.83  ? 213 LYS A CG  1 
ATOM   820  C CD  . LYS A 1 105 ? 0.004   -12.759 -7.381  1.00 23.30  ? 213 LYS A CD  1 
ATOM   821  C CE  . LYS A 1 105 ? 0.421   -13.840 -8.360  1.00 27.81  ? 213 LYS A CE  1 
ATOM   822  N NZ  . LYS A 1 105 ? -0.690  -14.304 -9.250  1.00 31.40  ? 213 LYS A NZ  1 
ATOM   823  N N   . LEU A 1 106 ? 2.149   -10.810 -3.355  1.00 12.49  ? 214 LEU A N   1 
ATOM   824  C CA  . LEU A 1 106 ? 1.490   -10.213 -2.175  1.00 12.29  ? 214 LEU A CA  1 
ATOM   825  C C   . LEU A 1 106 ? 0.211   -9.509  -2.576  1.00 13.54  ? 214 LEU A C   1 
ATOM   826  O O   . LEU A 1 106 ? 0.178   -8.822  -3.614  1.00 13.05  ? 214 LEU A O   1 
ATOM   827  C CB  . LEU A 1 106 ? 2.428   -9.227  -1.455  1.00 11.75  ? 214 LEU A CB  1 
ATOM   828  C CG  . LEU A 1 106 ? 3.789   -9.752  -1.010  1.00 12.00  ? 214 LEU A CG  1 
ATOM   829  C CD1 . LEU A 1 106 ? 4.491   -8.648  -0.209  1.00 11.64  ? 214 LEU A CD1 1 
ATOM   830  C CD2 . LEU A 1 106 ? 3.671   -11.062 -0.208  1.00 12.14  ? 214 LEU A CD2 1 
ATOM   831  N N   . THR A 1 107 ? -0.848  -9.676  -1.767  1.00 13.84  ? 215 THR A N   1 
ATOM   832  C CA  . THR A 1 107 ? -2.058  -8.886  -1.978  1.00 14.98  ? 215 THR A CA  1 
ATOM   833  C C   . THR A 1 107 ? -2.120  -7.832  -0.882  1.00 14.50  ? 215 THR A C   1 
ATOM   834  O O   . THR A 1 107 ? -1.933  -8.164  0.287   1.00 14.15  ? 215 THR A O   1 
ATOM   835  C CB  . THR A 1 107 ? -3.338  -9.763  -1.941  1.00 15.82  ? 215 THR A CB  1 
ATOM   836  O OG1 . THR A 1 107 ? -3.264  -10.712 -2.993  1.00 18.24  ? 215 THR A OG1 1 
ATOM   837  C CG2 . THR A 1 107 ? -4.589  -8.899  -2.125  1.00 16.78  ? 215 THR A CG2 1 
ATOM   838  N N   . PHE A 1 108 ? -2.347  -6.570  -1.265  1.00 14.06  ? 216 PHE A N   1 
ATOM   839  C CA  . PHE A 1 108 ? -2.591  -5.510  -0.287  1.00 14.19  ? 216 PHE A CA  1 
ATOM   840  C C   . PHE A 1 108 ? -3.893  -4.810  -0.616  1.00 14.65  ? 216 PHE A C   1 
ATOM   841  O O   . PHE A 1 108 ? -4.139  -4.475  -1.780  1.00 16.08  ? 216 PHE A O   1 
ATOM   842  C CB  . PHE A 1 108 ? -1.489  -4.447  -0.320  1.00 13.09  ? 216 PHE A CB  1 
ATOM   843  C CG  . PHE A 1 108 ? -0.183  -4.848  0.296   1.00 12.92  ? 216 PHE A CG  1 
ATOM   844  C CD1 . PHE A 1 108 ? 0.078   -4.575  1.635   1.00 12.51  ? 216 PHE A CD1 1 
ATOM   845  C CD2 . PHE A 1 108 ? 0.843   -5.415  -0.491  1.00 12.38  ? 216 PHE A CD2 1 
ATOM   846  C CE1 . PHE A 1 108 ? 1.306   -4.897  2.213   1.00 12.99  ? 216 PHE A CE1 1 
ATOM   847  C CE2 . PHE A 1 108 ? 2.073   -5.726  0.075   1.00 12.53  ? 216 PHE A CE2 1 
ATOM   848  C CZ  . PHE A 1 108 ? 2.314   -5.466  1.433   1.00 12.51  ? 216 PHE A CZ  1 
ATOM   849  N N   . GLU A 1 109 ? -4.727  -4.589  0.400   1.00 14.82  ? 217 GLU A N   1 
ATOM   850  C CA  . GLU A 1 109 ? -5.812  -3.606  0.304   1.00 16.44  ? 217 GLU A CA  1 
ATOM   851  C C   . GLU A 1 109 ? -5.198  -2.310  0.772   1.00 14.70  ? 217 GLU A C   1 
ATOM   852  O O   . GLU A 1 109 ? -4.615  -2.272  1.849   1.00 15.72  ? 217 GLU A O   1 
ATOM   853  C CB  . GLU A 1 109 ? -6.964  -3.926  1.247   1.00 19.29  ? 217 GLU A CB  1 
ATOM   854  C CG  . GLU A 1 109 ? -7.863  -5.036  0.800   1.00 25.04  ? 217 GLU A CG  1 
ATOM   855  C CD  . GLU A 1 109 ? -9.156  -5.092  1.607   1.00 28.59  ? 217 GLU A CD  1 
ATOM   856  O OE1 . GLU A 1 109 ? -9.245  -4.495  2.717   1.00 28.59  ? 217 GLU A OE1 1 
ATOM   857  O OE2 . GLU A 1 109 ? -10.091 -5.756  1.110   1.00 32.93  ? 217 GLU A OE2 1 
ATOM   858  N N   . VAL A 1 110 ? -5.285  -1.257  -0.034  1.00 13.64  ? 218 VAL A N   1 
ATOM   859  C CA  . VAL A 1 110 ? -4.661  0.026   0.327   1.00 12.56  ? 218 VAL A CA  1 
ATOM   860  C C   . VAL A 1 110 ? -5.740  1.068   0.163   1.00 12.75  ? 218 VAL A C   1 
ATOM   861  O O   . VAL A 1 110 ? -6.408  1.105   -0.881  1.00 12.16  ? 218 VAL A O   1 
ATOM   862  C CB  . VAL A 1 110 ? -3.479  0.379   -0.622  1.00 12.47  ? 218 VAL A CB  1 
ATOM   863  C CG1 . VAL A 1 110 ? -2.771  1.679   -0.198  1.00 11.68  ? 218 VAL A CG1 1 
ATOM   864  C CG2 . VAL A 1 110 ? -2.499  -0.778  -0.675  1.00 12.89  ? 218 VAL A CG2 1 
ATOM   865  N N   . GLU A 1 111 ? -5.937  1.859   1.217   1.00 14.00  ? 219 GLU A N   1 
ATOM   866  C CA  . GLU A 1 111 ? -6.785  3.054   1.128   1.00 14.89  ? 219 GLU A CA  1 
ATOM   867  C C   . GLU A 1 111 ? -5.924  4.310   1.263   1.00 13.50  ? 219 GLU A C   1 
ATOM   868  O O   . GLU A 1 111 ? -5.235  4.500   2.256   1.00 14.36  ? 219 GLU A O   1 
ATOM   869  C CB  . GLU A 1 111 ? -7.859  3.043   2.206   1.00 17.48  ? 219 GLU A CB  1 
ATOM   870  C CG  . GLU A 1 111 ? -8.879  4.170   2.042   1.00 19.98  ? 219 GLU A CG  1 
ATOM   871  C CD  . GLU A 1 111 ? -9.835  4.254   3.228   1.00 24.41  ? 219 GLU A CD  1 
ATOM   872  O OE1 . GLU A 1 111 ? -9.733  3.442   4.180   1.00 24.93  ? 219 GLU A OE1 1 
ATOM   873  O OE2 . GLU A 1 111 ? -10.702 5.140   3.209   1.00 27.46  ? 219 GLU A OE2 1 
ATOM   874  N N   . LEU A 1 112 ? -5.944  5.135   0.224   1.00 13.24  ? 220 LEU A N   1 
ATOM   875  C CA  . LEU A 1 112 ? -5.184  6.353   0.188   1.00 12.21  ? 220 LEU A CA  1 
ATOM   876  C C   . LEU A 1 112 ? -6.104  7.414   0.820   1.00 13.36  ? 220 LEU A C   1 
ATOM   877  O O   . LEU A 1 112 ? -7.083  7.849   0.202   1.00 13.86  ? 220 LEU A O   1 
ATOM   878  C CB  . LEU A 1 112 ? -4.843  6.711   -1.272  1.00 11.44  ? 220 LEU A CB  1 
ATOM   879  C CG  . LEU A 1 112 ? -4.203  8.073   -1.531  1.00 10.58  ? 220 LEU A CG  1 
ATOM   880  C CD1 . LEU A 1 112 ? -2.945  8.288   -0.697  1.00 10.28  ? 220 LEU A CD1 1 
ATOM   881  C CD2 . LEU A 1 112 ? -3.896  8.213   -3.028  1.00 10.51  ? 220 LEU A CD2 1 
ATOM   882  N N   . VAL A 1 113 ? -5.782  7.781   2.049   1.00 14.98  ? 221 VAL A N   1 
ATOM   883  C CA  . VAL A 1 113 ? -6.616  8.698   2.876   1.00 17.51  ? 221 VAL A CA  1 
ATOM   884  C C   . VAL A 1 113 ? -6.280  10.178  2.608   1.00 17.12  ? 221 VAL A C   1 
ATOM   885  O O   . VAL A 1 113 ? -7.174  11.055  2.596   1.00 16.96  ? 221 VAL A O   1 
ATOM   886  C CB  . VAL A 1 113 ? -6.506  8.283   4.366   1.00 18.82  ? 221 VAL A CB  1 
ATOM   887  C CG1 . VAL A 1 113 ? -6.764  9.423   5.347   1.00 23.72  ? 221 VAL A CG1 1 
ATOM   888  C CG2 . VAL A 1 113 ? -7.496  7.156   4.613   1.00 21.14  ? 221 VAL A CG2 1 
ATOM   889  N N   . ASP A 1 114 ? -5.002  10.466  2.407   1.00 16.06  ? 222 ASP A N   1 
ATOM   890  C CA  . ASP A 1 114 ? -4.598  11.863  2.208   1.00 16.53  ? 222 ASP A CA  1 
ATOM   891  C C   . ASP A 1 114 ? -3.298  11.990  1.454   1.00 16.21  ? 222 ASP A C   1 
ATOM   892  O O   . ASP A 1 114 ? -2.500  11.035  1.412   1.00 14.29  ? 222 ASP A O   1 
ATOM   893  C CB  . ASP A 1 114 ? -4.465  12.568  3.568   1.00 18.40  ? 222 ASP A CB  1 
ATOM   894  C CG  . ASP A 1 114 ? -4.777  14.074  3.486   1.00 20.81  ? 222 ASP A CG  1 
ATOM   895  O OD1 . ASP A 1 114 ? -5.003  14.619  2.386   1.00 20.86  ? 222 ASP A OD1 1 
ATOM   896  O OD2 . ASP A 1 114 ? -4.785  14.697  4.551   1.00 24.57  ? 222 ASP A OD2 1 
ATOM   897  N N   . ILE A 1 115 ? -3.073  13.181  0.881   1.00 14.68  ? 223 ILE A N   1 
ATOM   898  C CA  . ILE A 1 115 ? -1.837  13.484  0.173   1.00 14.91  ? 223 ILE A CA  1 
ATOM   899  C C   . ILE A 1 115 ? -1.358  14.858  0.648   1.00 16.04  ? 223 ILE A C   1 
ATOM   900  O O   . ILE A 1 115 ? -2.161  15.792  0.719   1.00 16.41  ? 223 ILE A O   1 
ATOM   901  C CB  . ILE A 1 115 ? -2.047  13.507  -1.371  1.00 14.50  ? 223 ILE A CB  1 
ATOM   902  C CG1 . ILE A 1 115 ? -2.728  12.224  -1.890  1.00 13.94  ? 223 ILE A CG1 1 
ATOM   903  C CG2 . ILE A 1 115 ? -0.741  13.786  -2.113  1.00 14.80  ? 223 ILE A CG2 1 
ATOM   904  C CD1 . ILE A 1 115 ? -3.247  12.327  -3.323  1.00 13.30  ? 223 ILE A CD1 1 
ATOM   905  N N   . ASP A 1 116 ? -0.075  14.970  0.992   1.00 16.66  ? 224 ASP A N   1 
ATOM   906  C CA  . ASP A 1 116 ? 0.564   16.265  1.253   1.00 18.69  ? 224 ASP A CA  1 
ATOM   907  C C   . ASP A 1 116 ? 1.419   16.602  0.055   1.00 18.37  ? 224 ASP A C   1 
ATOM   908  O O   . ASP A 1 116 ? 2.283   15.801  -0.330  1.00 16.77  ? 224 ASP A O   1 
ATOM   909  C CB  . ASP A 1 116 ? 1.459   16.218  2.494   1.00 20.73  ? 224 ASP A CB  1 
ATOM   910  C CG  . ASP A 1 116 ? 0.718   15.782  3.732   1.00 22.54  ? 224 ASP A CG  1 
ATOM   911  O OD1 . ASP A 1 116 ? -0.484  16.071  3.827   1.00 24.62  ? 224 ASP A OD1 1 
ATOM   912  O OD2 . ASP A 1 116 ? 1.342   15.131  4.601   1.00 24.53  ? 224 ASP A OD2 1 
ATOM   913  N N   . LEU A 1 117 ? 1.202   17.772  -0.535  1.00 18.32  ? 225 LEU A N   1 
ATOM   914  C CA  . LEU A 1 117 ? 1.870   18.102  -1.798  1.00 21.68  ? 225 LEU A CA  1 
ATOM   915  C C   . LEU A 1 117 ? 3.325   18.534  -1.576  1.00 25.33  ? 225 LEU A C   1 
ATOM   916  O O   . LEU A 1 117 ? 3.666   19.700  -1.698  1.00 30.28  ? 225 LEU A O   1 
ATOM   917  C CB  . LEU A 1 117 ? 1.076   19.160  -2.597  1.00 20.91  ? 225 LEU A CB  1 
ATOM   918  C CG  . LEU A 1 117 ? -0.369  18.816  -2.963  1.00 21.50  ? 225 LEU A CG  1 
ATOM   919  C CD1 . LEU A 1 117 ? -1.019  19.974  -3.710  1.00 20.61  ? 225 LEU A CD1 1 
ATOM   920  C CD2 . LEU A 1 117 ? -0.424  17.536  -3.786  1.00 21.17  ? 225 LEU A CD2 1 
ATOM   921  N N   . GLU A 1 118 ? 4.178   17.573  -1.258  1.00 31.99  ? 226 GLU A N   1 
ATOM   922  C CA  . GLU A 1 118 ? 5.577   17.838  -0.882  1.00 36.21  ? 226 GLU A CA  1 
ATOM   923  C C   . GLU A 1 118 ? 6.440   17.943  -2.116  1.00 38.37  ? 226 GLU A C   1 
ATOM   924  O O   . GLU A 1 118 ? 7.591   18.414  -2.050  1.00 40.06  ? 226 GLU A O   1 
ATOM   925  C CB  . GLU A 1 118 ? 6.102   16.722  0.030   1.00 38.90  ? 226 GLU A CB  1 
ATOM   926  C CG  . GLU A 1 118 ? 6.850   17.205  1.253   1.00 45.28  ? 226 GLU A CG  1 
ATOM   927  C CD  . GLU A 1 118 ? 5.933   17.947  2.198   1.00 49.54  ? 226 GLU A CD  1 
ATOM   928  O OE1 . GLU A 1 118 ? 5.031   17.302  2.777   1.00 51.83  ? 226 GLU A OE1 1 
ATOM   929  O OE2 . GLU A 1 118 ? 6.102   19.180  2.334   1.00 51.85  ? 226 GLU A OE2 1 
ATOM   930  N N   . HIS A 1 119 ? 5.895   17.489  -3.244  1.00 38.53  ? 227 HIS A N   1 
ATOM   931  C CA  . HIS A 1 119 ? 6.564   17.641  -4.542  1.00 39.33  ? 227 HIS A CA  1 
ATOM   932  C C   . HIS A 1 119 ? 6.880   19.121  -4.891  1.00 39.49  ? 227 HIS A C   1 
ATOM   933  O O   . HIS A 1 119 ? 7.739   19.366  -5.747  1.00 37.88  ? 227 HIS A O   1 
ATOM   934  C CB  . HIS A 1 119 ? 5.768   16.961  -5.673  1.00 37.01  ? 227 HIS A CB  1 
ATOM   935  C CG  . HIS A 1 119 ? 4.630   17.786  -6.199  1.00 38.22  ? 227 HIS A CG  1 
ATOM   936  N ND1 . HIS A 1 119 ? 3.392   17.829  -5.590  1.00 37.11  ? 227 HIS A ND1 1 
ATOM   937  C CD2 . HIS A 1 119 ? 4.549   18.611  -7.271  1.00 38.40  ? 227 HIS A CD2 1 
ATOM   938  C CE1 . HIS A 1 119 ? 2.596   18.638  -6.266  1.00 38.71  ? 227 HIS A CE1 1 
ATOM   939  N NE2 . HIS A 1 119 ? 3.273   19.128  -7.288  1.00 39.62  ? 227 HIS A NE2 1 
ATOM   940  N N   . HIS A 1 120 ? 6.192   20.079  -4.243  1.00 38.68  ? 228 HIS A N   1 
ATOM   941  C CA  . HIS A 1 120 ? 6.461   21.528  -4.428  1.00 41.15  ? 228 HIS A CA  1 
ATOM   942  C C   . HIS A 1 120 ? 7.889   21.900  -4.000  1.00 45.37  ? 228 HIS A C   1 
ATOM   943  O O   . HIS A 1 120 ? 8.869   21.651  -4.713  1.00 48.32  ? 228 HIS A O   1 
ATOM   944  C CB  . HIS A 1 120 ? 5.505   22.398  -3.602  1.00 39.04  ? 228 HIS A CB  1 
ATOM   945  C CG  . HIS A 1 120 ? 4.079   22.372  -4.055  1.00 33.34  ? 228 HIS A CG  1 
ATOM   946  N ND1 . HIS A 1 120 ? 3.025   22.423  -3.168  1.00 33.12  ? 228 HIS A ND1 1 
ATOM   947  C CD2 . HIS A 1 120 ? 3.527   22.325  -5.290  1.00 33.54  ? 228 HIS A CD2 1 
ATOM   948  C CE1 . HIS A 1 120 ? 1.886   22.409  -3.836  1.00 30.45  ? 228 HIS A CE1 1 
ATOM   949  N NE2 . HIS A 1 120 ? 2.164   22.341  -5.125  1.00 31.78  ? 228 HIS A NE2 1 
HETATM 950  C C1  . FK5 B 2 .   ? 6.630   -1.409  2.554   1.00 16.20  ? 301 FK5 A C1  1 
HETATM 951  C C2  . FK5 B 2 .   ? 5.368   -2.207  2.483   1.00 16.30  ? 301 FK5 A C2  1 
HETATM 952  C C3  . FK5 B 2 .   ? 4.281   -1.357  1.822   1.00 15.28  ? 301 FK5 A C3  1 
HETATM 953  C C4  . FK5 B 2 .   ? 3.724   -0.307  2.777   1.00 16.45  ? 301 FK5 A C4  1 
HETATM 954  C C5  . FK5 B 2 .   ? 3.172   -1.009  4.027   1.00 15.42  ? 301 FK5 A C5  1 
HETATM 955  C C6  . FK5 B 2 .   ? 4.256   -1.817  4.752   1.00 16.77  ? 301 FK5 A C6  1 
HETATM 956  C C8  . FK5 B 2 .   ? 5.039   -4.101  3.947   1.00 19.94  ? 301 FK5 A C8  1 
HETATM 957  C C9  . FK5 B 2 .   ? 4.468   -4.753  5.140   1.00 21.15  ? 301 FK5 A C9  1 
HETATM 958  C C10 . FK5 B 2 .   ? 5.390   -5.180  6.283   1.00 22.67  ? 301 FK5 A C10 1 
HETATM 959  C C11 . FK5 B 2 .   ? 6.563   -6.091  5.852   1.00 22.74  ? 301 FK5 A C11 1 
HETATM 960  C C12 . FK5 B 2 .   ? 7.479   -6.443  7.026   1.00 22.91  ? 301 FK5 A C12 1 
HETATM 961  C C13 . FK5 B 2 .   ? 7.979   -5.202  7.764   1.00 24.68  ? 301 FK5 A C13 1 
HETATM 962  C C14 . FK5 B 2 .   ? 6.837   -4.215  8.026   1.00 24.89  ? 301 FK5 A C14 1 
HETATM 963  C C15 . FK5 B 2 .   ? 7.320   -2.889  8.611   1.00 26.12  ? 301 FK5 A C15 1 
HETATM 964  C C16 . FK5 B 2 .   ? 6.075   -1.998  8.732   1.00 27.73  ? 301 FK5 A C16 1 
HETATM 965  C C17 . FK5 B 2 .   ? 6.338   -0.530  9.029   1.00 30.02  ? 301 FK5 A C17 1 
HETATM 966  C C18 . FK5 B 2 .   ? 7.085   -0.290  10.368  1.00 28.05  ? 301 FK5 A C18 1 
HETATM 967  C C19 . FK5 B 2 .   ? 8.012   0.876   10.112  1.00 26.50  ? 301 FK5 A C19 1 
HETATM 968  C C20 . FK5 B 2 .   ? 9.257   0.638   9.636   1.00 26.02  ? 301 FK5 A C20 1 
HETATM 969  C C21 . FK5 B 2 .   ? 10.228  1.749   9.273   1.00 24.74  ? 301 FK5 A C21 1 
HETATM 970  C C22 . FK5 B 2 .   ? 10.401  1.716   7.763   1.00 24.38  ? 301 FK5 A C22 1 
HETATM 971  C C23 . FK5 B 2 .   ? 9.287   2.226   6.870   1.00 22.70  ? 301 FK5 A C23 1 
HETATM 972  C C24 . FK5 B 2 .   ? 9.287   1.587   5.477   1.00 20.45  ? 301 FK5 A C24 1 
HETATM 973  C C25 . FK5 B 2 .   ? 8.106   0.637   5.287   1.00 19.34  ? 301 FK5 A C25 1 
HETATM 974  C C26 . FK5 B 2 .   ? 8.211   -0.155  3.967   1.00 17.49  ? 301 FK5 A C26 1 
HETATM 975  C C27 . FK5 B 2 .   ? 9.436   -1.031  3.832   1.00 18.79  ? 301 FK5 A C27 1 
HETATM 976  C C28 . FK5 B 2 .   ? 10.303  -0.759  2.829   1.00 19.54  ? 301 FK5 A C28 1 
HETATM 977  C C29 . FK5 B 2 .   ? 11.579  -1.524  2.534   1.00 22.28  ? 301 FK5 A C29 1 
HETATM 978  C C30 . FK5 B 2 .   ? 11.421  -2.329  1.229   1.00 21.50  ? 301 FK5 A C30 1 
HETATM 979  C C31 . FK5 B 2 .   ? 12.733  -3.038  0.820   1.00 22.78  ? 301 FK5 A C31 1 
HETATM 980  C C32 . FK5 B 2 .   ? 13.872  -2.020  0.712   1.00 23.81  ? 301 FK5 A C32 1 
HETATM 981  C C33 . FK5 B 2 .   ? 14.070  -1.164  1.976   1.00 23.97  ? 301 FK5 A C33 1 
HETATM 982  C C34 . FK5 B 2 .   ? 12.749  -0.523  2.463   1.00 23.36  ? 301 FK5 A C34 1 
HETATM 983  C C35 . FK5 B 2 .   ? 6.124   -7.369  5.164   1.00 23.28  ? 301 FK5 A C35 1 
HETATM 984  C C36 . FK5 B 2 .   ? 5.016   0.239   8.879   1.00 30.09  ? 301 FK5 A C36 1 
HETATM 985  C C37 . FK5 B 2 .   ? 7.500   2.279   10.347  1.00 27.58  ? 301 FK5 A C37 1 
HETATM 986  C C38 . FK5 B 2 .   ? 11.560  1.666   10.034  1.00 26.00  ? 301 FK5 A C38 1 
HETATM 987  C C39 . FK5 B 2 .   ? 11.412  2.140   11.465  1.00 26.23  ? 301 FK5 A C39 1 
HETATM 988  C C40 . FK5 B 2 .   ? 11.434  3.434   11.727  1.00 28.02  ? 301 FK5 A C40 1 
HETATM 989  C C41 . FK5 B 2 .   ? 6.756   1.361   5.402   1.00 17.71  ? 301 FK5 A C41 1 
HETATM 990  C C42 . FK5 B 2 .   ? 9.605   -2.193  4.787   1.00 18.58  ? 301 FK5 A C42 1 
HETATM 991  C C43 . FK5 B 2 .   ? 9.895   -6.078  8.956   1.00 26.08  ? 301 FK5 A C43 1 
HETATM 992  C C44 . FK5 B 2 .   ? 9.729   -2.486  8.405   1.00 26.63  ? 301 FK5 A C44 1 
HETATM 993  C C45 . FK5 B 2 .   ? 12.469  -5.141  -0.379  1.00 23.10  ? 301 FK5 A C45 1 
HETATM 994  N N7  . FK5 B 2 .   ? 4.893   -2.773  3.780   1.00 17.77  ? 301 FK5 A N7  1 
HETATM 995  O O1  . FK5 B 2 .   ? 7.045   -0.962  3.858   1.00 15.86  ? 301 FK5 A O1  1 
HETATM 996  O O2  . FK5 B 2 .   ? 7.288   -1.173  1.534   1.00 15.21  ? 301 FK5 A O2  1 
HETATM 997  O O3  . FK5 B 2 .   ? 5.628   -4.813  3.119   1.00 23.17  ? 301 FK5 A O3  1 
HETATM 998  O O4  . FK5 B 2 .   ? 3.255   -4.971  5.196   1.00 19.84  ? 301 FK5 A O4  1 
HETATM 999  O O5  . FK5 B 2 .   ? 5.961   -4.001  6.880   1.00 23.34  ? 301 FK5 A O5  1 
HETATM 1000 O O6  . FK5 B 2 .   ? 4.570   -5.884  7.225   1.00 20.88  ? 301 FK5 A O6  1 
HETATM 1001 O O7  . FK5 B 2 .   ? 8.565   -5.537  9.046   1.00 26.66  ? 301 FK5 A O7  1 
HETATM 1002 O O8  . FK5 B 2 .   ? 8.399   -2.267  7.881   1.00 28.25  ? 301 FK5 A O8  1 
HETATM 1003 O O9  . FK5 B 2 .   ? 11.412  1.289   7.230   1.00 24.55  ? 301 FK5 A O9  1 
HETATM 1004 O O10 . FK5 B 2 .   ? 9.269   2.642   4.500   1.00 21.32  ? 301 FK5 A O10 1 
HETATM 1005 O O11 . FK5 B 2 .   ? 12.601  -3.717  -0.446  1.00 24.11  ? 301 FK5 A O11 1 
HETATM 1006 O O12 . FK5 B 2 .   ? 15.081  -2.727  0.443   1.00 26.86  ? 301 FK5 A O12 1 
HETATM 1007 C C37 . JEF C 3 .   ? 17.137  7.868   2.840   1.00 50.76  ? 302 JEF A C37 1 
HETATM 1008 C C36 . JEF C 3 .   ? 17.055  9.166   3.619   1.00 52.44  ? 302 JEF A C36 1 
HETATM 1009 O O11 . JEF C 3 .   ? 15.965  9.097   4.544   1.00 52.96  ? 302 JEF A O11 1 
HETATM 1010 C C33 . JEF C 3 .   ? 15.136  10.269  4.532   1.00 52.20  ? 302 JEF A C33 1 
HETATM 1011 C C32 . JEF C 3 .   ? 13.710  9.976   5.009   1.00 49.34  ? 302 JEF A C32 1 
HETATM 1012 O O10 . JEF C 3 .   ? 13.714  8.879   5.928   1.00 48.86  ? 302 JEF A O10 1 
HETATM 1013 C C19 . JEF C 3 .   ? 12.567  8.031   5.851   1.00 48.65  ? 302 JEF A C19 1 
HETATM 1014 C C20 . JEF C 3 .   ? 12.849  6.720   6.587   1.00 48.48  ? 302 JEF A C20 1 
HETATM 1015 O O   . JEF C 3 .   ? 12.400  5.601   5.823   1.00 48.64  ? 302 JEF A O   1 
HETATM 1016 C C   . JEF C 3 .   ? 13.431  4.651   5.550   1.00 47.64  ? 302 JEF A C   1 
HETATM 1017 C C17 . JEF C 3 .   ? 12.982  3.653   4.486   1.00 47.30  ? 302 JEF A C17 1 
HETATM 1018 O OH  . JEF C 3 .   ? 14.104  3.266   3.700   1.00 48.85  ? 302 JEF A OH  1 
HETATM 1019 C C2  . JEF C 3 .   ? 13.818  3.110   2.313   1.00 48.61  ? 302 JEF A C2  1 
HETATM 1020 C C3  . JEF C 3 .   ? 15.097  3.229   1.487   1.00 49.19  ? 302 JEF A C3  1 
HETATM 1021 O O2  . JEF C 3 .   ? 15.564  4.586   1.448   1.00 52.94  ? 302 JEF A O2  1 
HETATM 1022 C C5  . JEF C 3 .   ? 15.437  5.195   0.157   1.00 50.91  ? 302 JEF A C5  1 
HETATM 1023 C C4  . JEF C 3 .   ? 16.778  5.659   -0.369  1.00 50.57  ? 302 JEF A C4  1 
HETATM 1024 C C37 . JEF D 3 .   ? 10.088  -14.608 -8.273  1.00 29.18  ? 303 JEF A C37 1 
HETATM 1025 C C36 . JEF D 3 .   ? 10.841  -13.745 -7.273  1.00 33.45  ? 303 JEF A C36 1 
HETATM 1026 O O11 . JEF D 3 .   ? 11.202  -12.486 -7.844  1.00 37.24  ? 303 JEF A O11 1 
HETATM 1027 C C33 . JEF D 3 .   ? 12.607  -12.278 -7.794  1.00 40.71  ? 303 JEF A C33 1 
HETATM 1028 C C32 . JEF D 3 .   ? 13.021  -11.086 -8.649  1.00 47.08  ? 303 JEF A C32 1 
HETATM 1029 O O10 . JEF D 3 .   ? 14.379  -10.688 -8.420  1.00 55.35  ? 303 JEF A O10 1 
HETATM 1030 C C19 . JEF D 3 .   ? 14.624  -10.080 -7.148  1.00 55.64  ? 303 JEF A C19 1 
HETATM 1031 C C20 . JEF D 3 .   ? 15.765  -10.815 -6.446  1.00 55.53  ? 303 JEF A C20 1 
HETATM 1032 O O   . JEF D 3 .   ? 15.332  -11.135 -5.126  1.00 54.08  ? 303 JEF A O   1 
HETATM 1033 C C   . JEF D 3 .   ? 16.286  -10.783 -4.128  1.00 60.58  ? 303 JEF A C   1 
HETATM 1034 C C17 . JEF D 3 .   ? 15.661  -9.759  -3.188  1.00 67.54  ? 303 JEF A C17 1 
HETATM 1035 O OH  . JEF D 3 .   ? 16.610  -8.732  -2.858  1.00 78.25  ? 303 JEF A OH  1 
HETATM 1036 C C2  . JEF D 3 .   ? 16.234  -7.425  -3.320  1.00 78.83  ? 303 JEF A C2  1 
HETATM 1037 C C3  . JEF D 3 .   ? 15.940  -6.471  -2.156  1.00 78.02  ? 303 JEF A C3  1 
HETATM 1038 O O2  . JEF D 3 .   ? 16.448  -5.161  -2.427  1.00 80.17  ? 303 JEF A O2  1 
HETATM 1039 C C5  . JEF D 3 .   ? 15.428  -4.165  -2.550  1.00 75.38  ? 303 JEF A C5  1 
HETATM 1040 C C4  . JEF D 3 .   ? 16.058  -2.811  -2.809  1.00 73.17  ? 303 JEF A C4  1 
HETATM 1041 O O   . HOH E 4 .   ? 2.012   1.876   -12.115 1.00 25.54  ? 401 HOH A O   1 
HETATM 1042 O O   . HOH E 4 .   ? -7.352  -5.700  8.185   1.00 42.94  ? 402 HOH A O   1 
HETATM 1043 O O   . HOH E 4 .   ? -7.357  5.769   -9.813  1.00 23.67  ? 403 HOH A O   1 
HETATM 1044 O O   . HOH E 4 .   ? 1.006   -14.474 -11.219 1.00 34.48  ? 404 HOH A O   1 
HETATM 1045 O O   . HOH E 4 .   ? 12.058  -2.508  -2.694  1.00 31.88  ? 405 HOH A O   1 
HETATM 1046 O O   . HOH E 4 .   ? -9.075  0.932   4.607   1.00 24.81  ? 406 HOH A O   1 
HETATM 1047 O O   . HOH E 4 .   ? -0.400  9.603   8.930   1.00 36.50  ? 407 HOH A O   1 
HETATM 1048 O O   . HOH E 4 .   ? -2.310  2.164   12.929  1.00 36.91  ? 408 HOH A O   1 
HETATM 1049 O O   . HOH E 4 .   ? -11.274 -0.726  5.309   1.00 43.14  ? 409 HOH A O   1 
HETATM 1050 O O   . HOH E 4 .   ? -7.708  -3.170  4.454   1.00 26.71  ? 410 HOH A O   1 
HETATM 1051 O O   . HOH E 4 .   ? 6.611   6.459   -12.828 1.00 44.90  ? 411 HOH A O   1 
HETATM 1052 O O   . HOH E 4 .   ? -0.323  15.480  -6.238  1.00 25.43  ? 412 HOH A O   1 
HETATM 1053 O O   . HOH E 4 .   ? 10.571  0.191   -14.622 1.00 41.19  ? 413 HOH A O   1 
HETATM 1054 O O   . HOH E 4 .   ? -2.304  15.533  5.715   1.00 43.81  ? 414 HOH A O   1 
HETATM 1055 O O   . HOH E 4 .   ? -12.801 -3.827  18.844  1.00 33.71  ? 415 HOH A O   1 
HETATM 1056 O O   . HOH E 4 .   ? 9.092   -12.920 -1.590  1.00 12.50  ? 416 HOH A O   1 
HETATM 1057 O O   . HOH E 4 .   ? -11.698 7.004   1.539   1.00 46.77  ? 417 HOH A O   1 
HETATM 1058 O O   . HOH E 4 .   ? -10.538 5.915   -7.869  1.00 26.80  ? 418 HOH A O   1 
HETATM 1059 O O   . HOH E 4 .   ? 14.455  10.818  0.890   1.00 57.41  ? 419 HOH A O   1 
HETATM 1060 O O   . HOH E 4 .   ? 15.911  -4.985  1.708   1.00 37.90  ? 420 HOH A O   1 
HETATM 1061 O O   . HOH E 4 .   ? -9.840  10.746  2.159   1.00 41.59  ? 421 HOH A O   1 
HETATM 1062 O O   . HOH E 4 .   ? 3.163   4.223   -11.556 1.00 30.73  ? 422 HOH A O   1 
HETATM 1063 O O   . HOH E 4 .   ? 11.627  -4.397  -6.601  1.00 27.11  ? 423 HOH A O   1 
HETATM 1064 O O   . HOH E 4 .   ? 9.329   17.252  -6.469  1.00 53.95  ? 424 HOH A O   1 
HETATM 1065 O O   . HOH E 4 .   ? 14.323  -8.269  5.473   1.00 35.05  ? 425 HOH A O   1 
HETATM 1066 O O   . HOH E 4 .   ? 14.300  0.813   -1.971  1.00 46.34  ? 426 HOH A O   1 
HETATM 1067 O O   . HOH E 4 .   ? 9.064   6.044   -2.059  1.00 15.29  ? 427 HOH A O   1 
HETATM 1068 O O   . HOH E 4 .   ? 0.871   10.347  -10.639 1.00 18.76  ? 428 HOH A O   1 
HETATM 1069 O O   . HOH E 4 .   ? -9.355  7.808   -9.727  1.00 35.25  ? 429 HOH A O   1 
HETATM 1070 O O   . HOH E 4 .   ? 3.440   -11.558 9.947   1.00 36.46  ? 430 HOH A O   1 
HETATM 1071 O O   . HOH E 4 .   ? 11.547  -15.382 4.105   1.00 35.55  ? 431 HOH A O   1 
HETATM 1072 O O   . HOH E 4 .   ? -14.332 1.972   3.628   1.00 39.51  ? 432 HOH A O   1 
HETATM 1073 O O   . HOH E 4 .   ? -1.472  -3.068  14.198  1.00 55.68  ? 433 HOH A O   1 
HETATM 1074 O O   . HOH E 4 .   ? 11.900  -2.673  -8.854  1.00 41.80  ? 434 HOH A O   1 
HETATM 1075 O O   . HOH E 4 .   ? 0.211   3.200   10.476  1.00 20.66  ? 435 HOH A O   1 
HETATM 1076 O O   . HOH E 4 .   ? 1.792   -15.405 -1.485  1.00 15.24  ? 436 HOH A O   1 
HETATM 1077 O O   . HOH E 4 .   ? -15.507 10.020  -7.245  1.00 36.04  ? 437 HOH A O   1 
HETATM 1078 O O   . HOH E 4 .   ? -10.729 -1.692  -10.983 1.00 28.08  ? 438 HOH A O   1 
HETATM 1079 O O   . HOH E 4 .   ? 8.839   5.362   5.146   1.00 31.08  ? 439 HOH A O   1 
HETATM 1080 O O   . HOH E 4 .   ? -5.759  -6.539  -8.063  1.00 24.49  ? 440 HOH A O   1 
HETATM 1081 O O   . HOH E 4 .   ? -5.266  -12.491 -3.936  1.00 41.14  ? 441 HOH A O   1 
HETATM 1082 O O   . HOH E 4 .   ? -4.940  -8.023  1.617   1.00 18.53  ? 442 HOH A O   1 
HETATM 1083 O O   . HOH E 4 .   ? 7.305   -10.803 -1.897  1.00 10.83  ? 443 HOH A O   1 
HETATM 1084 O O   . HOH E 4 .   ? 1.336   -2.673  11.448  1.00 33.33  ? 444 HOH A O   1 
HETATM 1085 O O   . HOH E 4 .   ? 9.607   -20.357 -3.644  1.00 22.43  ? 445 HOH A O   1 
HETATM 1086 O O   . HOH E 4 .   ? 5.977   -18.310 -2.206  1.00 25.87  ? 446 HOH A O   1 
HETATM 1087 O O   . HOH E 4 .   ? 5.516   -18.850 -4.977  0.50 38.60  ? 447 HOH A O   1 
HETATM 1088 O O   . HOH E 4 .   ? 3.022   -16.477 -4.435  1.00 22.17  ? 448 HOH A O   1 
HETATM 1089 O O   . HOH E 4 .   ? -0.673  19.803  0.305   1.00 28.35  ? 449 HOH A O   1 
HETATM 1090 O O   . HOH E 4 .   ? 10.187  1.412   -4.812  1.00 30.43  ? 450 HOH A O   1 
HETATM 1091 O O   . HOH E 4 .   ? 10.257  -3.999  -4.204  1.00 16.02  ? 451 HOH A O   1 
HETATM 1092 O O   . HOH E 4 .   ? 12.651  -1.363  -13.200 1.00 49.11  ? 452 HOH A O   1 
HETATM 1093 O O   . HOH E 4 .   ? 15.646  -9.816  11.260  1.00 47.99  ? 453 HOH A O   1 
HETATM 1094 O O   . HOH E 4 .   ? 13.776  -8.289  -0.728  1.00 37.29  ? 454 HOH A O   1 
HETATM 1095 O O   . HOH E 4 .   ? 6.844   5.327   7.370   1.00 45.47  ? 455 HOH A O   1 
HETATM 1096 O O   . HOH E 4 .   ? -4.280  -14.897 8.803   1.00 28.22  ? 456 HOH A O   1 
HETATM 1097 O O   . HOH E 4 .   ? 7.154   15.300  -9.054  1.00 32.64  ? 457 HOH A O   1 
HETATM 1098 O O   . HOH E 4 .   ? -6.559  2.141   12.693  1.00 36.42  ? 458 HOH A O   1 
HETATM 1099 O O   . HOH E 4 .   ? 12.876  -7.203  -3.741  1.00 33.60  ? 459 HOH A O   1 
HETATM 1100 O O   . HOH E 4 .   ? 3.920   6.473   9.340   1.00 32.13  ? 460 HOH A O   1 
HETATM 1101 O O   . HOH E 4 .   ? -8.203  15.945  3.013   1.00 55.64  ? 461 HOH A O   1 
HETATM 1102 O O   . HOH E 4 .   ? -7.579  -4.993  10.919  1.00 43.32  ? 462 HOH A O   1 
HETATM 1103 O O   . HOH E 4 .   ? -8.015  -0.283  -11.506 1.00 43.66  ? 463 HOH A O   1 
HETATM 1104 O O   . HOH E 4 .   ? -4.167  -3.389  -13.240 1.00 29.57  ? 464 HOH A O   1 
HETATM 1105 O O   . HOH E 4 .   ? -3.481  15.774  -8.647  1.00 28.76  ? 465 HOH A O   1 
HETATM 1106 O O   . HOH E 4 .   ? -1.263  -2.834  -14.098 1.00 35.73  ? 466 HOH A O   1 
HETATM 1107 O O   . HOH E 4 .   ? -7.175  -0.610  3.469   1.00 20.73  ? 467 HOH A O   1 
HETATM 1108 O O   . HOH E 4 .   ? -0.367  -9.748  -10.145 1.00 35.05  ? 468 HOH A O   1 
HETATM 1109 O O   . HOH E 4 .   ? 9.177   8.249   3.692   1.00 24.52  ? 469 HOH A O   1 
HETATM 1110 O O   . HOH E 4 .   ? -9.517  7.517   7.615   1.00 46.55  ? 470 HOH A O   1 
HETATM 1111 O O   . HOH E 4 .   ? 5.170   12.164  -10.816 1.00 19.62  ? 471 HOH A O   1 
HETATM 1112 O O   . HOH E 4 .   ? -2.232  15.946  -12.586 1.00 53.56  ? 472 HOH A O   1 
HETATM 1113 O O   . HOH E 4 .   ? 0.673   -18.312 -0.044  1.00 35.54  ? 473 HOH A O   1 
HETATM 1114 O O   . HOH E 4 .   ? -17.123 3.563   -5.039  1.00 25.54  ? 474 HOH A O   1 
HETATM 1115 O O   . HOH E 4 .   ? 2.190   -19.404 4.291   1.00 59.97  ? 475 HOH A O   1 
HETATM 1116 O O   . HOH E 4 .   ? 4.961   5.132   -14.011 1.00 37.11  ? 476 HOH A O   1 
HETATM 1117 O O   . HOH E 4 .   ? -3.031  15.707  -5.504  1.00 39.38  ? 477 HOH A O   1 
HETATM 1118 O O   . HOH E 4 .   ? 7.472   5.082   -8.594  1.00 35.05  ? 478 HOH A O   1 
HETATM 1119 O O   . HOH E 4 .   ? -4.733  18.287  -9.510  1.00 45.27  ? 479 HOH A O   1 
HETATM 1120 O O   . HOH E 4 .   ? 0.381   5.470   15.061  1.00 34.52  ? 480 HOH A O   1 
HETATM 1121 O O   . HOH E 4 .   ? 9.722   4.073   -8.814  1.00 49.10  ? 481 HOH A O   1 
HETATM 1122 O O   . HOH E 4 .   ? -7.778  -5.692  -12.994 1.00 52.27  ? 482 HOH A O   1 
HETATM 1123 O O   . HOH E 4 .   ? 5.645   -9.162  -16.216 1.00 37.27  ? 483 HOH A O   1 
HETATM 1124 O O   . HOH E 4 .   ? -4.853  -19.113 6.555   1.00 57.55  ? 484 HOH A O   1 
HETATM 1125 O O   . HOH E 4 .   ? -16.120 0.145   -8.332  1.00 46.32  ? 485 HOH A O   1 
HETATM 1126 O O   . HOH E 4 .   ? 11.201  -3.652  -14.166 1.00 44.18  ? 486 HOH A O   1 
HETATM 1127 O O   . HOH E 4 .   ? 6.543   11.064  6.593   1.00 42.14  ? 487 HOH A O   1 
HETATM 1128 O O   . HOH E 4 .   ? 13.508  1.517   -9.074  1.00 48.29  ? 488 HOH A O   1 
HETATM 1129 O O   . HOH E 4 .   ? -0.234  -20.152 -2.253  1.00 40.48  ? 489 HOH A O   1 
HETATM 1130 O O   . HOH E 4 .   ? 14.663  5.992   -7.060  1.00 54.34  ? 490 HOH A O   1 
HETATM 1131 O O   . HOH E 4 .   ? 9.899   5.342   9.141   1.00 54.96  ? 491 HOH A O   1 
HETATM 1132 O O   . HOH E 4 .   ? -0.196  -10.414 -19.209 1.00 67.51  ? 492 HOH A O   1 
HETATM 1133 O O   . HOH E 4 .   ? 12.813  3.696   -7.379  1.00 44.98  ? 493 HOH A O   1 
HETATM 1134 O O   . HOH E 4 .   ? -2.083  -9.459  11.764  1.00 42.98  ? 494 HOH A O   1 
HETATM 1135 O O   . HOH E 4 .   ? -9.212  3.811   -11.667 1.00 51.21  ? 495 HOH A O   1 
HETATM 1136 O O   . HOH E 4 .   ? 5.204   -7.620  11.449  1.00 36.39  ? 496 HOH A O   1 
HETATM 1137 O O   . HOH E 4 .   ? 16.769  -11.916 4.172   1.00 55.21  ? 497 HOH A O   1 
HETATM 1138 O O   . HOH E 4 .   ? -4.359  11.481  8.041   1.00 47.33  ? 498 HOH A O   1 
HETATM 1139 O O   . HOH E 4 .   ? -10.150 8.901   -12.873 1.00 48.92  ? 499 HOH A O   1 
HETATM 1140 O O   . HOH E 4 .   ? 6.110   -20.757 -0.552  1.00 42.65  ? 500 HOH A O   1 
HETATM 1141 O O   . HOH E 4 .   ? 13.283  3.525   -12.033 1.00 55.00  ? 501 HOH A O   1 
HETATM 1142 O O   . HOH E 4 .   ? 7.213   -8.691  14.581  1.00 62.29  ? 502 HOH A O   1 
HETATM 1143 O O   . HOH E 4 .   ? -11.906 4.803   -10.471 1.00 39.84  ? 503 HOH A O   1 
HETATM 1144 O O   . HOH E 4 .   ? 3.440   -17.566 -0.721  1.00 43.11  ? 504 HOH A O   1 
HETATM 1145 O O   . HOH E 4 .   ? 9.860   12.545  4.338   1.00 48.68  ? 505 HOH A O   1 
HETATM 1146 O O   . HOH E 4 .   ? -7.782  -9.886  9.850   0.50 42.75  ? 506 HOH A O   1 
# 
loop_
_pdbx_poly_seq_scheme.asym_id 
_pdbx_poly_seq_scheme.entity_id 
_pdbx_poly_seq_scheme.seq_id 
_pdbx_poly_seq_scheme.mon_id 
_pdbx_poly_seq_scheme.ndb_seq_num 
_pdbx_poly_seq_scheme.pdb_seq_num 
_pdbx_poly_seq_scheme.auth_seq_num 
_pdbx_poly_seq_scheme.pdb_mon_id 
_pdbx_poly_seq_scheme.auth_mon_id 
_pdbx_poly_seq_scheme.pdb_strand_id 
_pdbx_poly_seq_scheme.pdb_ins_code 
_pdbx_poly_seq_scheme.hetero 
A 1 1   PRO 1   109 109 PRO PRO A . n 
A 1 2   LYS 2   110 110 LYS LYS A . n 
A 1 3   TYR 3   111 111 TYR TYR A . n 
A 1 4   THR 4   112 112 THR THR A . n 
A 1 5   LYS 5   113 113 LYS LYS A . n 
A 1 6   SER 6   114 114 SER SER A . n 
A 1 7   VAL 7   115 115 VAL VAL A . n 
A 1 8   LEU 8   116 116 LEU LEU A . n 
A 1 9   LYS 9   117 117 LYS LYS A . n 
A 1 10  LYS 10  118 118 LYS LYS A . n 
A 1 11  GLY 11  119 119 GLY GLY A . n 
A 1 12  ASP 12  120 120 ASP ASP A . n 
A 1 13  LYS 13  121 121 LYS LYS A . n 
A 1 14  THR 14  122 122 THR THR A . n 
A 1 15  ASN 15  123 123 ASN ASN A . n 
A 1 16  PHE 16  124 124 PHE PHE A . n 
A 1 17  PRO 17  125 125 PRO PRO A . n 
A 1 18  LYS 18  126 126 LYS LYS A . n 
A 1 19  LYS 19  127 127 LYS LYS A . n 
A 1 20  GLY 20  128 128 GLY GLY A . n 
A 1 21  ASP 21  129 129 ASP ASP A . n 
A 1 22  VAL 22  130 130 VAL VAL A . n 
A 1 23  VAL 23  131 131 VAL VAL A . n 
A 1 24  HIS 24  132 132 HIS HIS A . n 
A 1 25  CYS 25  133 133 CYS CYS A . n 
A 1 26  TRP 26  134 134 TRP TRP A . n 
A 1 27  TYR 27  135 135 TYR TYR A . n 
A 1 28  THR 28  136 136 THR THR A . n 
A 1 29  GLY 29  137 137 GLY GLY A . n 
A 1 30  THR 30  138 138 THR THR A . n 
A 1 31  LEU 31  139 139 LEU LEU A . n 
A 1 32  GLN 32  140 140 GLN GLN A . n 
A 1 33  ASP 33  141 141 ASP ASP A . n 
A 1 34  GLY 34  142 142 GLY GLY A . n 
A 1 35  THR 35  143 143 THR THR A . n 
A 1 36  VAL 36  144 144 VAL VAL A . n 
A 1 37  PHE 37  145 145 PHE PHE A . n 
A 1 38  ASP 38  146 146 ASP ASP A . n 
A 1 39  THR 39  147 147 THR THR A . n 
A 1 40  ASN 40  148 148 ASN ASN A . n 
A 1 41  ILE 41  149 149 ILE ILE A . n 
A 1 42  GLN 42  150 150 GLN GLN A . n 
A 1 43  THR 43  151 151 THR THR A . n 
A 1 44  SER 44  152 152 SER SER A . n 
A 1 45  ALA 45  153 153 ALA ALA A . n 
A 1 46  LYS 46  154 154 LYS LYS A . n 
A 1 47  LYS 47  155 155 LYS LYS A . n 
A 1 48  LYS 48  156 156 LYS LYS A . n 
A 1 49  LYS 49  157 157 LYS LYS A . n 
A 1 50  ASN 50  158 158 ASN ASN A . n 
A 1 51  ALA 51  159 159 ALA ALA A . n 
A 1 52  LYS 52  160 160 LYS LYS A . n 
A 1 53  PRO 53  161 161 PRO PRO A . n 
A 1 54  LEU 54  162 162 LEU LEU A . n 
A 1 55  SER 55  163 163 SER SER A . n 
A 1 56  PHE 56  164 164 PHE PHE A . n 
A 1 57  LYS 57  165 165 LYS LYS A . n 
A 1 58  VAL 58  166 166 VAL VAL A . n 
A 1 59  GLY 59  167 167 GLY GLY A . n 
A 1 60  VAL 60  168 168 VAL VAL A . n 
A 1 61  GLY 61  169 169 GLY GLY A . n 
A 1 62  LYS 62  170 170 LYS LYS A . n 
A 1 63  VAL 63  171 171 VAL VAL A . n 
A 1 64  ILE 64  172 172 ILE ILE A . n 
A 1 65  ARG 65  173 173 ARG ARG A . n 
A 1 66  GLY 66  174 174 GLY GLY A . n 
A 1 67  TRP 67  175 175 TRP TRP A . n 
A 1 68  ASP 68  176 176 ASP ASP A . n 
A 1 69  GLU 69  177 177 GLU GLU A . n 
A 1 70  ALA 70  178 178 ALA ALA A . n 
A 1 71  LEU 71  179 179 LEU LEU A . n 
A 1 72  LEU 72  180 180 LEU LEU A . n 
A 1 73  THR 73  181 181 THR THR A . n 
A 1 74  MET 74  182 182 MET MET A . n 
A 1 75  SER 75  183 183 SER SER A . n 
A 1 76  LYS 76  184 184 LYS LYS A . n 
A 1 77  GLY 77  185 185 GLY GLY A . n 
A 1 78  GLU 78  186 186 GLU GLU A . n 
A 1 79  LYS 79  187 187 LYS LYS A . n 
A 1 80  ALA 80  188 188 ALA ALA A . n 
A 1 81  ARG 81  189 189 ARG ARG A . n 
A 1 82  LEU 82  190 190 LEU LEU A . n 
A 1 83  GLU 83  191 191 GLU GLU A . n 
A 1 84  ILE 84  192 192 ILE ILE A . n 
A 1 85  GLU 85  193 193 GLU GLU A . n 
A 1 86  PRO 86  194 194 PRO PRO A . n 
A 1 87  GLU 87  195 195 GLU GLU A . n 
A 1 88  TRP 88  196 196 TRP TRP A . n 
A 1 89  ALA 89  197 197 ALA ALA A . n 
A 1 90  TYR 90  198 198 TYR TYR A . n 
A 1 91  GLY 91  199 199 GLY GLY A . n 
A 1 92  LYS 92  200 200 LYS LYS A . n 
A 1 93  LYS 93  201 201 LYS LYS A . n 
A 1 94  GLY 94  202 202 GLY GLY A . n 
A 1 95  GLN 95  203 203 GLN GLN A . n 
A 1 96  PRO 96  204 204 PRO PRO A . n 
A 1 97  ASP 97  205 205 ASP ASP A . n 
A 1 98  ALA 98  206 206 ALA ALA A . n 
A 1 99  LYS 99  207 207 LYS LYS A . n 
A 1 100 ILE 100 208 208 ILE ILE A . n 
A 1 101 PRO 101 209 209 PRO PRO A . n 
A 1 102 PRO 102 210 210 PRO PRO A . n 
A 1 103 ASN 103 211 211 ASN ASN A . n 
A 1 104 ALA 104 212 212 ALA ALA A . n 
A 1 105 LYS 105 213 213 LYS LYS A . n 
A 1 106 LEU 106 214 214 LEU LEU A . n 
A 1 107 THR 107 215 215 THR THR A . n 
A 1 108 PHE 108 216 216 PHE PHE A . n 
A 1 109 GLU 109 217 217 GLU GLU A . n 
A 1 110 VAL 110 218 218 VAL VAL A . n 
A 1 111 GLU 111 219 219 GLU GLU A . n 
A 1 112 LEU 112 220 220 LEU LEU A . n 
A 1 113 VAL 113 221 221 VAL VAL A . n 
A 1 114 ASP 114 222 222 ASP ASP A . n 
A 1 115 ILE 115 223 223 ILE ILE A . n 
A 1 116 ASP 116 224 224 ASP ASP A . n 
A 1 117 LEU 117 225 225 LEU LEU A . n 
A 1 118 GLU 118 226 226 GLU GLU A . n 
A 1 119 HIS 119 227 227 HIS HIS A . n 
A 1 120 HIS 120 228 228 HIS HIS A . n 
A 1 121 HIS 121 229 ?   ?   ?   A . n 
A 1 122 HIS 122 230 ?   ?   ?   A . n 
A 1 123 HIS 123 231 ?   ?   ?   A . n 
A 1 124 HIS 124 232 ?   ?   ?   A . n 
# 
loop_
_pdbx_nonpoly_scheme.asym_id 
_pdbx_nonpoly_scheme.entity_id 
_pdbx_nonpoly_scheme.mon_id 
_pdbx_nonpoly_scheme.ndb_seq_num 
_pdbx_nonpoly_scheme.pdb_seq_num 
_pdbx_nonpoly_scheme.auth_seq_num 
_pdbx_nonpoly_scheme.pdb_mon_id 
_pdbx_nonpoly_scheme.auth_mon_id 
_pdbx_nonpoly_scheme.pdb_strand_id 
_pdbx_nonpoly_scheme.pdb_ins_code 
B 2 FK5 1   301 108 FK5 FK5 A . 
C 3 JEF 1   302 1   JEF 6JZ A . 
D 3 JEF 1   303 2   JEF 6JZ A . 
E 4 HOH 1   401 125 HOH HOH A . 
E 4 HOH 2   402 164 HOH HOH A . 
E 4 HOH 3   403 33  HOH HOH A . 
E 4 HOH 4   404 128 HOH HOH A . 
E 4 HOH 5   405 47  HOH HOH A . 
E 4 HOH 6   406 13  HOH HOH A . 
E 4 HOH 7   407 144 HOH HOH A . 
E 4 HOH 8   408 46  HOH HOH A . 
E 4 HOH 9   409 89  HOH HOH A . 
E 4 HOH 10  410 16  HOH HOH A . 
E 4 HOH 11  411 138 HOH HOH A . 
E 4 HOH 12  412 28  HOH HOH A . 
E 4 HOH 13  413 34  HOH HOH A . 
E 4 HOH 14  414 31  HOH HOH A . 
E 4 HOH 15  415 30  HOH HOH A . 
E 4 HOH 16  416 1   HOH HOH A . 
E 4 HOH 17  417 141 HOH HOH A . 
E 4 HOH 18  418 21  HOH HOH A . 
E 4 HOH 19  419 67  HOH HOH A . 
E 4 HOH 20  420 129 HOH HOH A . 
E 4 HOH 21  421 118 HOH HOH A . 
E 4 HOH 22  422 29  HOH HOH A . 
E 4 HOH 23  423 76  HOH HOH A . 
E 4 HOH 24  424 153 HOH HOH A . 
E 4 HOH 25  425 90  HOH HOH A . 
E 4 HOH 26  426 63  HOH HOH A . 
E 4 HOH 27  427 2   HOH HOH A . 
E 4 HOH 28  428 6   HOH HOH A . 
E 4 HOH 29  429 81  HOH HOH A . 
E 4 HOH 30  430 50  HOH HOH A . 
E 4 HOH 31  431 57  HOH HOH A . 
E 4 HOH 32  432 109 HOH HOH A . 
E 4 HOH 33  433 145 HOH HOH A . 
E 4 HOH 34  434 78  HOH HOH A . 
E 4 HOH 35  435 14  HOH HOH A . 
E 4 HOH 36  436 4   HOH HOH A . 
E 4 HOH 37  437 11  HOH HOH A . 
E 4 HOH 38  438 64  HOH HOH A . 
E 4 HOH 39  439 95  HOH HOH A . 
E 4 HOH 40  440 32  HOH HOH A . 
E 4 HOH 41  441 156 HOH HOH A . 
E 4 HOH 42  442 73  HOH HOH A . 
E 4 HOH 43  443 3   HOH HOH A . 
E 4 HOH 44  444 62  HOH HOH A . 
E 4 HOH 45  445 8   HOH HOH A . 
E 4 HOH 46  446 51  HOH HOH A . 
E 4 HOH 47  447 119 HOH HOH A . 
E 4 HOH 48  448 12  HOH HOH A . 
E 4 HOH 49  449 24  HOH HOH A . 
E 4 HOH 50  450 52  HOH HOH A . 
E 4 HOH 51  451 5   HOH HOH A . 
E 4 HOH 52  452 66  HOH HOH A . 
E 4 HOH 53  453 49  HOH HOH A . 
E 4 HOH 54  454 106 HOH HOH A . 
E 4 HOH 55  455 123 HOH HOH A . 
E 4 HOH 56  456 61  HOH HOH A . 
E 4 HOH 57  457 121 HOH HOH A . 
E 4 HOH 58  458 37  HOH HOH A . 
E 4 HOH 59  459 94  HOH HOH A . 
E 4 HOH 60  460 48  HOH HOH A . 
E 4 HOH 61  461 140 HOH HOH A . 
E 4 HOH 62  462 133 HOH HOH A . 
E 4 HOH 63  463 82  HOH HOH A . 
E 4 HOH 64  464 17  HOH HOH A . 
E 4 HOH 65  465 10  HOH HOH A . 
E 4 HOH 66  466 101 HOH HOH A . 
E 4 HOH 67  467 15  HOH HOH A . 
E 4 HOH 68  468 165 HOH HOH A . 
E 4 HOH 69  469 26  HOH HOH A . 
E 4 HOH 70  470 160 HOH HOH A . 
E 4 HOH 71  471 53  HOH HOH A . 
E 4 HOH 72  472 91  HOH HOH A . 
E 4 HOH 73  473 115 HOH HOH A . 
E 4 HOH 74  474 107 HOH HOH A . 
E 4 HOH 75  475 162 HOH HOH A . 
E 4 HOH 76  476 27  HOH HOH A . 
E 4 HOH 77  477 38  HOH HOH A . 
E 4 HOH 78  478 110 HOH HOH A . 
E 4 HOH 79  479 60  HOH HOH A . 
E 4 HOH 80  480 158 HOH HOH A . 
E 4 HOH 81  481 139 HOH HOH A . 
E 4 HOH 82  482 35  HOH HOH A . 
E 4 HOH 83  483 130 HOH HOH A . 
E 4 HOH 84  484 112 HOH HOH A . 
E 4 HOH 85  485 58  HOH HOH A . 
E 4 HOH 86  486 126 HOH HOH A . 
E 4 HOH 87  487 143 HOH HOH A . 
E 4 HOH 88  488 163 HOH HOH A . 
E 4 HOH 89  489 116 HOH HOH A . 
E 4 HOH 90  490 159 HOH HOH A . 
E 4 HOH 91  491 136 HOH HOH A . 
E 4 HOH 92  492 87  HOH HOH A . 
E 4 HOH 93  493 135 HOH HOH A . 
E 4 HOH 94  494 148 HOH HOH A . 
E 4 HOH 95  495 142 HOH HOH A . 
E 4 HOH 96  496 166 HOH HOH A . 
E 4 HOH 97  497 146 HOH HOH A . 
E 4 HOH 98  498 120 HOH HOH A . 
E 4 HOH 99  499 105 HOH HOH A . 
E 4 HOH 100 500 42  HOH HOH A . 
E 4 HOH 101 501 114 HOH HOH A . 
E 4 HOH 102 502 157 HOH HOH A . 
E 4 HOH 103 503 124 HOH HOH A . 
E 4 HOH 104 504 98  HOH HOH A . 
E 4 HOH 105 505 152 HOH HOH A . 
E 4 HOH 106 506 147 HOH HOH A . 
# 
_pdbx_struct_assembly.id                   1 
_pdbx_struct_assembly.details              author_defined_assembly 
_pdbx_struct_assembly.method_details       ? 
_pdbx_struct_assembly.oligomeric_details   monomeric 
_pdbx_struct_assembly.oligomeric_count     1 
# 
_pdbx_struct_assembly_gen.assembly_id       1 
_pdbx_struct_assembly_gen.oper_expression   1 
_pdbx_struct_assembly_gen.asym_id_list      A,B,C,D,E 
# 
_pdbx_struct_oper_list.id                   1 
_pdbx_struct_oper_list.type                 'identity operation' 
_pdbx_struct_oper_list.name                 1_555 
_pdbx_struct_oper_list.symmetry_operation   x,y,z 
_pdbx_struct_oper_list.matrix[1][1]         1.0000000000 
_pdbx_struct_oper_list.matrix[1][2]         0.0000000000 
_pdbx_struct_oper_list.matrix[1][3]         0.0000000000 
_pdbx_struct_oper_list.vector[1]            0.0000000000 
_pdbx_struct_oper_list.matrix[2][1]         0.0000000000 
_pdbx_struct_oper_list.matrix[2][2]         1.0000000000 
_pdbx_struct_oper_list.matrix[2][3]         0.0000000000 
_pdbx_struct_oper_list.vector[2]            0.0000000000 
_pdbx_struct_oper_list.matrix[3][1]         0.0000000000 
_pdbx_struct_oper_list.matrix[3][2]         0.0000000000 
_pdbx_struct_oper_list.matrix[3][3]         1.0000000000 
_pdbx_struct_oper_list.vector[3]            0.0000000000 
# 
loop_
_pdbx_struct_special_symmetry.id 
_pdbx_struct_special_symmetry.PDB_model_num 
_pdbx_struct_special_symmetry.auth_asym_id 
_pdbx_struct_special_symmetry.auth_comp_id 
_pdbx_struct_special_symmetry.auth_seq_id 
_pdbx_struct_special_symmetry.PDB_ins_code 
_pdbx_struct_special_symmetry.label_asym_id 
_pdbx_struct_special_symmetry.label_comp_id 
_pdbx_struct_special_symmetry.label_seq_id 
1 1 A HOH 447 ? E HOH . 
2 1 A HOH 506 ? E HOH . 
# 
loop_
_pdbx_audit_revision_history.ordinal 
_pdbx_audit_revision_history.data_content_type 
_pdbx_audit_revision_history.major_revision 
_pdbx_audit_revision_history.minor_revision 
_pdbx_audit_revision_history.revision_date 
1 'Structure model' 1 0 2016-04-06 
2 'Structure model' 2 0 2018-10-03 
3 'Structure model' 2 1 2023-11-08 
# 
_pdbx_audit_revision_details.ordinal             1 
_pdbx_audit_revision_details.revision_ordinal    1 
_pdbx_audit_revision_details.data_content_type   'Structure model' 
_pdbx_audit_revision_details.provider            repository 
_pdbx_audit_revision_details.type                'Initial release' 
_pdbx_audit_revision_details.description         ? 
_pdbx_audit_revision_details.details             ? 
# 
loop_
_pdbx_audit_revision_group.ordinal 
_pdbx_audit_revision_group.revision_ordinal 
_pdbx_audit_revision_group.data_content_type 
_pdbx_audit_revision_group.group 
1  2 'Structure model' Advisory                  
2  2 'Structure model' 'Atomic model'            
3  2 'Structure model' 'Data collection'         
4  2 'Structure model' 'Database references'     
5  2 'Structure model' 'Derived calculations'    
6  2 'Structure model' 'Non-polymer description' 
7  2 'Structure model' 'Structure summary'       
8  3 'Structure model' 'Data collection'         
9  3 'Structure model' 'Database references'     
10 3 'Structure model' 'Refinement description'  
# 
loop_
_pdbx_audit_revision_category.ordinal 
_pdbx_audit_revision_category.revision_ordinal 
_pdbx_audit_revision_category.data_content_type 
_pdbx_audit_revision_category.category 
1  2 'Structure model' atom_site                     
2  2 'Structure model' chem_comp                     
3  2 'Structure model' citation                      
4  2 'Structure model' entity                        
5  2 'Structure model' pdbx_entity_nonpoly           
6  2 'Structure model' pdbx_nonpoly_scheme           
7  2 'Structure model' pdbx_struct_oper_list         
8  2 'Structure model' pdbx_unobs_or_zero_occ_atoms  
9  2 'Structure model' struct_site                   
10 2 'Structure model' struct_site_gen               
11 3 'Structure model' chem_comp_atom                
12 3 'Structure model' chem_comp_bond                
13 3 'Structure model' database_2                    
14 3 'Structure model' pdbx_initial_refinement_model 
# 
loop_
_pdbx_audit_revision_item.ordinal 
_pdbx_audit_revision_item.revision_ordinal 
_pdbx_audit_revision_item.data_content_type 
_pdbx_audit_revision_item.item 
1  2 'Structure model' '_atom_site.auth_atom_id'                   
2  2 'Structure model' '_atom_site.auth_comp_id'                   
3  2 'Structure model' '_atom_site.label_atom_id'                  
4  2 'Structure model' '_atom_site.label_comp_id'                  
5  2 'Structure model' '_chem_comp.formula'                        
6  2 'Structure model' '_chem_comp.formula_weight'                 
7  2 'Structure model' '_chem_comp.id'                             
8  2 'Structure model' '_chem_comp.mon_nstd_flag'                  
9  2 'Structure model' '_chem_comp.name'                           
10 2 'Structure model' '_chem_comp.pdbx_synonyms'                  
11 2 'Structure model' '_chem_comp.type'                           
12 2 'Structure model' '_citation.journal_id_CSD'                  
13 2 'Structure model' '_entity.formula_weight'                    
14 2 'Structure model' '_entity.pdbx_description'                  
15 2 'Structure model' '_pdbx_entity_nonpoly.comp_id'              
16 2 'Structure model' '_pdbx_entity_nonpoly.name'                 
17 2 'Structure model' '_pdbx_nonpoly_scheme.mon_id'               
18 2 'Structure model' '_pdbx_nonpoly_scheme.pdb_mon_id'           
19 2 'Structure model' '_pdbx_struct_oper_list.symmetry_operation' 
20 2 'Structure model' '_struct_site.details'                      
21 2 'Structure model' '_struct_site.pdbx_auth_comp_id'            
22 2 'Structure model' '_struct_site_gen.auth_comp_id'             
23 2 'Structure model' '_struct_site_gen.label_comp_id'            
24 3 'Structure model' '_database_2.pdbx_DOI'                      
25 3 'Structure model' '_database_2.pdbx_database_accession'       
# 
loop_
_software.citation_id 
_software.classification 
_software.compiler_name 
_software.compiler_version 
_software.contact_author 
_software.contact_author_email 
_software.date 
_software.description 
_software.dependencies 
_software.hardware 
_software.language 
_software.location 
_software.mods 
_software.name 
_software.os 
_software.os_version 
_software.type 
_software.version 
_software.pdbx_ordinal 
? refinement       ? ? ? ? ? ? ? ? ? ? ? REFMAC  ? ? ? 5.8.0124 1 
? 'data reduction' ? ? ? ? ? ? ? ? ? ? ? iMOSFLM ? ? ? .        2 
? 'data scaling'   ? ? ? ? ? ? ? ? ? ? ? SCALA   ? ? ? .        3 
? phasing          ? ? ? ? ? ? ? ? ? ? ? PHASER  ? ? ? .        4 
# 
loop_
_pdbx_validate_torsion.id 
_pdbx_validate_torsion.PDB_model_num 
_pdbx_validate_torsion.auth_comp_id 
_pdbx_validate_torsion.auth_asym_id 
_pdbx_validate_torsion.auth_seq_id 
_pdbx_validate_torsion.PDB_ins_code 
_pdbx_validate_torsion.label_alt_id 
_pdbx_validate_torsion.phi 
_pdbx_validate_torsion.psi 
1 1 THR A 122 ? ? -132.07 -45.52  
2 1 ALA A 153 ? ? -67.41  71.85   
3 1 LYS A 154 ? ? -130.27 -58.96  
4 1 LYS A 155 ? ? 40.25   -131.99 
5 1 ASN A 158 ? ? -127.35 -65.86  
6 1 ALA A 197 ? ? -130.80 -115.55 
# 
_pdbx_distant_solvent_atoms.id                                1 
_pdbx_distant_solvent_atoms.PDB_model_num                     1 
_pdbx_distant_solvent_atoms.auth_atom_id                      O 
_pdbx_distant_solvent_atoms.label_alt_id                      ? 
_pdbx_distant_solvent_atoms.auth_asym_id                      A 
_pdbx_distant_solvent_atoms.auth_comp_id                      HOH 
_pdbx_distant_solvent_atoms.auth_seq_id                       506 
_pdbx_distant_solvent_atoms.PDB_ins_code                      ? 
_pdbx_distant_solvent_atoms.neighbor_macromolecule_distance   6.52 
_pdbx_distant_solvent_atoms.neighbor_ligand_distance          . 
# 
loop_
_pdbx_unobs_or_zero_occ_atoms.id 
_pdbx_unobs_or_zero_occ_atoms.PDB_model_num 
_pdbx_unobs_or_zero_occ_atoms.polymer_flag 
_pdbx_unobs_or_zero_occ_atoms.occupancy_flag 
_pdbx_unobs_or_zero_occ_atoms.auth_asym_id 
_pdbx_unobs_or_zero_occ_atoms.auth_comp_id 
_pdbx_unobs_or_zero_occ_atoms.auth_seq_id 
_pdbx_unobs_or_zero_occ_atoms.PDB_ins_code 
_pdbx_unobs_or_zero_occ_atoms.auth_atom_id 
_pdbx_unobs_or_zero_occ_atoms.label_alt_id 
_pdbx_unobs_or_zero_occ_atoms.label_asym_id 
_pdbx_unobs_or_zero_occ_atoms.label_comp_id 
_pdbx_unobs_or_zero_occ_atoms.label_seq_id 
_pdbx_unobs_or_zero_occ_atoms.label_atom_id 
1  1 N 1 A JEF 302 ? C38 ? C JEF 1 C38 
2  1 N 1 A JEF 302 ? O12 ? C JEF 1 O12 
3  1 N 1 A JEF 302 ? C34 ? C JEF 1 C34 
4  1 N 1 A JEF 302 ? C40 ? C JEF 1 C40 
5  1 N 1 A JEF 302 ? C18 ? C JEF 1 C18 
6  1 N 1 A JEF 302 ? C1  ? C JEF 1 C1  
7  1 N 1 A JEF 302 ? C6  ? C JEF 1 C6  
8  1 N 1 A JEF 302 ? O3  ? C JEF 1 O3  
9  1 N 1 A JEF 302 ? C7  ? C JEF 1 C7  
10 1 N 1 A JEF 302 ? C9  ? C JEF 1 C9  
11 1 N 1 A JEF 302 ? C8  ? C JEF 1 C8  
12 1 N 1 A JEF 302 ? O4  ? C JEF 1 O4  
13 1 N 1 A JEF 302 ? C11 ? C JEF 1 C11 
14 1 N 1 A JEF 302 ? C12 ? C JEF 1 C12 
15 1 N 1 A JEF 302 ? C10 ? C JEF 1 C10 
16 1 N 1 A JEF 302 ? O5  ? C JEF 1 O5  
17 1 N 1 A JEF 302 ? C13 ? C JEF 1 C13 
18 1 N 1 A JEF 302 ? C15 ? C JEF 1 C15 
19 1 N 1 A JEF 302 ? C14 ? C JEF 1 C14 
20 1 N 1 A JEF 302 ? O6  ? C JEF 1 O6  
21 1 N 1 A JEF 302 ? C16 ? C JEF 1 C16 
22 1 N 1 A JEF 302 ? C30 ? C JEF 1 C30 
23 1 N 1 A JEF 302 ? C31 ? C JEF 1 C31 
24 1 N 1 A JEF 302 ? N1  ? C JEF 1 N1  
25 1 N 1 A JEF 303 ? C38 ? D JEF 1 C38 
26 1 N 1 A JEF 303 ? O12 ? D JEF 1 O12 
27 1 N 1 A JEF 303 ? C34 ? D JEF 1 C34 
28 1 N 1 A JEF 303 ? C40 ? D JEF 1 C40 
29 1 N 1 A JEF 303 ? C18 ? D JEF 1 C18 
30 1 N 1 A JEF 303 ? C1  ? D JEF 1 C1  
31 1 N 1 A JEF 303 ? C6  ? D JEF 1 C6  
32 1 N 1 A JEF 303 ? O3  ? D JEF 1 O3  
33 1 N 1 A JEF 303 ? C7  ? D JEF 1 C7  
34 1 N 1 A JEF 303 ? C9  ? D JEF 1 C9  
35 1 N 1 A JEF 303 ? C8  ? D JEF 1 C8  
36 1 N 1 A JEF 303 ? O4  ? D JEF 1 O4  
37 1 N 1 A JEF 303 ? C11 ? D JEF 1 C11 
38 1 N 1 A JEF 303 ? C12 ? D JEF 1 C12 
39 1 N 1 A JEF 303 ? C10 ? D JEF 1 C10 
40 1 N 1 A JEF 303 ? O5  ? D JEF 1 O5  
41 1 N 1 A JEF 303 ? C13 ? D JEF 1 C13 
42 1 N 1 A JEF 303 ? C15 ? D JEF 1 C15 
43 1 N 1 A JEF 303 ? C14 ? D JEF 1 C14 
44 1 N 1 A JEF 303 ? O6  ? D JEF 1 O6  
45 1 N 1 A JEF 303 ? C16 ? D JEF 1 C16 
46 1 N 1 A JEF 303 ? C30 ? D JEF 1 C30 
47 1 N 1 A JEF 303 ? C31 ? D JEF 1 C31 
48 1 N 1 A JEF 303 ? N1  ? D JEF 1 N1  
# 
loop_
_pdbx_unobs_or_zero_occ_residues.id 
_pdbx_unobs_or_zero_occ_residues.PDB_model_num 
_pdbx_unobs_or_zero_occ_residues.polymer_flag 
_pdbx_unobs_or_zero_occ_residues.occupancy_flag 
_pdbx_unobs_or_zero_occ_residues.auth_asym_id 
_pdbx_unobs_or_zero_occ_residues.auth_comp_id 
_pdbx_unobs_or_zero_occ_residues.auth_seq_id 
_pdbx_unobs_or_zero_occ_residues.PDB_ins_code 
_pdbx_unobs_or_zero_occ_residues.label_asym_id 
_pdbx_unobs_or_zero_occ_residues.label_comp_id 
_pdbx_unobs_or_zero_occ_residues.label_seq_id 
1 1 Y 1 A HIS 229 ? A HIS 121 
2 1 Y 1 A HIS 230 ? A HIS 122 
3 1 Y 1 A HIS 231 ? A HIS 123 
4 1 Y 1 A HIS 232 ? A HIS 124 
# 
loop_
_chem_comp_atom.comp_id 
_chem_comp_atom.atom_id 
_chem_comp_atom.type_symbol 
_chem_comp_atom.pdbx_aromatic_flag 
_chem_comp_atom.pdbx_stereo_config 
_chem_comp_atom.pdbx_ordinal 
ALA N    N N N 1   
ALA CA   C N S 2   
ALA C    C N N 3   
ALA O    O N N 4   
ALA CB   C N N 5   
ALA OXT  O N N 6   
ALA H    H N N 7   
ALA H2   H N N 8   
ALA HA   H N N 9   
ALA HB1  H N N 10  
ALA HB2  H N N 11  
ALA HB3  H N N 12  
ALA HXT  H N N 13  
ARG N    N N N 14  
ARG CA   C N S 15  
ARG C    C N N 16  
ARG O    O N N 17  
ARG CB   C N N 18  
ARG CG   C N N 19  
ARG CD   C N N 20  
ARG NE   N N N 21  
ARG CZ   C N N 22  
ARG NH1  N N N 23  
ARG NH2  N N N 24  
ARG OXT  O N N 25  
ARG H    H N N 26  
ARG H2   H N N 27  
ARG HA   H N N 28  
ARG HB2  H N N 29  
ARG HB3  H N N 30  
ARG HG2  H N N 31  
ARG HG3  H N N 32  
ARG HD2  H N N 33  
ARG HD3  H N N 34  
ARG HE   H N N 35  
ARG HH11 H N N 36  
ARG HH12 H N N 37  
ARG HH21 H N N 38  
ARG HH22 H N N 39  
ARG HXT  H N N 40  
ASN N    N N N 41  
ASN CA   C N S 42  
ASN C    C N N 43  
ASN O    O N N 44  
ASN CB   C N N 45  
ASN CG   C N N 46  
ASN OD1  O N N 47  
ASN ND2  N N N 48  
ASN OXT  O N N 49  
ASN H    H N N 50  
ASN H2   H N N 51  
ASN HA   H N N 52  
ASN HB2  H N N 53  
ASN HB3  H N N 54  
ASN HD21 H N N 55  
ASN HD22 H N N 56  
ASN HXT  H N N 57  
ASP N    N N N 58  
ASP CA   C N S 59  
ASP C    C N N 60  
ASP O    O N N 61  
ASP CB   C N N 62  
ASP CG   C N N 63  
ASP OD1  O N N 64  
ASP OD2  O N N 65  
ASP OXT  O N N 66  
ASP H    H N N 67  
ASP H2   H N N 68  
ASP HA   H N N 69  
ASP HB2  H N N 70  
ASP HB3  H N N 71  
ASP HD2  H N N 72  
ASP HXT  H N N 73  
CYS N    N N N 74  
CYS CA   C N R 75  
CYS C    C N N 76  
CYS O    O N N 77  
CYS CB   C N N 78  
CYS SG   S N N 79  
CYS OXT  O N N 80  
CYS H    H N N 81  
CYS H2   H N N 82  
CYS HA   H N N 83  
CYS HB2  H N N 84  
CYS HB3  H N N 85  
CYS HG   H N N 86  
CYS HXT  H N N 87  
FK5 C1   C N N 88  
FK5 C2   C N S 89  
FK5 C3   C N N 90  
FK5 C4   C N N 91  
FK5 C5   C N N 92  
FK5 C6   C N N 93  
FK5 C8   C N N 94  
FK5 C9   C N N 95  
FK5 C10  C N R 96  
FK5 C11  C N R 97  
FK5 C12  C N N 98  
FK5 C13  C N S 99  
FK5 C14  C N R 100 
FK5 C15  C N S 101 
FK5 C16  C N N 102 
FK5 C17  C N S 103 
FK5 C18  C N N 104 
FK5 C19  C N N 105 
FK5 C20  C N N 106 
FK5 C21  C N R 107 
FK5 C22  C N N 108 
FK5 C23  C N N 109 
FK5 C24  C N S 110 
FK5 C25  C N R 111 
FK5 C26  C N S 112 
FK5 C27  C N N 113 
FK5 C28  C N N 114 
FK5 C29  C N R 115 
FK5 C30  C N N 116 
FK5 C31  C N R 117 
FK5 C32  C N R 118 
FK5 C33  C N N 119 
FK5 C34  C N N 120 
FK5 C35  C N N 121 
FK5 C36  C N N 122 
FK5 C37  C N N 123 
FK5 C38  C N N 124 
FK5 C39  C N N 125 
FK5 C40  C N N 126 
FK5 C41  C N N 127 
FK5 C42  C N N 128 
FK5 C43  C N N 129 
FK5 C44  C N N 130 
FK5 C45  C N N 131 
FK5 N7   N N N 132 
FK5 O1   O N N 133 
FK5 O2   O N N 134 
FK5 O3   O N N 135 
FK5 O4   O N N 136 
FK5 O5   O N N 137 
FK5 O6   O N N 138 
FK5 O7   O N N 139 
FK5 O8   O N N 140 
FK5 O9   O N N 141 
FK5 O10  O N N 142 
FK5 O11  O N N 143 
FK5 O12  O N N 144 
FK5 H2   H N N 145 
FK5 H31A H N N 146 
FK5 H32A H N N 147 
FK5 H41  H N N 148 
FK5 H42  H N N 149 
FK5 H51  H N N 150 
FK5 H52  H N N 151 
FK5 H61  H N N 152 
FK5 H62  H N N 153 
FK5 H11  H N N 154 
FK5 H121 H N N 155 
FK5 H122 H N N 156 
FK5 H13  H N N 157 
FK5 H14  H N N 158 
FK5 H15  H N N 159 
FK5 H161 H N N 160 
FK5 H162 H N N 161 
FK5 H17  H N N 162 
FK5 H181 H N N 163 
FK5 H182 H N N 164 
FK5 H20  H N N 165 
FK5 H21  H N N 166 
FK5 H231 H N N 167 
FK5 H232 H N N 168 
FK5 H24  H N N 169 
FK5 H25  H N N 170 
FK5 H26  H N N 171 
FK5 H28  H N N 172 
FK5 H29  H N N 173 
FK5 H301 H N N 174 
FK5 H302 H N N 175 
FK5 H31  H N N 176 
FK5 H32  H N N 177 
FK5 H331 H N N 178 
FK5 H332 H N N 179 
FK5 H341 H N N 180 
FK5 H342 H N N 181 
FK5 H351 H N N 182 
FK5 H352 H N N 183 
FK5 H353 H N N 184 
FK5 H361 H N N 185 
FK5 H362 H N N 186 
FK5 H363 H N N 187 
FK5 H371 H N N 188 
FK5 H372 H N N 189 
FK5 H373 H N N 190 
FK5 H381 H N N 191 
FK5 H382 H N N 192 
FK5 H39  H N N 193 
FK5 H401 H N N 194 
FK5 H402 H N N 195 
FK5 H411 H N N 196 
FK5 H412 H N N 197 
FK5 H413 H N N 198 
FK5 H421 H N N 199 
FK5 H422 H N N 200 
FK5 H423 H N N 201 
FK5 H431 H N N 202 
FK5 H432 H N N 203 
FK5 H433 H N N 204 
FK5 H441 H N N 205 
FK5 H442 H N N 206 
FK5 H443 H N N 207 
FK5 H451 H N N 208 
FK5 H452 H N N 209 
FK5 H453 H N N 210 
FK5 HO6  H N N 211 
FK5 HO10 H N N 212 
FK5 HO12 H N N 213 
GLN N    N N N 214 
GLN CA   C N S 215 
GLN C    C N N 216 
GLN O    O N N 217 
GLN CB   C N N 218 
GLN CG   C N N 219 
GLN CD   C N N 220 
GLN OE1  O N N 221 
GLN NE2  N N N 222 
GLN OXT  O N N 223 
GLN H    H N N 224 
GLN H2   H N N 225 
GLN HA   H N N 226 
GLN HB2  H N N 227 
GLN HB3  H N N 228 
GLN HG2  H N N 229 
GLN HG3  H N N 230 
GLN HE21 H N N 231 
GLN HE22 H N N 232 
GLN HXT  H N N 233 
GLU N    N N N 234 
GLU CA   C N S 235 
GLU C    C N N 236 
GLU O    O N N 237 
GLU CB   C N N 238 
GLU CG   C N N 239 
GLU CD   C N N 240 
GLU OE1  O N N 241 
GLU OE2  O N N 242 
GLU OXT  O N N 243 
GLU H    H N N 244 
GLU H2   H N N 245 
GLU HA   H N N 246 
GLU HB2  H N N 247 
GLU HB3  H N N 248 
GLU HG2  H N N 249 
GLU HG3  H N N 250 
GLU HE2  H N N 251 
GLU HXT  H N N 252 
GLY N    N N N 253 
GLY CA   C N N 254 
GLY C    C N N 255 
GLY O    O N N 256 
GLY OXT  O N N 257 
GLY H    H N N 258 
GLY H2   H N N 259 
GLY HA2  H N N 260 
GLY HA3  H N N 261 
GLY HXT  H N N 262 
HIS N    N N N 263 
HIS CA   C N S 264 
HIS C    C N N 265 
HIS O    O N N 266 
HIS CB   C N N 267 
HIS CG   C Y N 268 
HIS ND1  N Y N 269 
HIS CD2  C Y N 270 
HIS CE1  C Y N 271 
HIS NE2  N Y N 272 
HIS OXT  O N N 273 
HIS H    H N N 274 
HIS H2   H N N 275 
HIS HA   H N N 276 
HIS HB2  H N N 277 
HIS HB3  H N N 278 
HIS HD1  H N N 279 
HIS HD2  H N N 280 
HIS HE1  H N N 281 
HIS HE2  H N N 282 
HIS HXT  H N N 283 
HOH O    O N N 284 
HOH H1   H N N 285 
HOH H2   H N N 286 
ILE N    N N N 287 
ILE CA   C N S 288 
ILE C    C N N 289 
ILE O    O N N 290 
ILE CB   C N S 291 
ILE CG1  C N N 292 
ILE CG2  C N N 293 
ILE CD1  C N N 294 
ILE OXT  O N N 295 
ILE H    H N N 296 
ILE H2   H N N 297 
ILE HA   H N N 298 
ILE HB   H N N 299 
ILE HG12 H N N 300 
ILE HG13 H N N 301 
ILE HG21 H N N 302 
ILE HG22 H N N 303 
ILE HG23 H N N 304 
ILE HD11 H N N 305 
ILE HD12 H N N 306 
ILE HD13 H N N 307 
ILE HXT  H N N 308 
JEF C38  C N N 309 
JEF O12  O N N 310 
JEF C37  C N N 311 
JEF C36  C N N 312 
JEF O11  O N N 313 
JEF C33  C N N 314 
JEF C34  C N N 315 
JEF C32  C N N 316 
JEF O10  O N N 317 
JEF C19  C N N 318 
JEF C40  C N N 319 
JEF C20  C N N 320 
JEF O    O N N 321 
JEF C    C N R 322 
JEF C18  C N N 323 
JEF C17  C N N 324 
JEF OH   O N N 325 
JEF C2   C N R 326 
JEF C1   C N N 327 
JEF C3   C N N 328 
JEF O2   O N N 329 
JEF C5   C N S 330 
JEF C6   C N N 331 
JEF C4   C N N 332 
JEF O3   O N N 333 
JEF C7   C N S 334 
JEF C9   C N N 335 
JEF C8   C N N 336 
JEF O4   O N N 337 
JEF C11  C N R 338 
JEF C12  C N N 339 
JEF C10  C N N 340 
JEF O5   O N N 341 
JEF C13  C N R 342 
JEF C15  C N N 343 
JEF C14  C N N 344 
JEF O6   O N N 345 
JEF C16  C N N 346 
JEF C30  C N N 347 
JEF C31  C N N 348 
JEF N1   N N N 349 
JEF H381 H N N 350 
JEF H382 H N N 351 
JEF H383 H N N 352 
JEF H371 H N N 353 
JEF H372 H N N 354 
JEF H361 H N N 355 
JEF H362 H N N 356 
JEF H33  H N N 357 
JEF H341 H N N 358 
JEF H342 H N N 359 
JEF H343 H N N 360 
JEF H321 H N N 361 
JEF H322 H N N 362 
JEF H19  H N N 363 
JEF H401 H N N 364 
JEF H402 H N N 365 
JEF H403 H N N 366 
JEF H201 H N N 367 
JEF H202 H N N 368 
JEF H    H N N 369 
JEF H181 H N N 370 
JEF H182 H N N 371 
JEF H183 H N N 372 
JEF H171 H N N 373 
JEF H172 H N N 374 
JEF H2   H N N 375 
JEF H11A H N N 376 
JEF H12  H N N 377 
JEF H13A H N N 378 
JEF H31  H N N 379 
JEF H32  H N N 380 
JEF H5   H N N 381 
JEF H61  H N N 382 
JEF H62  H N N 383 
JEF H63  H N N 384 
JEF H41  H N N 385 
JEF H42  H N N 386 
JEF H7   H N N 387 
JEF H91  H N N 388 
JEF H92  H N N 389 
JEF H93  H N N 390 
JEF H81  H N N 391 
JEF H82  H N N 392 
JEF H11  H N N 393 
JEF H121 H N N 394 
JEF H122 H N N 395 
JEF H123 H N N 396 
JEF H101 H N N 397 
JEF H102 H N N 398 
JEF H13  H N N 399 
JEF H151 H N N 400 
JEF H152 H N N 401 
JEF H153 H N N 402 
JEF H141 H N N 403 
JEF H142 H N N 404 
JEF H161 H N N 405 
JEF H162 H N N 406 
JEF H30  H N N 407 
JEF H311 H N N 408 
JEF H312 H N N 409 
JEF H313 H N N 410 
JEF HN11 H N N 411 
JEF HN12 H N N 412 
LEU N    N N N 413 
LEU CA   C N S 414 
LEU C    C N N 415 
LEU O    O N N 416 
LEU CB   C N N 417 
LEU CG   C N N 418 
LEU CD1  C N N 419 
LEU CD2  C N N 420 
LEU OXT  O N N 421 
LEU H    H N N 422 
LEU H2   H N N 423 
LEU HA   H N N 424 
LEU HB2  H N N 425 
LEU HB3  H N N 426 
LEU HG   H N N 427 
LEU HD11 H N N 428 
LEU HD12 H N N 429 
LEU HD13 H N N 430 
LEU HD21 H N N 431 
LEU HD22 H N N 432 
LEU HD23 H N N 433 
LEU HXT  H N N 434 
LYS N    N N N 435 
LYS CA   C N S 436 
LYS C    C N N 437 
LYS O    O N N 438 
LYS CB   C N N 439 
LYS CG   C N N 440 
LYS CD   C N N 441 
LYS CE   C N N 442 
LYS NZ   N N N 443 
LYS OXT  O N N 444 
LYS H    H N N 445 
LYS H2   H N N 446 
LYS HA   H N N 447 
LYS HB2  H N N 448 
LYS HB3  H N N 449 
LYS HG2  H N N 450 
LYS HG3  H N N 451 
LYS HD2  H N N 452 
LYS HD3  H N N 453 
LYS HE2  H N N 454 
LYS HE3  H N N 455 
LYS HZ1  H N N 456 
LYS HZ2  H N N 457 
LYS HZ3  H N N 458 
LYS HXT  H N N 459 
MET N    N N N 460 
MET CA   C N S 461 
MET C    C N N 462 
MET O    O N N 463 
MET CB   C N N 464 
MET CG   C N N 465 
MET SD   S N N 466 
MET CE   C N N 467 
MET OXT  O N N 468 
MET H    H N N 469 
MET H2   H N N 470 
MET HA   H N N 471 
MET HB2  H N N 472 
MET HB3  H N N 473 
MET HG2  H N N 474 
MET HG3  H N N 475 
MET HE1  H N N 476 
MET HE2  H N N 477 
MET HE3  H N N 478 
MET HXT  H N N 479 
PHE N    N N N 480 
PHE CA   C N S 481 
PHE C    C N N 482 
PHE O    O N N 483 
PHE CB   C N N 484 
PHE CG   C Y N 485 
PHE CD1  C Y N 486 
PHE CD2  C Y N 487 
PHE CE1  C Y N 488 
PHE CE2  C Y N 489 
PHE CZ   C Y N 490 
PHE OXT  O N N 491 
PHE H    H N N 492 
PHE H2   H N N 493 
PHE HA   H N N 494 
PHE HB2  H N N 495 
PHE HB3  H N N 496 
PHE HD1  H N N 497 
PHE HD2  H N N 498 
PHE HE1  H N N 499 
PHE HE2  H N N 500 
PHE HZ   H N N 501 
PHE HXT  H N N 502 
PRO N    N N N 503 
PRO CA   C N S 504 
PRO C    C N N 505 
PRO O    O N N 506 
PRO CB   C N N 507 
PRO CG   C N N 508 
PRO CD   C N N 509 
PRO OXT  O N N 510 
PRO H    H N N 511 
PRO HA   H N N 512 
PRO HB2  H N N 513 
PRO HB3  H N N 514 
PRO HG2  H N N 515 
PRO HG3  H N N 516 
PRO HD2  H N N 517 
PRO HD3  H N N 518 
PRO HXT  H N N 519 
SER N    N N N 520 
SER CA   C N S 521 
SER C    C N N 522 
SER O    O N N 523 
SER CB   C N N 524 
SER OG   O N N 525 
SER OXT  O N N 526 
SER H    H N N 527 
SER H2   H N N 528 
SER HA   H N N 529 
SER HB2  H N N 530 
SER HB3  H N N 531 
SER HG   H N N 532 
SER HXT  H N N 533 
THR N    N N N 534 
THR CA   C N S 535 
THR C    C N N 536 
THR O    O N N 537 
THR CB   C N R 538 
THR OG1  O N N 539 
THR CG2  C N N 540 
THR OXT  O N N 541 
THR H    H N N 542 
THR H2   H N N 543 
THR HA   H N N 544 
THR HB   H N N 545 
THR HG1  H N N 546 
THR HG21 H N N 547 
THR HG22 H N N 548 
THR HG23 H N N 549 
THR HXT  H N N 550 
TRP N    N N N 551 
TRP CA   C N S 552 
TRP C    C N N 553 
TRP O    O N N 554 
TRP CB   C N N 555 
TRP CG   C Y N 556 
TRP CD1  C Y N 557 
TRP CD2  C Y N 558 
TRP NE1  N Y N 559 
TRP CE2  C Y N 560 
TRP CE3  C Y N 561 
TRP CZ2  C Y N 562 
TRP CZ3  C Y N 563 
TRP CH2  C Y N 564 
TRP OXT  O N N 565 
TRP H    H N N 566 
TRP H2   H N N 567 
TRP HA   H N N 568 
TRP HB2  H N N 569 
TRP HB3  H N N 570 
TRP HD1  H N N 571 
TRP HE1  H N N 572 
TRP HE3  H N N 573 
TRP HZ2  H N N 574 
TRP HZ3  H N N 575 
TRP HH2  H N N 576 
TRP HXT  H N N 577 
TYR N    N N N 578 
TYR CA   C N S 579 
TYR C    C N N 580 
TYR O    O N N 581 
TYR CB   C N N 582 
TYR CG   C Y N 583 
TYR CD1  C Y N 584 
TYR CD2  C Y N 585 
TYR CE1  C Y N 586 
TYR CE2  C Y N 587 
TYR CZ   C Y N 588 
TYR OH   O N N 589 
TYR OXT  O N N 590 
TYR H    H N N 591 
TYR H2   H N N 592 
TYR HA   H N N 593 
TYR HB2  H N N 594 
TYR HB3  H N N 595 
TYR HD1  H N N 596 
TYR HD2  H N N 597 
TYR HE1  H N N 598 
TYR HE2  H N N 599 
TYR HH   H N N 600 
TYR HXT  H N N 601 
VAL N    N N N 602 
VAL CA   C N S 603 
VAL C    C N N 604 
VAL O    O N N 605 
VAL CB   C N N 606 
VAL CG1  C N N 607 
VAL CG2  C N N 608 
VAL OXT  O N N 609 
VAL H    H N N 610 
VAL H2   H N N 611 
VAL HA   H N N 612 
VAL HB   H N N 613 
VAL HG11 H N N 614 
VAL HG12 H N N 615 
VAL HG13 H N N 616 
VAL HG21 H N N 617 
VAL HG22 H N N 618 
VAL HG23 H N N 619 
VAL HXT  H N N 620 
# 
loop_
_chem_comp_bond.comp_id 
_chem_comp_bond.atom_id_1 
_chem_comp_bond.atom_id_2 
_chem_comp_bond.value_order 
_chem_comp_bond.pdbx_aromatic_flag 
_chem_comp_bond.pdbx_stereo_config 
_chem_comp_bond.pdbx_ordinal 
ALA N   CA   sing N N 1   
ALA N   H    sing N N 2   
ALA N   H2   sing N N 3   
ALA CA  C    sing N N 4   
ALA CA  CB   sing N N 5   
ALA CA  HA   sing N N 6   
ALA C   O    doub N N 7   
ALA C   OXT  sing N N 8   
ALA CB  HB1  sing N N 9   
ALA CB  HB2  sing N N 10  
ALA CB  HB3  sing N N 11  
ALA OXT HXT  sing N N 12  
ARG N   CA   sing N N 13  
ARG N   H    sing N N 14  
ARG N   H2   sing N N 15  
ARG CA  C    sing N N 16  
ARG CA  CB   sing N N 17  
ARG CA  HA   sing N N 18  
ARG C   O    doub N N 19  
ARG C   OXT  sing N N 20  
ARG CB  CG   sing N N 21  
ARG CB  HB2  sing N N 22  
ARG CB  HB3  sing N N 23  
ARG CG  CD   sing N N 24  
ARG CG  HG2  sing N N 25  
ARG CG  HG3  sing N N 26  
ARG CD  NE   sing N N 27  
ARG CD  HD2  sing N N 28  
ARG CD  HD3  sing N N 29  
ARG NE  CZ   sing N N 30  
ARG NE  HE   sing N N 31  
ARG CZ  NH1  sing N N 32  
ARG CZ  NH2  doub N N 33  
ARG NH1 HH11 sing N N 34  
ARG NH1 HH12 sing N N 35  
ARG NH2 HH21 sing N N 36  
ARG NH2 HH22 sing N N 37  
ARG OXT HXT  sing N N 38  
ASN N   CA   sing N N 39  
ASN N   H    sing N N 40  
ASN N   H2   sing N N 41  
ASN CA  C    sing N N 42  
ASN CA  CB   sing N N 43  
ASN CA  HA   sing N N 44  
ASN C   O    doub N N 45  
ASN C   OXT  sing N N 46  
ASN CB  CG   sing N N 47  
ASN CB  HB2  sing N N 48  
ASN CB  HB3  sing N N 49  
ASN CG  OD1  doub N N 50  
ASN CG  ND2  sing N N 51  
ASN ND2 HD21 sing N N 52  
ASN ND2 HD22 sing N N 53  
ASN OXT HXT  sing N N 54  
ASP N   CA   sing N N 55  
ASP N   H    sing N N 56  
ASP N   H2   sing N N 57  
ASP CA  C    sing N N 58  
ASP CA  CB   sing N N 59  
ASP CA  HA   sing N N 60  
ASP C   O    doub N N 61  
ASP C   OXT  sing N N 62  
ASP CB  CG   sing N N 63  
ASP CB  HB2  sing N N 64  
ASP CB  HB3  sing N N 65  
ASP CG  OD1  doub N N 66  
ASP CG  OD2  sing N N 67  
ASP OD2 HD2  sing N N 68  
ASP OXT HXT  sing N N 69  
CYS N   CA   sing N N 70  
CYS N   H    sing N N 71  
CYS N   H2   sing N N 72  
CYS CA  C    sing N N 73  
CYS CA  CB   sing N N 74  
CYS CA  HA   sing N N 75  
CYS C   O    doub N N 76  
CYS C   OXT  sing N N 77  
CYS CB  SG   sing N N 78  
CYS CB  HB2  sing N N 79  
CYS CB  HB3  sing N N 80  
CYS SG  HG   sing N N 81  
CYS OXT HXT  sing N N 82  
FK5 C1  C2   sing N N 83  
FK5 C1  O1   sing N N 84  
FK5 C1  O2   doub N N 85  
FK5 C2  C3   sing N N 86  
FK5 C2  N7   sing N N 87  
FK5 C2  H2   sing N N 88  
FK5 C3  C4   sing N N 89  
FK5 C3  H31A sing N N 90  
FK5 C3  H32A sing N N 91  
FK5 C4  C5   sing N N 92  
FK5 C4  H41  sing N N 93  
FK5 C4  H42  sing N N 94  
FK5 C5  C6   sing N N 95  
FK5 C5  H51  sing N N 96  
FK5 C5  H52  sing N N 97  
FK5 C6  N7   sing N N 98  
FK5 C6  H61  sing N N 99  
FK5 C6  H62  sing N N 100 
FK5 C8  C9   sing N N 101 
FK5 C8  N7   sing N N 102 
FK5 C8  O3   doub N N 103 
FK5 C9  C10  sing N N 104 
FK5 C9  O4   doub N N 105 
FK5 C10 C11  sing N N 106 
FK5 C10 O5   sing N N 107 
FK5 C10 O6   sing N N 108 
FK5 C11 C12  sing N N 109 
FK5 C11 C35  sing N N 110 
FK5 C11 H11  sing N N 111 
FK5 C12 C13  sing N N 112 
FK5 C12 H121 sing N N 113 
FK5 C12 H122 sing N N 114 
FK5 C13 C14  sing N N 115 
FK5 C13 O7   sing N N 116 
FK5 C13 H13  sing N N 117 
FK5 C14 C15  sing N N 118 
FK5 C14 O5   sing N N 119 
FK5 C14 H14  sing N N 120 
FK5 C15 C16  sing N N 121 
FK5 C15 O8   sing N N 122 
FK5 C15 H15  sing N N 123 
FK5 C16 C17  sing N N 124 
FK5 C16 H161 sing N N 125 
FK5 C16 H162 sing N N 126 
FK5 C17 C18  sing N N 127 
FK5 C17 C36  sing N N 128 
FK5 C17 H17  sing N N 129 
FK5 C18 C19  sing N N 130 
FK5 C18 H181 sing N N 131 
FK5 C18 H182 sing N N 132 
FK5 C19 C20  doub N E 133 
FK5 C19 C37  sing N N 134 
FK5 C20 C21  sing N N 135 
FK5 C20 H20  sing N N 136 
FK5 C21 C22  sing N N 137 
FK5 C21 C38  sing N N 138 
FK5 C21 H21  sing N N 139 
FK5 C22 C23  sing N N 140 
FK5 C22 O9   doub N N 141 
FK5 C23 C24  sing N N 142 
FK5 C23 H231 sing N N 143 
FK5 C23 H232 sing N N 144 
FK5 C24 C25  sing N N 145 
FK5 C24 O10  sing N N 146 
FK5 C24 H24  sing N N 147 
FK5 C25 C26  sing N N 148 
FK5 C25 C41  sing N N 149 
FK5 C25 H25  sing N N 150 
FK5 C26 C27  sing N N 151 
FK5 C26 O1   sing N N 152 
FK5 C26 H26  sing N N 153 
FK5 C27 C28  doub N E 154 
FK5 C27 C42  sing N N 155 
FK5 C28 C29  sing N N 156 
FK5 C28 H28  sing N N 157 
FK5 C29 C30  sing N N 158 
FK5 C29 C34  sing N N 159 
FK5 C29 H29  sing N N 160 
FK5 C30 C31  sing N N 161 
FK5 C30 H301 sing N N 162 
FK5 C30 H302 sing N N 163 
FK5 C31 C32  sing N N 164 
FK5 C31 O11  sing N N 165 
FK5 C31 H31  sing N N 166 
FK5 C32 C33  sing N N 167 
FK5 C32 O12  sing N N 168 
FK5 C32 H32  sing N N 169 
FK5 C33 C34  sing N N 170 
FK5 C33 H331 sing N N 171 
FK5 C33 H332 sing N N 172 
FK5 C34 H341 sing N N 173 
FK5 C34 H342 sing N N 174 
FK5 C35 H351 sing N N 175 
FK5 C35 H352 sing N N 176 
FK5 C35 H353 sing N N 177 
FK5 C36 H361 sing N N 178 
FK5 C36 H362 sing N N 179 
FK5 C36 H363 sing N N 180 
FK5 C37 H371 sing N N 181 
FK5 C37 H372 sing N N 182 
FK5 C37 H373 sing N N 183 
FK5 C38 C39  sing N N 184 
FK5 C38 H381 sing N N 185 
FK5 C38 H382 sing N N 186 
FK5 C39 C40  doub N N 187 
FK5 C39 H39  sing N N 188 
FK5 C40 H401 sing N N 189 
FK5 C40 H402 sing N N 190 
FK5 C41 H411 sing N N 191 
FK5 C41 H412 sing N N 192 
FK5 C41 H413 sing N N 193 
FK5 C42 H421 sing N N 194 
FK5 C42 H422 sing N N 195 
FK5 C42 H423 sing N N 196 
FK5 C43 O7   sing N N 197 
FK5 C43 H431 sing N N 198 
FK5 C43 H432 sing N N 199 
FK5 C43 H433 sing N N 200 
FK5 C44 O8   sing N N 201 
FK5 C44 H441 sing N N 202 
FK5 C44 H442 sing N N 203 
FK5 C44 H443 sing N N 204 
FK5 C45 O11  sing N N 205 
FK5 C45 H451 sing N N 206 
FK5 C45 H452 sing N N 207 
FK5 C45 H453 sing N N 208 
FK5 O6  HO6  sing N N 209 
FK5 O10 HO10 sing N N 210 
FK5 O12 HO12 sing N N 211 
GLN N   CA   sing N N 212 
GLN N   H    sing N N 213 
GLN N   H2   sing N N 214 
GLN CA  C    sing N N 215 
GLN CA  CB   sing N N 216 
GLN CA  HA   sing N N 217 
GLN C   O    doub N N 218 
GLN C   OXT  sing N N 219 
GLN CB  CG   sing N N 220 
GLN CB  HB2  sing N N 221 
GLN CB  HB3  sing N N 222 
GLN CG  CD   sing N N 223 
GLN CG  HG2  sing N N 224 
GLN CG  HG3  sing N N 225 
GLN CD  OE1  doub N N 226 
GLN CD  NE2  sing N N 227 
GLN NE2 HE21 sing N N 228 
GLN NE2 HE22 sing N N 229 
GLN OXT HXT  sing N N 230 
GLU N   CA   sing N N 231 
GLU N   H    sing N N 232 
GLU N   H2   sing N N 233 
GLU CA  C    sing N N 234 
GLU CA  CB   sing N N 235 
GLU CA  HA   sing N N 236 
GLU C   O    doub N N 237 
GLU C   OXT  sing N N 238 
GLU CB  CG   sing N N 239 
GLU CB  HB2  sing N N 240 
GLU CB  HB3  sing N N 241 
GLU CG  CD   sing N N 242 
GLU CG  HG2  sing N N 243 
GLU CG  HG3  sing N N 244 
GLU CD  OE1  doub N N 245 
GLU CD  OE2  sing N N 246 
GLU OE2 HE2  sing N N 247 
GLU OXT HXT  sing N N 248 
GLY N   CA   sing N N 249 
GLY N   H    sing N N 250 
GLY N   H2   sing N N 251 
GLY CA  C    sing N N 252 
GLY CA  HA2  sing N N 253 
GLY CA  HA3  sing N N 254 
GLY C   O    doub N N 255 
GLY C   OXT  sing N N 256 
GLY OXT HXT  sing N N 257 
HIS N   CA   sing N N 258 
HIS N   H    sing N N 259 
HIS N   H2   sing N N 260 
HIS CA  C    sing N N 261 
HIS CA  CB   sing N N 262 
HIS CA  HA   sing N N 263 
HIS C   O    doub N N 264 
HIS C   OXT  sing N N 265 
HIS CB  CG   sing N N 266 
HIS CB  HB2  sing N N 267 
HIS CB  HB3  sing N N 268 
HIS CG  ND1  sing Y N 269 
HIS CG  CD2  doub Y N 270 
HIS ND1 CE1  doub Y N 271 
HIS ND1 HD1  sing N N 272 
HIS CD2 NE2  sing Y N 273 
HIS CD2 HD2  sing N N 274 
HIS CE1 NE2  sing Y N 275 
HIS CE1 HE1  sing N N 276 
HIS NE2 HE2  sing N N 277 
HIS OXT HXT  sing N N 278 
HOH O   H1   sing N N 279 
HOH O   H2   sing N N 280 
ILE N   CA   sing N N 281 
ILE N   H    sing N N 282 
ILE N   H2   sing N N 283 
ILE CA  C    sing N N 284 
ILE CA  CB   sing N N 285 
ILE CA  HA   sing N N 286 
ILE C   O    doub N N 287 
ILE C   OXT  sing N N 288 
ILE CB  CG1  sing N N 289 
ILE CB  CG2  sing N N 290 
ILE CB  HB   sing N N 291 
ILE CG1 CD1  sing N N 292 
ILE CG1 HG12 sing N N 293 
ILE CG1 HG13 sing N N 294 
ILE CG2 HG21 sing N N 295 
ILE CG2 HG22 sing N N 296 
ILE CG2 HG23 sing N N 297 
ILE CD1 HD11 sing N N 298 
ILE CD1 HD12 sing N N 299 
ILE CD1 HD13 sing N N 300 
ILE OXT HXT  sing N N 301 
JEF C38 O12  sing N N 302 
JEF C38 H381 sing N N 303 
JEF C38 H382 sing N N 304 
JEF C38 H383 sing N N 305 
JEF O12 C37  sing N N 306 
JEF C37 C36  sing N N 307 
JEF C37 H371 sing N N 308 
JEF C37 H372 sing N N 309 
JEF C36 O11  sing N N 310 
JEF C36 H361 sing N N 311 
JEF C36 H362 sing N N 312 
JEF C33 C34  sing N N 313 
JEF C33 C32  sing N N 314 
JEF C33 H33  sing N N 315 
JEF C34 H341 sing N N 316 
JEF C34 H342 sing N N 317 
JEF C34 H343 sing N N 318 
JEF C32 O10  sing N N 319 
JEF C32 H321 sing N N 320 
JEF C32 H322 sing N N 321 
JEF O10 C19  sing N N 322 
JEF C19 C40  sing N N 323 
JEF C19 C20  sing N N 324 
JEF C19 H19  sing N N 325 
JEF C40 H401 sing N N 326 
JEF C40 H402 sing N N 327 
JEF C40 H403 sing N N 328 
JEF C20 O    sing N N 329 
JEF C20 H201 sing N N 330 
JEF C20 H202 sing N N 331 
JEF O   C    sing N N 332 
JEF C   C18  sing N N 333 
JEF C   C17  sing N N 334 
JEF C   H    sing N N 335 
JEF C18 H181 sing N N 336 
JEF C18 H182 sing N N 337 
JEF C18 H183 sing N N 338 
JEF C17 OH   sing N N 339 
JEF C17 H171 sing N N 340 
JEF C17 H172 sing N N 341 
JEF OH  C2   sing N N 342 
JEF C2  C1   sing N N 343 
JEF C2  C3   sing N N 344 
JEF C2  H2   sing N N 345 
JEF C1  H11A sing N N 346 
JEF C1  H12  sing N N 347 
JEF C1  H13A sing N N 348 
JEF C3  O2   sing N N 349 
JEF C3  H31  sing N N 350 
JEF C3  H32  sing N N 351 
JEF O2  C5   sing N N 352 
JEF C5  C6   sing N N 353 
JEF C5  C4   sing N N 354 
JEF C5  H5   sing N N 355 
JEF C6  H61  sing N N 356 
JEF C6  H62  sing N N 357 
JEF C6  H63  sing N N 358 
JEF C4  O3   sing N N 359 
JEF C4  H41  sing N N 360 
JEF C4  H42  sing N N 361 
JEF O3  C7   sing N N 362 
JEF C7  C9   sing N N 363 
JEF C7  C8   sing N N 364 
JEF C7  H7   sing N N 365 
JEF C9  H91  sing N N 366 
JEF C9  H92  sing N N 367 
JEF C9  H93  sing N N 368 
JEF C8  O4   sing N N 369 
JEF C8  H81  sing N N 370 
JEF C8  H82  sing N N 371 
JEF O4  C11  sing N N 372 
JEF C11 C12  sing N N 373 
JEF C11 C10  sing N N 374 
JEF C11 H11  sing N N 375 
JEF C12 H121 sing N N 376 
JEF C12 H122 sing N N 377 
JEF C12 H123 sing N N 378 
JEF C10 O5   sing N N 379 
JEF C10 H101 sing N N 380 
JEF C10 H102 sing N N 381 
JEF O5  C13  sing N N 382 
JEF C13 C15  sing N N 383 
JEF C13 C14  sing N N 384 
JEF C13 H13  sing N N 385 
JEF C15 H151 sing N N 386 
JEF C15 H152 sing N N 387 
JEF C15 H153 sing N N 388 
JEF C14 O6   sing N N 389 
JEF C14 H141 sing N N 390 
JEF C14 H142 sing N N 391 
JEF O6  C16  sing N N 392 
JEF C16 C30  sing N N 393 
JEF C16 H161 sing N N 394 
JEF C16 H162 sing N N 395 
JEF C30 C31  sing N N 396 
JEF C30 N1   sing N N 397 
JEF C30 H30  sing N N 398 
JEF C31 H311 sing N N 399 
JEF C31 H312 sing N N 400 
JEF C31 H313 sing N N 401 
JEF N1  HN11 sing N N 402 
JEF N1  HN12 sing N N 403 
JEF C33 O11  sing N N 404 
LEU N   CA   sing N N 405 
LEU N   H    sing N N 406 
LEU N   H2   sing N N 407 
LEU CA  C    sing N N 408 
LEU CA  CB   sing N N 409 
LEU CA  HA   sing N N 410 
LEU C   O    doub N N 411 
LEU C   OXT  sing N N 412 
LEU CB  CG   sing N N 413 
LEU CB  HB2  sing N N 414 
LEU CB  HB3  sing N N 415 
LEU CG  CD1  sing N N 416 
LEU CG  CD2  sing N N 417 
LEU CG  HG   sing N N 418 
LEU CD1 HD11 sing N N 419 
LEU CD1 HD12 sing N N 420 
LEU CD1 HD13 sing N N 421 
LEU CD2 HD21 sing N N 422 
LEU CD2 HD22 sing N N 423 
LEU CD2 HD23 sing N N 424 
LEU OXT HXT  sing N N 425 
LYS N   CA   sing N N 426 
LYS N   H    sing N N 427 
LYS N   H2   sing N N 428 
LYS CA  C    sing N N 429 
LYS CA  CB   sing N N 430 
LYS CA  HA   sing N N 431 
LYS C   O    doub N N 432 
LYS C   OXT  sing N N 433 
LYS CB  CG   sing N N 434 
LYS CB  HB2  sing N N 435 
LYS CB  HB3  sing N N 436 
LYS CG  CD   sing N N 437 
LYS CG  HG2  sing N N 438 
LYS CG  HG3  sing N N 439 
LYS CD  CE   sing N N 440 
LYS CD  HD2  sing N N 441 
LYS CD  HD3  sing N N 442 
LYS CE  NZ   sing N N 443 
LYS CE  HE2  sing N N 444 
LYS CE  HE3  sing N N 445 
LYS NZ  HZ1  sing N N 446 
LYS NZ  HZ2  sing N N 447 
LYS NZ  HZ3  sing N N 448 
LYS OXT HXT  sing N N 449 
MET N   CA   sing N N 450 
MET N   H    sing N N 451 
MET N   H2   sing N N 452 
MET CA  C    sing N N 453 
MET CA  CB   sing N N 454 
MET CA  HA   sing N N 455 
MET C   O    doub N N 456 
MET C   OXT  sing N N 457 
MET CB  CG   sing N N 458 
MET CB  HB2  sing N N 459 
MET CB  HB3  sing N N 460 
MET CG  SD   sing N N 461 
MET CG  HG2  sing N N 462 
MET CG  HG3  sing N N 463 
MET SD  CE   sing N N 464 
MET CE  HE1  sing N N 465 
MET CE  HE2  sing N N 466 
MET CE  HE3  sing N N 467 
MET OXT HXT  sing N N 468 
PHE N   CA   sing N N 469 
PHE N   H    sing N N 470 
PHE N   H2   sing N N 471 
PHE CA  C    sing N N 472 
PHE CA  CB   sing N N 473 
PHE CA  HA   sing N N 474 
PHE C   O    doub N N 475 
PHE C   OXT  sing N N 476 
PHE CB  CG   sing N N 477 
PHE CB  HB2  sing N N 478 
PHE CB  HB3  sing N N 479 
PHE CG  CD1  doub Y N 480 
PHE CG  CD2  sing Y N 481 
PHE CD1 CE1  sing Y N 482 
PHE CD1 HD1  sing N N 483 
PHE CD2 CE2  doub Y N 484 
PHE CD2 HD2  sing N N 485 
PHE CE1 CZ   doub Y N 486 
PHE CE1 HE1  sing N N 487 
PHE CE2 CZ   sing Y N 488 
PHE CE2 HE2  sing N N 489 
PHE CZ  HZ   sing N N 490 
PHE OXT HXT  sing N N 491 
PRO N   CA   sing N N 492 
PRO N   CD   sing N N 493 
PRO N   H    sing N N 494 
PRO CA  C    sing N N 495 
PRO CA  CB   sing N N 496 
PRO CA  HA   sing N N 497 
PRO C   O    doub N N 498 
PRO C   OXT  sing N N 499 
PRO CB  CG   sing N N 500 
PRO CB  HB2  sing N N 501 
PRO CB  HB3  sing N N 502 
PRO CG  CD   sing N N 503 
PRO CG  HG2  sing N N 504 
PRO CG  HG3  sing N N 505 
PRO CD  HD2  sing N N 506 
PRO CD  HD3  sing N N 507 
PRO OXT HXT  sing N N 508 
SER N   CA   sing N N 509 
SER N   H    sing N N 510 
SER N   H2   sing N N 511 
SER CA  C    sing N N 512 
SER CA  CB   sing N N 513 
SER CA  HA   sing N N 514 
SER C   O    doub N N 515 
SER C   OXT  sing N N 516 
SER CB  OG   sing N N 517 
SER CB  HB2  sing N N 518 
SER CB  HB3  sing N N 519 
SER OG  HG   sing N N 520 
SER OXT HXT  sing N N 521 
THR N   CA   sing N N 522 
THR N   H    sing N N 523 
THR N   H2   sing N N 524 
THR CA  C    sing N N 525 
THR CA  CB   sing N N 526 
THR CA  HA   sing N N 527 
THR C   O    doub N N 528 
THR C   OXT  sing N N 529 
THR CB  OG1  sing N N 530 
THR CB  CG2  sing N N 531 
THR CB  HB   sing N N 532 
THR OG1 HG1  sing N N 533 
THR CG2 HG21 sing N N 534 
THR CG2 HG22 sing N N 535 
THR CG2 HG23 sing N N 536 
THR OXT HXT  sing N N 537 
TRP N   CA   sing N N 538 
TRP N   H    sing N N 539 
TRP N   H2   sing N N 540 
TRP CA  C    sing N N 541 
TRP CA  CB   sing N N 542 
TRP CA  HA   sing N N 543 
TRP C   O    doub N N 544 
TRP C   OXT  sing N N 545 
TRP CB  CG   sing N N 546 
TRP CB  HB2  sing N N 547 
TRP CB  HB3  sing N N 548 
TRP CG  CD1  doub Y N 549 
TRP CG  CD2  sing Y N 550 
TRP CD1 NE1  sing Y N 551 
TRP CD1 HD1  sing N N 552 
TRP CD2 CE2  doub Y N 553 
TRP CD2 CE3  sing Y N 554 
TRP NE1 CE2  sing Y N 555 
TRP NE1 HE1  sing N N 556 
TRP CE2 CZ2  sing Y N 557 
TRP CE3 CZ3  doub Y N 558 
TRP CE3 HE3  sing N N 559 
TRP CZ2 CH2  doub Y N 560 
TRP CZ2 HZ2  sing N N 561 
TRP CZ3 CH2  sing Y N 562 
TRP CZ3 HZ3  sing N N 563 
TRP CH2 HH2  sing N N 564 
TRP OXT HXT  sing N N 565 
TYR N   CA   sing N N 566 
TYR N   H    sing N N 567 
TYR N   H2   sing N N 568 
TYR CA  C    sing N N 569 
TYR CA  CB   sing N N 570 
TYR CA  HA   sing N N 571 
TYR C   O    doub N N 572 
TYR C   OXT  sing N N 573 
TYR CB  CG   sing N N 574 
TYR CB  HB2  sing N N 575 
TYR CB  HB3  sing N N 576 
TYR CG  CD1  doub Y N 577 
TYR CG  CD2  sing Y N 578 
TYR CD1 CE1  sing Y N 579 
TYR CD1 HD1  sing N N 580 
TYR CD2 CE2  doub Y N 581 
TYR CD2 HD2  sing N N 582 
TYR CE1 CZ   doub Y N 583 
TYR CE1 HE1  sing N N 584 
TYR CE2 CZ   sing Y N 585 
TYR CE2 HE2  sing N N 586 
TYR CZ  OH   sing N N 587 
TYR OH  HH   sing N N 588 
TYR OXT HXT  sing N N 589 
VAL N   CA   sing N N 590 
VAL N   H    sing N N 591 
VAL N   H2   sing N N 592 
VAL CA  C    sing N N 593 
VAL CA  CB   sing N N 594 
VAL CA  HA   sing N N 595 
VAL C   O    doub N N 596 
VAL C   OXT  sing N N 597 
VAL CB  CG1  sing N N 598 
VAL CB  CG2  sing N N 599 
VAL CB  HB   sing N N 600 
VAL CG1 HG11 sing N N 601 
VAL CG1 HG12 sing N N 602 
VAL CG1 HG13 sing N N 603 
VAL CG2 HG21 sing N N 604 
VAL CG2 HG22 sing N N 605 
VAL CG2 HG23 sing N N 606 
VAL OXT HXT  sing N N 607 
# 
loop_
_pdbx_entity_nonpoly.entity_id 
_pdbx_entity_nonpoly.name 
_pdbx_entity_nonpoly.comp_id 
2 '8-DEETHYL-8-[BUT-3-ENYL]-ASCOMYCIN'                                FK5 
3 
;O-(O-(2-AMINOPROPYL)-O'-(2-METHOXYETHYL)POLYPROPYLENE GLYCOL 500)
;
JEF 
4 water                                                               HOH 
# 
_pdbx_initial_refinement_model.id               1 
_pdbx_initial_refinement_model.entity_id_list   ? 
_pdbx_initial_refinement_model.type             'experimental model' 
_pdbx_initial_refinement_model.source_name      PDB 
_pdbx_initial_refinement_model.accession_code   1PBK 
_pdbx_initial_refinement_model.details          ? 
# 
